data_9BS5
#
_entry.id   9BS5
#
_cell.length_a   107.855
_cell.length_b   116.528
_cell.length_c   144.004
_cell.angle_alpha   90.00
_cell.angle_beta   90.00
_cell.angle_gamma   90.00
#
_symmetry.space_group_name_H-M   'P 21 21 21'
#
loop_
_entity.id
_entity.type
_entity.pdbx_description
1 polymer Alpha-glucosidase
2 branched 4,6-dideoxy-4-{[(1S,4R,5S,6S)-4,5,6-trihydroxy-3-(hydroxymethyl)cyclohex-2-en-1-yl]amino}-alpha-D-glucopyranose-(1-4)-alpha-D-glucopyranose
3 non-polymer 1,2-ETHANEDIOL
4 non-polymer DI(HYDROXYETHYL)ETHER
5 non-polymer 'FORMIC ACID'
6 non-polymer 'TRIETHYLENE GLYCOL'
7 non-polymer 'CALCIUM ION'
8 non-polymer 'SODIUM ION'
9 water water
#
_entity_poly.entity_id   1
_entity_poly.type   'polypeptide(L)'
_entity_poly.pdbx_seq_one_letter_code
;MHHHHHHQQKLTSPDGNLVLTFQVNKEGAPTYDLTYKGKVVIKPSTLGLELKKEDNTRTDFDWVDRRDLTKLDSKSNLYN
GFKLKDAQTTTFDETWQPVWGEEKEIRNQYNELAVILFQPMNDRSIVVRFRLFNDGLGFRYEFPQQKSLNYFVIKEEHSQ
FAMAGNHIAYWIPGDYDTQEYDYTISRLSEIRGLMQQAITPNSSQTPFSPTGVQTALMMKTDDGLYINLHEAALIDYSCM
HLNLDDKNMIFESWLTPDAKGDKGYMQTPCNSPWRTIIVSDDARNILASRITLNLNEPCKIADAASWIKPVKYIGVWWDM
ITGKGSWAYTDELTSVKLGVTDYSKTKPNGKHSANTANVKRYIDFAAANGFDAVLVEGWNEGWEDWFGNSKDYVFDFLTA
YPDFDVQEIHRYAASKGIKMMMHHETSASVRNYERHLDKAYQFMVDNGYNSVKSGYVGNIIPRGEHHYGQWMNNHYLYAV
KKAADYKIMVNAHEATRPTGICRTYPNLIGNESARGTEYESFGGNKVYHTTILPFTRLVGGPMDYTPGIFETHCNQMNPA
NNSQVRSTIARQLALYVTMYSPLQMAADIPENYERFMDAFQFIKDVALDWDKTIYLEAEPGEYITIARKAKGTDDWYIGC
TAGENGHDSQLTFDFLEPGKQYVATVYADAKDADWKDNPQAYTIKKGILNNKSKLNLHAANGGGYAISIKEVKNKSEVKG
LKRL
;
_entity_poly.pdbx_strand_id   A,B
#
# COMPACT_ATOMS: atom_id res chain seq x y z
N GLN A 8 -41.26 21.67 9.76
CA GLN A 8 -41.24 20.18 9.91
C GLN A 8 -41.66 19.51 8.60
N GLN A 9 -40.86 18.57 8.09
CA GLN A 9 -41.15 17.75 6.89
C GLN A 9 -41.68 16.38 7.33
N LYS A 10 -42.63 15.82 6.59
CA LYS A 10 -43.21 14.48 6.87
C LYS A 10 -43.07 13.61 5.63
N LEU A 11 -42.75 12.32 5.85
CA LEU A 11 -42.65 11.27 4.79
C LEU A 11 -43.38 10.03 5.32
N THR A 12 -44.21 9.41 4.48
CA THR A 12 -44.96 8.17 4.84
C THR A 12 -44.58 7.07 3.85
N SER A 13 -44.54 5.83 4.32
CA SER A 13 -44.30 4.61 3.48
C SER A 13 -45.41 4.49 2.45
N PRO A 14 -45.18 3.77 1.33
CA PRO A 14 -46.24 3.52 0.36
C PRO A 14 -47.56 3.02 1.00
N ASP A 15 -47.48 2.17 2.04
CA ASP A 15 -48.68 1.55 2.67
C ASP A 15 -49.22 2.41 3.82
N GLY A 16 -48.53 3.50 4.19
CA GLY A 16 -48.99 4.47 5.21
C GLY A 16 -48.66 4.06 6.65
N ASN A 17 -48.04 2.90 6.87
CA ASN A 17 -47.80 2.34 8.24
C ASN A 17 -46.57 3.00 8.89
N LEU A 18 -45.60 3.47 8.11
CA LEU A 18 -44.40 4.14 8.64
C LEU A 18 -44.46 5.65 8.35
N VAL A 19 -44.11 6.47 9.34
CA VAL A 19 -44.05 7.95 9.23
C VAL A 19 -42.68 8.42 9.73
N LEU A 20 -41.96 9.15 8.89
CA LEU A 20 -40.72 9.88 9.28
C LEU A 20 -41.05 11.36 9.36
N THR A 21 -40.56 12.04 10.39
CA THR A 21 -40.56 13.54 10.43
C THR A 21 -39.11 14.02 10.49
N PHE A 22 -38.86 15.14 9.84
CA PHE A 22 -37.54 15.83 9.82
C PHE A 22 -37.75 17.30 10.18
N GLN A 23 -36.88 17.82 11.04
CA GLN A 23 -36.77 19.29 11.24
C GLN A 23 -35.36 19.61 11.73
N VAL A 24 -34.93 20.83 11.44
CA VAL A 24 -33.71 21.43 12.04
C VAL A 24 -34.11 21.96 13.43
N ASN A 25 -33.43 21.52 14.49
CA ASN A 25 -33.75 21.90 15.89
C ASN A 25 -33.22 23.32 16.15
N LYS A 26 -33.38 23.83 17.38
CA LYS A 26 -33.07 25.25 17.72
C LYS A 26 -31.56 25.51 17.67
N GLU A 27 -30.71 24.47 17.73
CA GLU A 27 -29.23 24.60 17.57
C GLU A 27 -28.83 24.47 16.10
N GLY A 28 -29.79 24.23 15.21
CA GLY A 28 -29.52 24.03 13.77
C GLY A 28 -29.05 22.61 13.47
N ALA A 29 -29.29 21.66 14.37
CA ALA A 29 -28.94 20.23 14.18
C ALA A 29 -30.05 19.56 13.38
N PRO A 30 -29.72 18.88 12.26
CA PRO A 30 -30.71 18.10 11.52
C PRO A 30 -31.21 16.97 12.41
N THR A 31 -32.53 16.81 12.53
CA THR A 31 -33.19 15.84 13.44
C THR A 31 -34.25 15.06 12.68
N TYR A 32 -34.34 13.75 12.93
CA TYR A 32 -35.38 12.85 12.34
C TYR A 32 -35.95 11.96 13.44
N ASP A 33 -37.12 11.39 13.17
CA ASP A 33 -37.75 10.35 14.03
C ASP A 33 -38.58 9.43 13.13
N LEU A 34 -38.99 8.27 13.65
CA LEU A 34 -39.68 7.23 12.87
C LEU A 34 -40.70 6.53 13.75
N THR A 35 -41.92 6.38 13.24
CA THR A 35 -43.02 5.63 13.89
C THR A 35 -43.47 4.52 12.94
N TYR A 36 -43.94 3.41 13.52
CA TYR A 36 -44.46 2.22 12.79
C TYR A 36 -45.79 1.84 13.43
N LYS A 37 -46.89 1.94 12.66
CA LYS A 37 -48.26 1.64 13.16
C LYS A 37 -48.48 2.38 14.48
N GLY A 38 -48.04 3.64 14.56
CA GLY A 38 -48.30 4.55 15.70
C GLY A 38 -47.35 4.31 16.88
N LYS A 39 -46.37 3.42 16.75
CA LYS A 39 -45.37 3.12 17.80
C LYS A 39 -44.04 3.79 17.43
N VAL A 40 -43.41 4.47 18.40
CA VAL A 40 -42.08 5.11 18.19
C VAL A 40 -41.04 4.00 17.95
N VAL A 41 -40.34 4.07 16.83
CA VAL A 41 -39.20 3.17 16.45
C VAL A 41 -37.89 3.93 16.73
N ILE A 42 -37.81 5.16 16.24
CA ILE A 42 -36.64 6.08 16.45
C ILE A 42 -37.17 7.37 17.07
N LYS A 43 -36.75 7.67 18.31
CA LYS A 43 -37.02 8.96 18.98
C LYS A 43 -36.24 10.05 18.26
N PRO A 44 -36.56 11.35 18.47
CA PRO A 44 -35.80 12.44 17.85
C PRO A 44 -34.28 12.19 17.94
N SER A 45 -33.64 12.11 16.79
CA SER A 45 -32.23 11.70 16.60
C SER A 45 -31.52 12.73 15.71
N THR A 46 -30.32 13.19 16.09
CA THR A 46 -29.56 14.21 15.33
C THR A 46 -28.66 13.51 14.29
N LEU A 47 -28.32 14.26 13.25
CA LEU A 47 -27.46 13.81 12.12
C LEU A 47 -26.35 14.85 11.94
N GLY A 48 -25.20 14.44 11.43
CA GLY A 48 -24.09 15.36 11.15
C GLY A 48 -22.75 14.67 11.32
N LEU A 49 -21.68 15.41 11.01
CA LEU A 49 -20.28 14.92 11.07
C LEU A 49 -19.41 16.03 11.69
N GLU A 50 -18.34 15.62 12.38
CA GLU A 50 -17.22 16.53 12.74
C GLU A 50 -16.09 16.25 11.74
N LEU A 51 -15.54 17.31 11.15
CA LEU A 51 -14.43 17.21 10.17
C LEU A 51 -13.10 17.50 10.88
N LYS A 52 -12.04 16.87 10.39
CA LYS A 52 -10.66 17.13 10.86
C LYS A 52 -10.34 18.60 10.58
N LYS A 53 -9.71 19.28 11.54
CA LYS A 53 -9.23 20.69 11.38
C LYS A 53 -8.11 20.70 10.33
N GLU A 54 -8.04 21.76 9.52
CA GLU A 54 -7.08 21.90 8.39
C GLU A 54 -5.65 22.00 8.92
N SER A 74 -14.43 26.70 13.15
CA SER A 74 -15.87 26.37 12.90
C SER A 74 -16.05 25.51 11.65
N LYS A 75 -15.03 25.40 10.78
CA LYS A 75 -15.08 24.51 9.58
C LYS A 75 -15.11 23.04 9.99
N SER A 76 -14.69 22.70 11.22
CA SER A 76 -14.76 21.31 11.75
C SER A 76 -16.22 20.92 12.02
N ASN A 77 -17.11 21.89 12.23
CA ASN A 77 -18.54 21.66 12.56
C ASN A 77 -19.33 21.41 11.27
N LEU A 78 -19.74 20.16 11.04
CA LEU A 78 -20.78 19.83 10.02
C LEU A 78 -21.92 19.07 10.69
N TYR A 79 -22.31 19.51 11.90
CA TYR A 79 -23.38 18.85 12.70
C TYR A 79 -24.47 19.84 13.17
N ASN A 80 -24.22 21.16 13.24
CA ASN A 80 -25.30 22.11 13.63
C ASN A 80 -25.07 23.47 12.96
N GLY A 81 -25.89 24.45 13.32
CA GLY A 81 -25.94 25.77 12.65
C GLY A 81 -26.44 25.66 11.21
N PHE A 82 -27.22 24.62 10.90
CA PHE A 82 -27.87 24.43 9.57
C PHE A 82 -29.19 25.21 9.50
N LYS A 83 -29.55 25.60 8.28
CA LYS A 83 -30.87 26.15 7.90
C LYS A 83 -31.44 25.27 6.79
N LEU A 84 -32.71 24.87 6.89
CA LEU A 84 -33.41 24.13 5.81
C LEU A 84 -33.71 25.12 4.69
N LYS A 85 -33.10 24.94 3.52
CA LYS A 85 -33.27 25.85 2.35
C LYS A 85 -34.37 25.32 1.43
N ASP A 86 -34.47 24.01 1.28
CA ASP A 86 -35.48 23.40 0.39
C ASP A 86 -35.67 21.94 0.79
N ALA A 87 -36.74 21.34 0.29
CA ALA A 87 -37.12 19.96 0.55
C ALA A 87 -38.05 19.50 -0.57
N GLN A 88 -38.05 18.22 -0.86
CA GLN A 88 -39.00 17.62 -1.82
C GLN A 88 -39.31 16.19 -1.39
N THR A 89 -40.48 15.71 -1.77
CA THR A 89 -40.86 14.28 -1.66
C THR A 89 -41.13 13.78 -3.08
N THR A 90 -40.62 12.58 -3.39
CA THR A 90 -40.83 11.86 -4.67
C THR A 90 -41.18 10.42 -4.33
N THR A 91 -41.59 9.66 -5.33
CA THR A 91 -41.88 8.21 -5.21
C THR A 91 -41.11 7.46 -6.30
N PHE A 92 -40.82 6.19 -6.04
CA PHE A 92 -40.11 5.25 -6.95
C PHE A 92 -40.74 3.87 -6.81
N ASP A 93 -40.86 3.15 -7.92
CA ASP A 93 -41.43 1.77 -7.95
C ASP A 93 -40.95 1.07 -9.22
N GLU A 94 -39.90 0.25 -9.09
CA GLU A 94 -39.37 -0.61 -10.19
C GLU A 94 -39.07 -1.99 -9.61
N THR A 95 -39.11 -3.01 -10.47
CA THR A 95 -38.77 -4.42 -10.13
C THR A 95 -37.51 -4.79 -10.91
N TRP A 96 -36.59 -5.53 -10.28
CA TRP A 96 -35.32 -5.98 -10.92
C TRP A 96 -35.07 -7.44 -10.56
N GLN A 97 -34.16 -8.09 -11.30
CA GLN A 97 -33.85 -9.54 -11.15
C GLN A 97 -32.40 -9.70 -10.71
N PRO A 98 -32.17 -10.28 -9.51
CA PRO A 98 -30.83 -10.70 -9.12
C PRO A 98 -30.26 -11.74 -10.10
N VAL A 99 -28.94 -11.77 -10.26
CA VAL A 99 -28.24 -12.84 -11.04
C VAL A 99 -28.40 -14.16 -10.26
N TRP A 100 -28.23 -14.08 -8.95
CA TRP A 100 -28.48 -15.19 -7.99
C TRP A 100 -29.15 -14.58 -6.76
N GLY A 101 -30.00 -15.33 -6.06
CA GLY A 101 -30.68 -14.77 -4.89
C GLY A 101 -31.73 -15.69 -4.30
N GLU A 102 -32.49 -15.13 -3.37
CA GLU A 102 -33.55 -15.84 -2.60
C GLU A 102 -34.84 -15.85 -3.42
N GLU A 103 -34.94 -15.03 -4.46
CA GLU A 103 -36.15 -14.99 -5.34
C GLU A 103 -35.76 -14.46 -6.73
N LYS A 104 -36.63 -14.69 -7.71
CA LYS A 104 -36.38 -14.30 -9.13
C LYS A 104 -36.43 -12.77 -9.27
N GLU A 105 -37.32 -12.10 -8.54
CA GLU A 105 -37.65 -10.67 -8.75
C GLU A 105 -37.73 -9.97 -7.40
N ILE A 106 -37.18 -8.76 -7.31
CA ILE A 106 -37.24 -7.89 -6.10
C ILE A 106 -37.90 -6.58 -6.49
N ARG A 107 -38.93 -6.18 -5.72
CA ARG A 107 -39.57 -4.86 -5.89
C ARG A 107 -38.81 -3.82 -5.06
N ASN A 108 -38.50 -2.69 -5.68
CA ASN A 108 -37.85 -1.51 -5.06
C ASN A 108 -38.89 -0.39 -5.07
N GLN A 109 -39.65 -0.24 -3.98
CA GLN A 109 -40.74 0.77 -3.88
C GLN A 109 -40.57 1.56 -2.58
N TYR A 110 -40.43 2.88 -2.71
CA TYR A 110 -40.24 3.79 -1.56
C TYR A 110 -40.77 5.18 -1.91
N ASN A 111 -41.07 5.96 -0.88
CA ASN A 111 -41.20 7.42 -0.94
C ASN A 111 -39.88 8.01 -0.42
N GLU A 112 -39.44 9.11 -1.01
CA GLU A 112 -38.12 9.72 -0.74
C GLU A 112 -38.32 11.17 -0.31
N LEU A 113 -37.68 11.58 0.79
CA LEU A 113 -37.54 13.00 1.21
C LEU A 113 -36.08 13.39 1.03
N ALA A 114 -35.84 14.46 0.26
CA ALA A 114 -34.52 15.10 0.13
C ALA A 114 -34.61 16.49 0.77
N VAL A 115 -33.69 16.79 1.67
CA VAL A 115 -33.58 18.12 2.35
C VAL A 115 -32.21 18.71 2.02
N ILE A 116 -32.19 19.99 1.64
CA ILE A 116 -30.96 20.79 1.37
C ILE A 116 -30.71 21.67 2.59
N LEU A 117 -29.58 21.46 3.26
CA LEU A 117 -29.21 22.12 4.54
C LEU A 117 -28.00 23.01 4.30
N PHE A 118 -28.15 24.30 4.57
CA PHE A 118 -27.11 25.34 4.39
C PHE A 118 -26.59 25.75 5.77
N GLN A 119 -25.27 25.89 5.86
CA GLN A 119 -24.53 26.33 7.06
C GLN A 119 -24.01 27.74 6.80
N PRO A 120 -24.70 28.82 7.23
CA PRO A 120 -24.25 30.18 6.95
C PRO A 120 -22.83 30.48 7.44
N MET A 121 -22.44 29.96 8.61
CA MET A 121 -21.12 30.27 9.25
C MET A 121 -19.97 29.71 8.40
N ASN A 122 -20.20 28.65 7.63
CA ASN A 122 -19.16 27.97 6.80
C ASN A 122 -19.46 28.09 5.30
N ASP A 123 -20.55 28.77 4.93
CA ASP A 123 -20.93 29.05 3.52
C ASP A 123 -20.89 27.75 2.71
N ARG A 124 -21.52 26.69 3.22
CA ARG A 124 -21.56 25.38 2.54
C ARG A 124 -22.87 24.65 2.87
N SER A 125 -23.29 23.76 1.97
CA SER A 125 -24.55 22.98 2.05
C SER A 125 -24.26 21.49 1.97
N ILE A 126 -25.12 20.68 2.59
CA ILE A 126 -25.19 19.21 2.38
C ILE A 126 -26.64 18.86 2.02
N VAL A 127 -26.83 17.67 1.47
CA VAL A 127 -28.16 17.07 1.22
C VAL A 127 -28.26 15.84 2.11
N VAL A 128 -29.40 15.64 2.77
CA VAL A 128 -29.74 14.36 3.45
C VAL A 128 -30.91 13.77 2.70
N ARG A 129 -30.77 12.52 2.27
CA ARG A 129 -31.78 11.80 1.45
C ARG A 129 -32.32 10.64 2.30
N PHE A 130 -33.65 10.60 2.44
CA PHE A 130 -34.38 9.57 3.22
C PHE A 130 -35.26 8.77 2.26
N ARG A 131 -35.15 7.43 2.30
CA ARG A 131 -36.02 6.51 1.52
C ARG A 131 -36.83 5.66 2.49
N LEU A 132 -38.15 5.81 2.45
CA LEU A 132 -39.07 5.13 3.39
C LEU A 132 -39.83 4.04 2.63
N PHE A 133 -39.56 2.79 3.00
CA PHE A 133 -40.18 1.55 2.46
C PHE A 133 -41.24 1.07 3.45
N ASN A 134 -42.06 0.10 3.03
CA ASN A 134 -43.08 -0.52 3.92
C ASN A 134 -42.39 -1.27 5.08
N ASP A 135 -41.10 -1.58 4.95
CA ASP A 135 -40.36 -2.38 5.96
C ASP A 135 -39.17 -1.59 6.54
N GLY A 136 -39.09 -0.27 6.31
CA GLY A 136 -38.17 0.59 7.08
C GLY A 136 -37.58 1.74 6.29
N LEU A 137 -36.46 2.27 6.78
CA LEU A 137 -35.90 3.59 6.40
C LEU A 137 -34.43 3.42 6.02
N GLY A 138 -34.02 4.04 4.92
CA GLY A 138 -32.60 4.31 4.60
C GLY A 138 -32.36 5.80 4.53
N PHE A 139 -31.24 6.29 5.07
CA PHE A 139 -30.82 7.70 4.88
C PHE A 139 -29.32 7.74 4.60
N ARG A 140 -28.89 8.76 3.89
CA ARG A 140 -27.45 9.01 3.63
C ARG A 140 -27.19 10.51 3.55
N TYR A 141 -25.93 10.89 3.74
CA TYR A 141 -25.39 12.26 3.52
C TYR A 141 -24.89 12.37 2.10
N GLU A 142 -25.17 13.50 1.45
CA GLU A 142 -24.62 13.82 0.12
C GLU A 142 -23.89 15.15 0.22
N PHE A 143 -22.66 15.19 -0.31
CA PHE A 143 -21.73 16.34 -0.23
C PHE A 143 -21.51 16.87 -1.63
N PRO A 144 -22.30 17.87 -2.08
CA PRO A 144 -22.16 18.42 -3.43
C PRO A 144 -20.83 19.18 -3.60
N GLN A 145 -20.30 19.18 -4.82
CA GLN A 145 -19.14 20.03 -5.20
C GLN A 145 -19.57 21.49 -5.06
N GLN A 146 -18.81 22.28 -4.29
CA GLN A 146 -19.08 23.72 -4.05
C GLN A 146 -17.77 24.42 -3.74
N LYS A 147 -17.77 25.75 -3.80
CA LYS A 147 -16.57 26.59 -3.52
C LYS A 147 -15.92 26.16 -2.19
N SER A 148 -16.73 25.98 -1.14
CA SER A 148 -16.23 25.81 0.25
C SER A 148 -16.31 24.36 0.73
N LEU A 149 -16.47 23.39 -0.17
CA LEU A 149 -16.40 21.95 0.21
C LEU A 149 -15.91 21.11 -0.98
N ASN A 150 -14.64 20.72 -0.93
CA ASN A 150 -13.98 19.90 -1.96
C ASN A 150 -13.34 18.72 -1.25
N TYR A 151 -12.09 18.86 -0.81
CA TYR A 151 -11.39 17.83 -0.01
C TYR A 151 -11.69 18.06 1.46
N PHE A 152 -12.06 16.99 2.17
CA PHE A 152 -12.23 17.04 3.64
C PHE A 152 -11.98 15.66 4.22
N VAL A 153 -11.66 15.64 5.51
CA VAL A 153 -11.39 14.39 6.28
C VAL A 153 -12.44 14.32 7.39
N ILE A 154 -13.08 13.17 7.55
CA ILE A 154 -14.08 12.94 8.62
C ILE A 154 -13.31 12.59 9.89
N LYS A 155 -13.53 13.35 10.96
CA LYS A 155 -13.04 13.04 12.32
C LYS A 155 -13.99 12.02 12.94
N GLU A 156 -15.29 12.31 12.94
CA GLU A 156 -16.35 11.36 13.40
C GLU A 156 -17.63 11.61 12.62
N GLU A 157 -18.38 10.55 12.34
CA GLU A 157 -19.81 10.67 11.91
C GLU A 157 -20.66 10.63 13.18
N HIS A 158 -21.69 11.48 13.24
CA HIS A 158 -22.60 11.62 14.41
C HIS A 158 -24.05 11.34 13.97
N SER A 159 -24.27 10.19 13.34
CA SER A 159 -25.63 9.66 13.02
C SER A 159 -26.21 9.01 14.28
N GLN A 160 -27.31 9.55 14.81
CA GLN A 160 -27.98 9.00 16.01
C GLN A 160 -29.11 8.05 15.61
N PHE A 161 -29.31 7.01 16.42
CA PHE A 161 -30.49 6.11 16.42
C PHE A 161 -30.99 6.02 17.86
N ALA A 162 -31.90 6.92 18.24
CA ALA A 162 -32.44 7.04 19.61
C ALA A 162 -33.54 5.99 19.79
N MET A 163 -33.35 5.05 20.72
CA MET A 163 -34.29 3.93 20.96
C MET A 163 -35.44 4.39 21.87
N ALA A 164 -36.62 3.78 21.71
CA ALA A 164 -37.84 4.11 22.48
C ALA A 164 -37.88 3.33 23.80
N GLY A 165 -36.93 2.41 24.03
CA GLY A 165 -36.88 1.62 25.27
C GLY A 165 -35.59 0.84 25.40
N ASN A 166 -35.47 0.09 26.51
CA ASN A 166 -34.32 -0.78 26.84
C ASN A 166 -34.56 -2.15 26.20
N HIS A 167 -34.36 -2.25 24.87
CA HIS A 167 -34.71 -3.43 24.05
C HIS A 167 -33.79 -4.61 24.38
N ILE A 168 -34.22 -5.81 23.99
CA ILE A 168 -33.31 -6.98 23.84
C ILE A 168 -32.50 -6.77 22.56
N ALA A 169 -31.19 -6.98 22.63
CA ALA A 169 -30.26 -6.91 21.49
C ALA A 169 -29.59 -8.28 21.30
N TYR A 170 -29.31 -8.62 20.04
CA TYR A 170 -28.51 -9.79 19.61
C TYR A 170 -27.25 -9.20 18.98
N TRP A 171 -26.13 -9.24 19.72
CA TRP A 171 -24.96 -8.36 19.42
C TRP A 171 -23.62 -9.10 19.53
N ILE A 172 -22.65 -8.58 18.80
CA ILE A 172 -21.21 -8.95 18.95
C ILE A 172 -20.43 -7.67 19.23
N PRO A 173 -19.30 -7.78 19.96
CA PRO A 173 -18.46 -6.62 20.29
C PRO A 173 -18.03 -5.80 19.06
N GLY A 174 -18.15 -4.48 19.18
CA GLY A 174 -17.61 -3.51 18.21
C GLY A 174 -16.11 -3.72 18.07
N ASP A 175 -15.63 -3.94 16.86
CA ASP A 175 -14.21 -4.35 16.63
C ASP A 175 -13.78 -3.91 15.23
N TYR A 176 -12.59 -3.34 15.11
CA TYR A 176 -12.04 -2.83 13.83
C TYR A 176 -11.43 -3.97 12.99
N ASP A 177 -11.26 -5.18 13.55
CA ASP A 177 -10.39 -6.21 12.91
C ASP A 177 -11.04 -7.60 12.81
N THR A 178 -12.01 -7.96 13.65
CA THR A 178 -12.69 -9.28 13.58
C THR A 178 -14.20 -9.13 13.83
N GLN A 179 -14.98 -10.04 13.23
CA GLN A 179 -16.42 -10.28 13.56
C GLN A 179 -16.60 -11.72 14.05
N GLU A 180 -15.52 -12.45 14.34
CA GLU A 180 -15.56 -13.92 14.60
C GLU A 180 -15.93 -14.20 16.06
N TYR A 181 -16.96 -13.50 16.57
CA TYR A 181 -17.45 -13.60 17.96
C TYR A 181 -18.78 -14.34 18.00
N ASP A 182 -19.02 -15.10 19.07
CA ASP A 182 -20.36 -15.61 19.44
C ASP A 182 -21.25 -14.42 19.82
N TYR A 183 -22.54 -14.50 19.47
CA TYR A 183 -23.56 -13.49 19.81
C TYR A 183 -23.89 -13.57 21.31
N THR A 184 -24.19 -12.41 21.88
CA THR A 184 -24.79 -12.25 23.24
C THR A 184 -26.22 -11.76 23.06
N ILE A 185 -27.14 -12.30 23.85
CA ILE A 185 -28.56 -11.84 23.94
C ILE A 185 -28.73 -11.15 25.29
N SER A 186 -29.00 -9.85 25.31
CA SER A 186 -29.13 -9.06 26.55
C SER A 186 -29.93 -7.78 26.31
N ARG A 187 -30.37 -7.15 27.39
CA ARG A 187 -30.92 -5.77 27.35
C ARG A 187 -29.79 -4.82 26.95
N LEU A 188 -30.14 -3.68 26.36
CA LEU A 188 -29.17 -2.62 26.00
C LEU A 188 -28.40 -2.20 27.25
N SER A 189 -29.07 -2.16 28.42
CA SER A 189 -28.47 -1.77 29.72
C SER A 189 -27.42 -2.78 30.20
N GLU A 190 -27.42 -4.00 29.65
CA GLU A 190 -26.58 -5.14 30.13
C GLU A 190 -25.31 -5.28 29.26
N ILE A 191 -25.26 -4.64 28.10
CA ILE A 191 -24.12 -4.77 27.12
C ILE A 191 -22.82 -4.42 27.84
N ARG A 192 -22.77 -3.28 28.52
CA ARG A 192 -21.57 -2.75 29.22
C ARG A 192 -20.99 -3.82 30.14
N GLY A 193 -21.84 -4.44 30.98
CA GLY A 193 -21.45 -5.45 31.97
C GLY A 193 -20.98 -6.76 31.35
N LEU A 194 -21.41 -7.06 30.12
CA LEU A 194 -21.15 -8.36 29.44
C LEU A 194 -20.03 -8.24 28.40
N MET A 195 -19.58 -7.03 28.05
CA MET A 195 -18.66 -6.79 26.92
C MET A 195 -17.32 -7.53 27.16
N GLN A 196 -16.74 -7.44 28.36
CA GLN A 196 -15.42 -8.06 28.64
C GLN A 196 -15.49 -9.56 28.30
N GLN A 197 -16.55 -10.24 28.77
CA GLN A 197 -16.73 -11.71 28.62
C GLN A 197 -17.05 -12.03 27.15
N ALA A 198 -17.69 -11.11 26.42
CA ALA A 198 -18.08 -11.28 25.01
C ALA A 198 -16.84 -11.23 24.09
N ILE A 199 -15.78 -10.53 24.50
CA ILE A 199 -14.55 -10.38 23.67
C ILE A 199 -13.63 -11.58 23.97
N THR A 200 -13.69 -12.60 23.12
CA THR A 200 -12.89 -13.85 23.21
C THR A 200 -11.63 -13.69 22.37
N PRO A 201 -10.57 -14.49 22.60
CA PRO A 201 -9.31 -14.35 21.87
C PRO A 201 -9.42 -14.57 20.36
N ASN A 202 -8.78 -13.72 19.56
CA ASN A 202 -8.77 -13.82 18.07
C ASN A 202 -7.38 -13.40 17.57
N SER A 203 -7.01 -13.90 16.39
CA SER A 203 -5.72 -13.62 15.69
C SER A 203 -5.49 -12.11 15.50
N SER A 204 -6.55 -11.35 15.19
CA SER A 204 -6.48 -9.87 14.97
C SER A 204 -7.78 -9.24 15.46
N GLN A 205 -7.71 -8.43 16.52
CA GLN A 205 -8.91 -7.83 17.15
C GLN A 205 -8.55 -6.47 17.77
N THR A 206 -9.38 -5.46 17.52
CA THR A 206 -9.31 -4.14 18.18
C THR A 206 -10.71 -3.72 18.62
N PRO A 207 -11.18 -4.18 19.79
CA PRO A 207 -12.40 -3.65 20.39
C PRO A 207 -12.21 -2.17 20.72
N PHE A 208 -13.26 -1.34 20.63
CA PHE A 208 -13.12 0.13 20.72
C PHE A 208 -13.91 0.74 21.89
N SER A 209 -14.89 0.04 22.48
CA SER A 209 -15.76 0.61 23.53
C SER A 209 -16.45 -0.46 24.37
N PRO A 210 -16.64 -0.22 25.69
CA PRO A 210 -17.47 -1.09 26.53
C PRO A 210 -18.92 -1.22 26.04
N THR A 211 -19.39 -0.27 25.23
CA THR A 211 -20.78 -0.26 24.70
C THR A 211 -20.74 -0.21 23.16
N GLY A 212 -19.64 -0.62 22.55
CA GLY A 212 -19.51 -0.70 21.08
C GLY A 212 -19.99 -2.04 20.56
N VAL A 213 -20.82 -2.05 19.53
CA VAL A 213 -21.35 -3.27 18.88
C VAL A 213 -21.21 -3.13 17.36
N GLN A 214 -21.18 -4.25 16.65
CA GLN A 214 -21.12 -4.25 15.17
C GLN A 214 -22.53 -4.19 14.59
N THR A 215 -22.63 -3.88 13.30
CA THR A 215 -23.86 -4.00 12.49
C THR A 215 -23.67 -5.17 11.53
N ALA A 216 -24.76 -5.82 11.11
CA ALA A 216 -26.13 -5.44 11.45
C ALA A 216 -26.46 -5.83 12.89
N LEU A 217 -27.06 -4.90 13.64
CA LEU A 217 -27.52 -5.13 15.03
C LEU A 217 -29.02 -5.46 14.99
N MET A 218 -29.41 -6.57 15.62
CA MET A 218 -30.82 -7.04 15.71
C MET A 218 -31.34 -6.73 17.12
N MET A 219 -32.58 -6.23 17.21
CA MET A 219 -33.23 -5.90 18.50
C MET A 219 -34.68 -6.36 18.48
N LYS A 220 -35.19 -6.72 19.66
CA LYS A 220 -36.62 -7.08 19.89
C LYS A 220 -37.15 -6.18 21.00
N THR A 221 -38.23 -5.44 20.73
CA THR A 221 -38.82 -4.46 21.67
C THR A 221 -39.91 -5.16 22.50
N ASP A 222 -40.15 -4.65 23.71
CA ASP A 222 -41.18 -5.18 24.63
C ASP A 222 -42.58 -4.97 24.01
N ASP A 223 -42.77 -3.92 23.19
CA ASP A 223 -44.08 -3.61 22.54
C ASP A 223 -44.18 -4.34 21.19
N GLY A 224 -43.36 -5.37 20.97
CA GLY A 224 -43.57 -6.41 19.93
C GLY A 224 -42.99 -6.04 18.58
N LEU A 225 -41.98 -5.17 18.54
CA LEU A 225 -41.31 -4.78 17.27
C LEU A 225 -39.94 -5.45 17.17
N TYR A 226 -39.53 -5.72 15.94
CA TYR A 226 -38.17 -6.19 15.56
C TYR A 226 -37.50 -5.06 14.79
N ILE A 227 -36.31 -4.65 15.24
CA ILE A 227 -35.58 -3.49 14.66
C ILE A 227 -34.15 -3.96 14.33
N ASN A 228 -33.74 -3.73 13.09
CA ASN A 228 -32.39 -4.05 12.58
C ASN A 228 -31.71 -2.73 12.20
N LEU A 229 -30.54 -2.44 12.76
CA LEU A 229 -29.72 -1.25 12.40
C LEU A 229 -28.51 -1.72 11.60
N HIS A 230 -28.28 -1.15 10.43
CA HIS A 230 -27.19 -1.59 9.51
C HIS A 230 -26.83 -0.44 8.55
N GLU A 231 -26.01 -0.74 7.55
CA GLU A 231 -25.66 0.21 6.47
C GLU A 231 -25.72 -0.53 5.13
N ALA A 232 -25.75 0.23 4.04
CA ALA A 232 -25.84 -0.30 2.66
C ALA A 232 -24.89 0.49 1.76
N ALA A 233 -24.21 -0.22 0.85
CA ALA A 233 -23.32 0.36 -0.18
C ALA A 233 -22.12 1.04 0.49
N LEU A 234 -21.39 0.28 1.33
CA LEU A 234 -20.15 0.76 1.99
C LEU A 234 -19.03 0.85 0.94
N ILE A 235 -18.92 2.01 0.29
CA ILE A 235 -17.98 2.28 -0.84
C ILE A 235 -17.25 3.60 -0.58
N ASP A 236 -15.92 3.59 -0.70
CA ASP A 236 -15.09 4.82 -0.62
C ASP A 236 -15.38 5.50 0.73
N TYR A 237 -15.42 4.71 1.80
CA TYR A 237 -15.85 5.18 3.14
C TYR A 237 -15.41 4.13 4.15
N SER A 238 -15.29 4.52 5.42
CA SER A 238 -14.89 3.65 6.55
C SER A 238 -16.12 2.89 7.08
N CYS A 239 -15.92 1.65 7.51
CA CYS A 239 -16.98 0.76 8.06
C CYS A 239 -17.63 1.40 9.30
N MET A 240 -18.96 1.39 9.36
CA MET A 240 -19.73 1.92 10.50
C MET A 240 -19.94 0.83 11.55
N HIS A 241 -19.57 1.11 12.80
CA HIS A 241 -20.00 0.38 14.02
C HIS A 241 -20.99 1.27 14.77
N LEU A 242 -21.53 0.78 15.88
CA LEU A 242 -22.46 1.57 16.73
C LEU A 242 -21.89 1.62 18.15
N ASN A 243 -21.94 2.81 18.75
CA ASN A 243 -21.57 3.01 20.17
C ASN A 243 -22.83 3.41 20.93
N LEU A 244 -23.19 2.65 21.96
CA LEU A 244 -24.43 2.90 22.75
C LEU A 244 -24.14 3.88 23.89
N ASP A 245 -24.88 4.99 23.92
CA ASP A 245 -25.14 5.79 25.14
C ASP A 245 -26.19 5.03 25.94
N ASP A 246 -25.77 4.29 26.97
CA ASP A 246 -26.66 3.34 27.70
C ASP A 246 -27.35 4.04 28.87
N LYS A 247 -27.21 5.36 28.97
CA LYS A 247 -28.01 6.21 29.90
C LYS A 247 -29.26 6.75 29.19
N ASN A 248 -29.16 7.10 27.91
CA ASN A 248 -30.27 7.68 27.12
C ASN A 248 -30.77 6.69 26.06
N MET A 249 -30.09 5.55 25.90
CA MET A 249 -30.38 4.49 24.90
C MET A 249 -30.36 5.08 23.49
N ILE A 250 -29.30 5.82 23.17
CA ILE A 250 -29.01 6.34 21.81
C ILE A 250 -27.78 5.59 21.28
N PHE A 251 -27.92 4.87 20.17
CA PHE A 251 -26.77 4.36 19.38
C PHE A 251 -26.26 5.50 18.50
N GLU A 252 -24.93 5.58 18.33
CA GLU A 252 -24.31 6.58 17.42
C GLU A 252 -23.31 5.85 16.52
N SER A 253 -23.31 6.22 15.23
CA SER A 253 -22.30 5.81 14.23
C SER A 253 -20.90 6.01 14.83
N TRP A 254 -20.07 4.97 14.73
CA TRP A 254 -18.65 4.99 15.15
C TRP A 254 -17.84 4.36 14.02
N LEU A 255 -17.18 5.19 13.20
CA LEU A 255 -16.47 4.71 12.00
C LEU A 255 -15.09 4.15 12.41
N THR A 256 -14.49 3.39 11.51
CA THR A 256 -13.21 2.68 11.74
C THR A 256 -12.06 3.64 11.42
N PRO A 257 -11.13 3.89 12.36
CA PRO A 257 -10.03 4.82 12.14
C PRO A 257 -8.93 4.24 11.24
N ASP A 258 -8.20 5.14 10.56
CA ASP A 258 -7.00 4.78 9.76
C ASP A 258 -5.77 4.84 10.69
N ALA A 259 -4.58 4.69 10.12
CA ALA A 259 -3.29 4.63 10.85
C ALA A 259 -3.04 5.92 11.64
N LYS A 260 -3.64 7.06 11.23
CA LYS A 260 -3.45 8.37 11.89
C LYS A 260 -4.65 8.71 12.78
N GLY A 261 -5.66 7.83 12.85
CA GLY A 261 -6.86 8.01 13.69
C GLY A 261 -8.00 8.71 12.96
N ASP A 262 -7.83 9.02 11.68
CA ASP A 262 -8.84 9.73 10.86
C ASP A 262 -9.88 8.71 10.35
N LYS A 263 -11.07 9.19 9.97
CA LYS A 263 -12.21 8.28 9.66
C LYS A 263 -12.79 8.60 8.29
N GLY A 264 -11.96 8.99 7.31
CA GLY A 264 -12.33 8.98 5.89
C GLY A 264 -11.85 10.22 5.15
N TYR A 265 -11.10 9.99 4.05
CA TYR A 265 -10.63 11.03 3.11
C TYR A 265 -11.68 11.13 2.00
N MET A 266 -12.32 12.29 1.91
CA MET A 266 -13.48 12.55 1.01
C MET A 266 -13.11 13.64 0.00
N GLN A 267 -13.75 13.59 -1.17
CA GLN A 267 -13.66 14.61 -2.24
C GLN A 267 -15.04 14.75 -2.87
N THR A 268 -15.59 15.97 -2.86
CA THR A 268 -16.93 16.25 -3.46
C THR A 268 -16.80 16.17 -4.98
N PRO A 269 -17.86 15.74 -5.72
CA PRO A 269 -19.09 15.23 -5.13
C PRO A 269 -18.93 13.81 -4.58
N CYS A 270 -19.47 13.54 -3.40
CA CYS A 270 -19.41 12.21 -2.74
C CYS A 270 -20.61 12.03 -1.81
N ASN A 271 -20.87 10.76 -1.46
CA ASN A 271 -22.02 10.35 -0.60
C ASN A 271 -21.48 9.44 0.50
N SER A 272 -22.09 9.51 1.69
CA SER A 272 -21.92 8.47 2.73
C SER A 272 -22.63 7.22 2.23
N PRO A 273 -22.35 6.04 2.81
CA PRO A 273 -23.20 4.87 2.62
C PRO A 273 -24.58 5.17 3.24
N TRP A 274 -25.58 4.36 2.90
CA TRP A 274 -26.91 4.43 3.54
C TRP A 274 -26.82 3.86 4.96
N ARG A 275 -27.60 4.44 5.87
CA ARG A 275 -27.84 3.92 7.23
C ARG A 275 -29.28 3.41 7.23
N THR A 276 -29.50 2.16 7.68
CA THR A 276 -30.80 1.48 7.51
C THR A 276 -31.40 1.12 8.87
N ILE A 277 -32.71 1.33 8.99
CA ILE A 277 -33.57 0.86 10.12
C ILE A 277 -34.66 0.00 9.49
N ILE A 278 -34.54 -1.32 9.64
CA ILE A 278 -35.55 -2.30 9.13
C ILE A 278 -36.43 -2.66 10.32
N VAL A 279 -37.75 -2.52 10.18
CA VAL A 279 -38.69 -2.65 11.34
C VAL A 279 -39.97 -3.36 10.89
N SER A 280 -40.44 -4.28 11.73
CA SER A 280 -41.73 -5.00 11.55
C SER A 280 -42.22 -5.52 12.90
N ASP A 281 -43.52 -5.83 12.98
CA ASP A 281 -44.12 -6.53 14.14
C ASP A 281 -44.03 -8.04 13.90
N ASP A 282 -43.45 -8.45 12.78
CA ASP A 282 -43.28 -9.87 12.36
C ASP A 282 -41.80 -10.10 12.06
N ALA A 283 -41.11 -10.91 12.86
CA ALA A 283 -39.66 -11.19 12.71
C ALA A 283 -39.37 -11.70 11.30
N ARG A 284 -40.32 -12.43 10.68
CA ARG A 284 -40.14 -13.04 9.33
C ARG A 284 -39.94 -11.93 8.28
N ASN A 285 -40.49 -10.73 8.51
CA ASN A 285 -40.43 -9.60 7.54
C ASN A 285 -39.05 -8.94 7.58
N ILE A 286 -38.30 -9.11 8.68
CA ILE A 286 -36.88 -8.64 8.77
C ILE A 286 -36.08 -9.48 7.76
N LEU A 287 -36.26 -10.81 7.79
CA LEU A 287 -35.54 -11.74 6.88
C LEU A 287 -35.98 -11.46 5.43
N ALA A 288 -37.25 -11.11 5.21
CA ALA A 288 -37.84 -10.88 3.87
C ALA A 288 -37.40 -9.52 3.30
N SER A 289 -36.87 -8.61 4.12
CA SER A 289 -36.50 -7.24 3.66
C SER A 289 -35.38 -7.33 2.61
N ARG A 290 -35.51 -6.54 1.54
CA ARG A 290 -34.47 -6.37 0.50
C ARG A 290 -34.05 -4.89 0.44
N ILE A 291 -34.24 -4.14 1.53
CA ILE A 291 -33.85 -2.70 1.61
C ILE A 291 -32.35 -2.58 1.31
N THR A 292 -31.52 -3.46 1.90
CA THR A 292 -30.05 -3.37 1.76
C THR A 292 -29.67 -3.49 0.27
N LEU A 293 -30.15 -4.53 -0.42
CA LEU A 293 -29.88 -4.72 -1.87
C LEU A 293 -30.47 -3.56 -2.66
N ASN A 294 -31.68 -3.10 -2.31
CA ASN A 294 -32.41 -2.05 -3.06
C ASN A 294 -31.65 -0.72 -3.02
N LEU A 295 -30.84 -0.48 -1.98
CA LEU A 295 -30.10 0.80 -1.81
C LEU A 295 -28.72 0.71 -2.48
N ASN A 296 -28.38 -0.39 -3.14
CA ASN A 296 -27.11 -0.51 -3.92
C ASN A 296 -27.38 -0.18 -5.38
N GLU A 297 -26.38 0.34 -6.09
CA GLU A 297 -26.46 0.67 -7.52
C GLU A 297 -26.70 -0.62 -8.30
N PRO A 298 -27.45 -0.57 -9.43
CA PRO A 298 -27.70 -1.75 -10.25
C PRO A 298 -26.41 -2.41 -10.76
N CYS A 299 -26.54 -3.68 -11.15
CA CYS A 299 -25.47 -4.54 -11.69
C CYS A 299 -24.59 -3.78 -12.70
N LYS A 300 -23.27 -3.83 -12.52
CA LYS A 300 -22.27 -3.18 -13.42
C LYS A 300 -21.49 -4.25 -14.20
N ILE A 301 -21.88 -5.52 -14.12
CA ILE A 301 -21.27 -6.64 -14.90
C ILE A 301 -22.27 -7.06 -16.00
N ALA A 302 -22.07 -6.57 -17.22
CA ALA A 302 -22.99 -6.75 -18.37
C ALA A 302 -23.20 -8.24 -18.69
N ASP A 303 -22.13 -9.06 -18.65
CA ASP A 303 -22.19 -10.46 -19.15
C ASP A 303 -22.40 -11.43 -17.98
N ALA A 304 -22.90 -10.94 -16.83
CA ALA A 304 -22.86 -11.63 -15.52
C ALA A 304 -23.47 -13.04 -15.64
N ALA A 305 -24.68 -13.13 -16.21
CA ALA A 305 -25.46 -14.38 -16.34
C ALA A 305 -24.66 -15.46 -17.08
N SER A 306 -23.80 -15.07 -18.03
CA SER A 306 -23.06 -16.00 -18.91
C SER A 306 -21.96 -16.76 -18.15
N TRP A 307 -21.45 -16.24 -17.03
CA TRP A 307 -20.29 -16.88 -16.34
C TRP A 307 -20.45 -17.00 -14.82
N ILE A 308 -21.25 -16.14 -14.18
CA ILE A 308 -21.45 -16.22 -12.71
C ILE A 308 -22.47 -17.31 -12.45
N LYS A 309 -22.05 -18.36 -11.73
CA LYS A 309 -22.87 -19.56 -11.41
C LYS A 309 -22.68 -19.91 -9.93
N PRO A 310 -23.75 -20.32 -9.23
CA PRO A 310 -23.61 -20.89 -7.89
C PRO A 310 -22.67 -22.11 -7.88
N VAL A 311 -22.06 -22.36 -6.73
CA VAL A 311 -21.01 -23.40 -6.54
C VAL A 311 -21.34 -24.22 -5.28
N LYS A 312 -21.51 -25.53 -5.45
CA LYS A 312 -21.55 -26.52 -4.34
C LYS A 312 -20.20 -27.23 -4.34
N TYR A 313 -19.50 -27.23 -3.21
CA TYR A 313 -18.09 -27.67 -3.18
C TYR A 313 -17.78 -28.46 -1.92
N ILE A 314 -16.74 -29.30 -2.04
CA ILE A 314 -16.02 -29.92 -0.90
C ILE A 314 -14.60 -29.35 -0.92
N GLY A 315 -13.79 -29.68 0.08
CA GLY A 315 -12.44 -29.11 0.15
C GLY A 315 -11.47 -29.95 0.95
N VAL A 316 -10.21 -29.92 0.54
CA VAL A 316 -9.06 -30.27 1.43
C VAL A 316 -8.91 -29.06 2.35
N TRP A 317 -9.47 -29.16 3.56
CA TRP A 317 -9.77 -27.99 4.43
C TRP A 317 -9.91 -28.41 5.89
N TRP A 318 -10.94 -29.19 6.22
CA TRP A 318 -11.26 -29.62 7.59
C TRP A 318 -10.05 -30.35 8.22
N ASP A 319 -9.29 -31.11 7.42
CA ASP A 319 -8.00 -31.73 7.85
C ASP A 319 -7.18 -30.71 8.64
N MET A 320 -6.97 -29.52 8.06
CA MET A 320 -6.05 -28.50 8.64
C MET A 320 -6.77 -27.71 9.74
N ILE A 321 -8.07 -27.46 9.63
CA ILE A 321 -8.83 -26.70 10.67
C ILE A 321 -8.83 -27.51 11.98
N THR A 322 -8.97 -28.84 11.91
CA THR A 322 -9.04 -29.74 13.10
C THR A 322 -7.63 -30.07 13.62
N GLY A 323 -6.60 -29.95 12.78
CA GLY A 323 -5.20 -30.26 13.14
C GLY A 323 -4.80 -31.68 12.76
N LYS A 324 -5.67 -32.41 12.05
CA LYS A 324 -5.35 -33.76 11.50
C LYS A 324 -4.20 -33.63 10.49
N GLY A 325 -4.29 -32.62 9.62
CA GLY A 325 -3.30 -32.35 8.56
C GLY A 325 -2.73 -30.96 8.70
N SER A 326 -1.73 -30.62 7.88
CA SER A 326 -1.05 -29.30 7.86
C SER A 326 -1.27 -28.62 6.51
N TRP A 327 -1.24 -27.29 6.52
CA TRP A 327 -1.07 -26.45 5.30
C TRP A 327 0.38 -26.55 4.82
N ALA A 328 1.32 -26.63 5.76
CA ALA A 328 2.79 -26.66 5.50
C ALA A 328 3.19 -27.98 4.84
N TYR A 329 4.16 -27.92 3.93
CA TYR A 329 4.79 -29.07 3.24
C TYR A 329 5.78 -29.77 4.18
N THR A 330 6.52 -29.00 4.97
CA THR A 330 7.64 -29.51 5.82
C THR A 330 7.52 -28.96 7.24
N ASP A 331 8.05 -29.71 8.22
CA ASP A 331 8.17 -29.28 9.64
C ASP A 331 9.62 -28.89 9.93
N GLU A 332 10.52 -28.94 8.94
CA GLU A 332 11.99 -28.80 9.13
C GLU A 332 12.42 -27.33 9.29
N LEU A 333 11.62 -26.35 8.87
CA LEU A 333 12.11 -24.94 8.70
C LEU A 333 11.57 -24.04 9.82
N THR A 334 12.47 -23.31 10.50
CA THR A 334 12.10 -22.28 11.51
C THR A 334 11.34 -21.14 10.81
N SER A 335 11.84 -20.71 9.64
CA SER A 335 11.19 -19.67 8.77
C SER A 335 11.56 -19.92 7.31
N VAL A 336 10.97 -19.18 6.37
CA VAL A 336 11.19 -19.38 4.90
C VAL A 336 11.43 -18.03 4.23
N LYS A 337 12.23 -18.04 3.16
CA LYS A 337 12.48 -16.88 2.26
C LYS A 337 12.07 -17.34 0.85
N LEU A 338 10.93 -16.89 0.36
CA LEU A 338 10.41 -17.32 -0.97
C LEU A 338 11.44 -16.93 -2.04
N GLY A 339 11.69 -17.84 -2.98
CA GLY A 339 12.68 -17.66 -4.05
C GLY A 339 14.08 -18.08 -3.62
N VAL A 340 14.30 -18.35 -2.32
CA VAL A 340 15.61 -18.82 -1.77
C VAL A 340 15.44 -20.21 -1.17
N THR A 341 14.49 -20.38 -0.23
CA THR A 341 14.11 -21.69 0.34
C THR A 341 13.82 -22.67 -0.81
N ASP A 342 14.50 -23.82 -0.82
CA ASP A 342 14.33 -24.88 -1.85
C ASP A 342 13.52 -26.03 -1.25
N TYR A 343 12.21 -26.02 -1.47
CA TYR A 343 11.27 -26.99 -0.85
C TYR A 343 11.54 -28.41 -1.35
N SER A 344 12.10 -28.58 -2.56
CA SER A 344 12.45 -29.90 -3.13
C SER A 344 13.55 -30.57 -2.30
N LYS A 345 14.31 -29.79 -1.52
CA LYS A 345 15.38 -30.31 -0.62
C LYS A 345 14.87 -30.47 0.83
N THR A 346 13.59 -30.19 1.11
CA THR A 346 13.01 -30.34 2.47
C THR A 346 12.30 -31.70 2.56
N LYS A 347 12.17 -32.22 3.78
CA LYS A 347 11.52 -33.53 4.05
C LYS A 347 10.02 -33.31 4.26
N PRO A 348 9.16 -34.00 3.48
CA PRO A 348 7.71 -33.98 3.70
C PRO A 348 7.39 -34.37 5.15
N ASN A 349 6.47 -33.65 5.80
CA ASN A 349 6.12 -33.88 7.23
C ASN A 349 5.17 -35.09 7.37
N GLY A 350 4.63 -35.61 6.25
CA GLY A 350 3.68 -36.74 6.24
C GLY A 350 2.28 -36.34 6.69
N LYS A 351 2.00 -35.03 6.80
CA LYS A 351 0.71 -34.46 7.28
C LYS A 351 0.10 -33.53 6.23
N HIS A 352 0.78 -33.34 5.09
CA HIS A 352 0.44 -32.29 4.09
C HIS A 352 -0.73 -32.78 3.23
N SER A 353 -1.94 -32.32 3.52
CA SER A 353 -3.20 -32.82 2.91
C SER A 353 -3.27 -32.43 1.43
N ALA A 354 -2.72 -31.28 1.02
CA ALA A 354 -2.75 -30.78 -0.37
C ALA A 354 -1.67 -31.46 -1.21
N ASN A 355 -1.76 -32.78 -1.38
CA ASN A 355 -0.90 -33.58 -2.28
C ASN A 355 -1.78 -34.16 -3.40
N THR A 356 -1.20 -34.34 -4.59
CA THR A 356 -1.90 -34.70 -5.84
C THR A 356 -2.82 -35.91 -5.62
N ALA A 357 -2.29 -37.00 -5.06
CA ALA A 357 -3.04 -38.27 -4.88
C ALA A 357 -4.28 -38.01 -4.00
N ASN A 358 -4.11 -37.28 -2.90
CA ASN A 358 -5.21 -36.98 -1.95
C ASN A 358 -6.26 -36.10 -2.64
N VAL A 359 -5.82 -35.06 -3.35
CA VAL A 359 -6.73 -34.12 -4.07
C VAL A 359 -7.55 -34.91 -5.11
N LYS A 360 -6.93 -35.86 -5.81
CA LYS A 360 -7.62 -36.69 -6.82
C LYS A 360 -8.73 -37.51 -6.17
N ARG A 361 -8.55 -37.97 -4.94
CA ARG A 361 -9.58 -38.75 -4.19
C ARG A 361 -10.77 -37.82 -3.86
N TYR A 362 -10.52 -36.55 -3.53
CA TYR A 362 -11.58 -35.53 -3.29
C TYR A 362 -12.32 -35.28 -4.61
N ILE A 363 -11.59 -35.14 -5.72
CA ILE A 363 -12.17 -34.92 -7.07
C ILE A 363 -13.11 -36.09 -7.40
N ASP A 364 -12.68 -37.34 -7.13
CA ASP A 364 -13.49 -38.56 -7.38
C ASP A 364 -14.80 -38.49 -6.60
N PHE A 365 -14.74 -38.14 -5.31
CA PHE A 365 -15.92 -38.06 -4.42
C PHE A 365 -16.85 -36.95 -4.88
N ALA A 366 -16.29 -35.79 -5.26
CA ALA A 366 -17.04 -34.63 -5.79
C ALA A 366 -17.81 -35.06 -7.05
N ALA A 367 -17.14 -35.73 -7.99
CA ALA A 367 -17.70 -36.16 -9.29
C ALA A 367 -18.79 -37.22 -9.08
N ALA A 368 -18.56 -38.19 -8.19
CA ALA A 368 -19.51 -39.29 -7.89
C ALA A 368 -20.82 -38.72 -7.33
N ASN A 369 -20.78 -37.57 -6.66
CA ASN A 369 -21.91 -37.07 -5.81
C ASN A 369 -22.47 -35.74 -6.33
N GLY A 370 -22.07 -35.32 -7.54
CA GLY A 370 -22.66 -34.17 -8.27
C GLY A 370 -22.24 -32.81 -7.75
N PHE A 371 -21.08 -32.70 -7.09
CA PHE A 371 -20.52 -31.39 -6.64
C PHE A 371 -19.91 -30.66 -7.84
N ASP A 372 -19.77 -29.34 -7.74
CA ASP A 372 -19.26 -28.45 -8.82
C ASP A 372 -17.74 -28.30 -8.72
N ALA A 373 -17.21 -28.19 -7.50
CA ALA A 373 -15.82 -27.74 -7.30
C ALA A 373 -15.19 -28.41 -6.06
N VAL A 374 -13.86 -28.39 -6.03
CA VAL A 374 -13.01 -28.83 -4.89
C VAL A 374 -12.05 -27.69 -4.54
N LEU A 375 -12.13 -27.20 -3.30
CA LEU A 375 -11.15 -26.24 -2.71
C LEU A 375 -9.93 -27.04 -2.25
N VAL A 376 -8.72 -26.52 -2.48
CA VAL A 376 -7.49 -27.07 -1.85
C VAL A 376 -6.74 -25.91 -1.20
N GLU A 377 -6.49 -26.02 0.10
CA GLU A 377 -5.63 -25.07 0.86
C GLU A 377 -4.30 -25.75 1.19
N GLY A 378 -3.23 -24.97 1.21
CA GLY A 378 -1.85 -25.46 1.45
C GLY A 378 -1.19 -25.92 0.16
N TRP A 379 -1.66 -25.44 -0.99
CA TRP A 379 -1.15 -25.87 -2.32
C TRP A 379 0.17 -25.15 -2.64
N ASN A 380 0.41 -23.97 -2.05
CA ASN A 380 1.46 -23.01 -2.52
C ASN A 380 2.55 -22.83 -1.45
N GLU A 381 3.77 -22.51 -1.89
CA GLU A 381 4.92 -22.22 -1.01
C GLU A 381 4.58 -21.10 -0.02
N GLY A 382 4.96 -21.26 1.26
CA GLY A 382 4.94 -20.16 2.25
C GLY A 382 4.26 -20.52 3.56
N TRP A 383 3.48 -21.60 3.60
CA TRP A 383 2.57 -21.91 4.75
C TRP A 383 3.36 -22.15 6.04
N GLU A 384 4.65 -22.48 5.95
CA GLU A 384 5.52 -22.67 7.13
C GLU A 384 5.54 -21.40 8.01
N ASP A 385 5.32 -20.21 7.43
CA ASP A 385 5.48 -18.89 8.09
C ASP A 385 4.21 -18.04 8.12
N TRP A 386 3.05 -18.64 7.84
CA TRP A 386 1.86 -17.85 7.45
C TRP A 386 1.28 -17.06 8.63
N PHE A 387 1.51 -17.48 9.88
CA PHE A 387 0.65 -17.05 11.02
C PHE A 387 1.37 -16.14 12.02
N GLY A 388 0.92 -14.88 12.09
CA GLY A 388 1.16 -13.97 13.22
C GLY A 388 2.54 -13.34 13.23
N ASN A 389 3.26 -13.33 12.11
CA ASN A 389 4.66 -12.82 12.03
C ASN A 389 4.68 -11.41 11.44
N SER A 390 3.54 -10.87 10.97
CA SER A 390 3.50 -9.58 10.22
C SER A 390 4.53 -9.65 9.08
N LYS A 391 4.51 -10.76 8.34
CA LYS A 391 5.48 -11.03 7.26
C LYS A 391 4.98 -10.41 5.96
N ASP A 392 5.82 -9.58 5.32
CA ASP A 392 5.47 -8.87 4.06
C ASP A 392 5.40 -9.88 2.90
N TYR A 393 6.53 -10.47 2.50
CA TYR A 393 6.59 -11.39 1.34
C TYR A 393 6.25 -12.82 1.80
N VAL A 394 4.99 -13.05 2.16
CA VAL A 394 4.56 -14.29 2.89
C VAL A 394 4.12 -15.36 1.88
N PHE A 395 3.57 -14.95 0.73
CA PHE A 395 3.12 -15.86 -0.35
C PHE A 395 3.37 -15.19 -1.71
N ASP A 396 3.44 -15.97 -2.79
CA ASP A 396 3.49 -15.44 -4.18
C ASP A 396 2.24 -15.84 -4.98
N PHE A 397 1.36 -16.70 -4.44
CA PHE A 397 0.05 -17.05 -5.05
C PHE A 397 0.26 -17.74 -6.40
N LEU A 398 1.45 -18.28 -6.67
CA LEU A 398 1.87 -18.75 -8.01
C LEU A 398 2.62 -20.09 -7.95
N THR A 399 3.44 -20.32 -6.92
CA THR A 399 4.40 -21.45 -6.89
C THR A 399 3.84 -22.57 -6.00
N ALA A 400 3.48 -23.69 -6.63
CA ALA A 400 2.96 -24.91 -5.95
C ALA A 400 4.09 -25.58 -5.17
N TYR A 401 3.74 -26.24 -4.06
CA TYR A 401 4.64 -27.16 -3.33
C TYR A 401 5.04 -28.31 -4.26
N PRO A 402 6.14 -29.03 -3.95
CA PRO A 402 6.60 -30.14 -4.80
C PRO A 402 5.61 -31.29 -4.98
N ASP A 403 4.67 -31.46 -4.05
CA ASP A 403 3.72 -32.62 -4.01
C ASP A 403 2.33 -32.21 -4.55
N PHE A 404 2.18 -31.00 -5.09
CA PHE A 404 0.91 -30.49 -5.69
C PHE A 404 1.17 -30.17 -7.17
N ASP A 405 0.69 -31.03 -8.07
CA ASP A 405 0.89 -30.93 -9.54
C ASP A 405 -0.31 -30.17 -10.13
N VAL A 406 -0.19 -28.85 -10.29
CA VAL A 406 -1.28 -27.93 -10.73
C VAL A 406 -1.85 -28.45 -12.06
N GLN A 407 -0.97 -28.80 -13.00
CA GLN A 407 -1.32 -29.15 -14.39
C GLN A 407 -2.07 -30.50 -14.40
N GLU A 408 -1.57 -31.47 -13.65
CA GLU A 408 -2.18 -32.83 -13.56
C GLU A 408 -3.55 -32.73 -12.87
N ILE A 409 -3.65 -31.97 -11.79
CA ILE A 409 -4.92 -31.80 -11.01
C ILE A 409 -5.96 -31.13 -11.92
N HIS A 410 -5.56 -30.12 -12.69
CA HIS A 410 -6.43 -29.43 -13.69
C HIS A 410 -6.92 -30.46 -14.72
N ARG A 411 -6.01 -31.20 -15.35
CA ARG A 411 -6.35 -32.23 -16.37
C ARG A 411 -7.37 -33.20 -15.77
N TYR A 412 -7.08 -33.72 -14.57
CA TYR A 412 -7.91 -34.78 -13.91
C TYR A 412 -9.29 -34.21 -13.56
N ALA A 413 -9.34 -33.05 -12.90
CA ALA A 413 -10.61 -32.38 -12.51
C ALA A 413 -11.48 -32.16 -13.75
N ALA A 414 -10.90 -31.59 -14.80
CA ALA A 414 -11.59 -31.33 -16.10
C ALA A 414 -12.18 -32.63 -16.64
N SER A 415 -11.42 -33.73 -16.59
CA SER A 415 -11.86 -35.07 -17.10
C SER A 415 -13.06 -35.59 -16.31
N LYS A 416 -13.25 -35.16 -15.06
CA LYS A 416 -14.34 -35.62 -14.17
C LYS A 416 -15.44 -34.54 -14.05
N GLY A 417 -15.39 -33.48 -14.86
CA GLY A 417 -16.41 -32.41 -14.88
C GLY A 417 -16.38 -31.55 -13.62
N ILE A 418 -15.21 -31.46 -12.98
CA ILE A 418 -15.01 -30.73 -11.69
C ILE A 418 -14.12 -29.50 -11.95
N LYS A 419 -14.45 -28.40 -11.28
CA LYS A 419 -13.60 -27.17 -11.27
C LYS A 419 -12.81 -27.14 -9.95
N MET A 420 -11.56 -26.71 -10.00
CA MET A 420 -10.79 -26.47 -8.75
C MET A 420 -11.04 -25.03 -8.31
N MET A 421 -11.24 -24.83 -7.01
CA MET A 421 -11.38 -23.51 -6.37
C MET A 421 -10.00 -23.09 -5.84
N MET A 422 -9.52 -21.93 -6.29
CA MET A 422 -8.21 -21.37 -5.92
C MET A 422 -8.28 -20.87 -4.47
N HIS A 423 -7.17 -20.96 -3.73
CA HIS A 423 -7.04 -20.41 -2.36
C HIS A 423 -5.96 -19.33 -2.34
N HIS A 424 -6.32 -18.12 -1.93
CA HIS A 424 -5.41 -16.96 -1.72
C HIS A 424 -5.51 -16.45 -0.29
N GLU A 425 -5.04 -17.22 0.70
CA GLU A 425 -4.71 -16.64 2.04
C GLU A 425 -3.61 -15.61 1.84
N THR A 426 -3.80 -14.38 2.30
CA THR A 426 -2.82 -13.27 2.17
C THR A 426 -1.99 -13.11 3.45
N SER A 427 -2.42 -13.72 4.55
CA SER A 427 -1.89 -13.50 5.92
C SER A 427 -1.90 -11.99 6.22
N ALA A 428 -2.90 -11.28 5.69
CA ALA A 428 -3.17 -9.84 5.90
C ALA A 428 -2.03 -8.99 5.35
N SER A 429 -1.19 -9.54 4.47
CA SER A 429 -0.11 -8.78 3.79
C SER A 429 -0.68 -8.26 2.47
N VAL A 430 -1.24 -7.05 2.50
CA VAL A 430 -2.18 -6.56 1.46
C VAL A 430 -1.41 -5.94 0.29
N ARG A 431 -0.36 -5.15 0.53
CA ARG A 431 0.49 -4.65 -0.59
C ARG A 431 1.03 -5.87 -1.35
N ASN A 432 1.52 -6.87 -0.63
CA ASN A 432 2.07 -8.10 -1.25
C ASN A 432 1.01 -8.74 -2.15
N TYR A 433 -0.23 -8.85 -1.69
CA TYR A 433 -1.32 -9.48 -2.48
C TYR A 433 -1.56 -8.63 -3.74
N GLU A 434 -1.69 -7.32 -3.58
CA GLU A 434 -1.97 -6.38 -4.71
C GLU A 434 -0.85 -6.50 -5.75
N ARG A 435 0.42 -6.56 -5.32
CA ARG A 435 1.56 -6.66 -6.26
C ARG A 435 1.43 -7.92 -7.12
N HIS A 436 0.91 -9.01 -6.55
CA HIS A 436 0.80 -10.33 -7.22
C HIS A 436 -0.55 -10.53 -7.91
N LEU A 437 -1.50 -9.60 -7.79
CA LEU A 437 -2.94 -9.92 -8.02
C LEU A 437 -3.23 -10.20 -9.50
N ASP A 438 -2.77 -9.36 -10.43
CA ASP A 438 -2.95 -9.62 -11.89
C ASP A 438 -2.29 -10.94 -12.27
N LYS A 439 -1.06 -11.20 -11.82
CA LYS A 439 -0.34 -12.46 -12.13
C LYS A 439 -1.10 -13.66 -11.52
N ALA A 440 -1.61 -13.53 -10.30
CA ALA A 440 -2.35 -14.59 -9.57
C ALA A 440 -3.66 -14.91 -10.31
N TYR A 441 -4.39 -13.89 -10.78
CA TYR A 441 -5.65 -14.08 -11.54
C TYR A 441 -5.34 -14.69 -12.90
N GLN A 442 -4.27 -14.25 -13.56
CA GLN A 442 -3.86 -14.81 -14.88
C GLN A 442 -3.51 -16.29 -14.71
N PHE A 443 -2.82 -16.65 -13.62
CA PHE A 443 -2.43 -18.04 -13.29
C PHE A 443 -3.70 -18.88 -13.11
N MET A 444 -4.70 -18.34 -12.43
CA MET A 444 -6.01 -19.02 -12.24
C MET A 444 -6.61 -19.34 -13.61
N VAL A 445 -6.74 -18.35 -14.50
CA VAL A 445 -7.38 -18.51 -15.83
C VAL A 445 -6.57 -19.53 -16.65
N ASP A 446 -5.24 -19.43 -16.63
CA ASP A 446 -4.33 -20.31 -17.40
C ASP A 446 -4.48 -21.77 -16.93
N ASN A 447 -4.86 -21.99 -15.67
CA ASN A 447 -4.88 -23.35 -15.05
C ASN A 447 -6.30 -23.78 -14.67
N GLY A 448 -7.33 -23.11 -15.22
CA GLY A 448 -8.72 -23.59 -15.19
C GLY A 448 -9.45 -23.33 -13.87
N TYR A 449 -8.98 -22.38 -13.05
CA TYR A 449 -9.66 -21.91 -11.81
C TYR A 449 -10.52 -20.69 -12.15
N ASN A 450 -11.81 -20.68 -11.80
CA ASN A 450 -12.68 -19.51 -12.07
C ASN A 450 -13.29 -18.96 -10.77
N SER A 451 -12.97 -19.54 -9.61
CA SER A 451 -13.38 -19.00 -8.30
C SER A 451 -12.18 -19.04 -7.35
N VAL A 452 -12.12 -18.07 -6.44
CA VAL A 452 -11.04 -17.96 -5.42
C VAL A 452 -11.67 -17.69 -4.05
N LYS A 453 -11.19 -18.43 -3.06
CA LYS A 453 -11.35 -18.14 -1.63
C LYS A 453 -10.13 -17.34 -1.18
N SER A 454 -10.31 -16.07 -0.82
CA SER A 454 -9.23 -15.22 -0.28
C SER A 454 -9.35 -15.17 1.24
N GLY A 455 -8.32 -14.70 1.93
CA GLY A 455 -8.28 -14.59 3.39
C GLY A 455 -7.33 -13.48 3.81
N TYR A 456 -7.55 -12.92 5.01
CA TYR A 456 -6.77 -11.80 5.57
C TYR A 456 -6.52 -12.05 7.06
N VAL A 457 -5.87 -13.18 7.36
CA VAL A 457 -5.57 -13.59 8.76
C VAL A 457 -4.31 -12.88 9.27
N GLY A 458 -4.44 -12.11 10.35
CA GLY A 458 -3.32 -11.35 10.95
C GLY A 458 -3.62 -9.87 10.93
N ASN A 459 -2.82 -9.07 11.63
CA ASN A 459 -2.94 -7.59 11.61
C ASN A 459 -2.55 -7.10 10.21
N ILE A 460 -3.30 -6.13 9.68
CA ILE A 460 -3.11 -5.62 8.29
C ILE A 460 -1.68 -5.08 8.14
N ILE A 461 -1.09 -5.38 6.99
CA ILE A 461 0.08 -4.67 6.40
C ILE A 461 -0.44 -4.01 5.12
N PRO A 462 -0.41 -2.66 4.96
CA PRO A 462 0.35 -1.72 5.77
C PRO A 462 -0.06 -1.57 7.24
N ARG A 463 0.95 -1.49 8.10
CA ARG A 463 0.82 -1.61 9.57
C ARG A 463 0.29 -0.30 10.13
N GLY A 464 -0.73 -0.38 10.99
CA GLY A 464 -1.48 0.77 11.50
C GLY A 464 -2.91 0.78 10.99
N GLU A 465 -3.16 0.13 9.84
CA GLU A 465 -4.53 0.01 9.28
C GLU A 465 -5.28 -1.15 9.94
N HIS A 466 -6.61 -1.05 9.95
CA HIS A 466 -7.55 -2.08 10.45
C HIS A 466 -8.24 -2.76 9.27
N HIS A 467 -8.82 -3.94 9.49
CA HIS A 467 -9.50 -4.73 8.43
C HIS A 467 -10.66 -3.92 7.80
N TYR A 468 -11.32 -3.03 8.55
CA TYR A 468 -12.61 -2.43 8.10
C TYR A 468 -12.49 -0.92 7.83
N GLY A 469 -11.27 -0.38 7.79
CA GLY A 469 -11.05 1.04 7.45
C GLY A 469 -11.31 1.31 5.98
N GLN A 470 -11.40 2.59 5.62
CA GLN A 470 -11.60 3.05 4.22
C GLN A 470 -10.52 2.43 3.33
N TRP A 471 -9.28 2.38 3.81
CA TRP A 471 -8.12 1.86 3.03
C TRP A 471 -8.38 0.43 2.59
N MET A 472 -8.70 -0.46 3.54
CA MET A 472 -8.96 -1.90 3.25
C MET A 472 -10.28 -2.08 2.50
N ASN A 473 -11.31 -1.28 2.77
CA ASN A 473 -12.59 -1.39 2.02
C ASN A 473 -12.30 -1.19 0.53
N ASN A 474 -11.43 -0.23 0.21
CA ASN A 474 -10.96 0.01 -1.18
C ASN A 474 -10.30 -1.27 -1.71
N HIS A 475 -9.33 -1.83 -0.96
CA HIS A 475 -8.64 -3.09 -1.37
C HIS A 475 -9.64 -4.20 -1.71
N TYR A 476 -10.57 -4.52 -0.81
CA TYR A 476 -11.48 -5.69 -1.01
C TYR A 476 -12.25 -5.49 -2.33
N LEU A 477 -12.75 -4.28 -2.56
CA LEU A 477 -13.57 -3.97 -3.78
C LEU A 477 -12.67 -3.95 -5.02
N TYR A 478 -11.44 -3.46 -4.91
CA TYR A 478 -10.43 -3.49 -5.98
C TYR A 478 -10.22 -4.95 -6.44
N ALA A 479 -10.07 -5.87 -5.49
CA ALA A 479 -9.86 -7.30 -5.76
C ALA A 479 -11.08 -7.88 -6.49
N VAL A 480 -12.29 -7.46 -6.10
CA VAL A 480 -13.56 -7.96 -6.72
C VAL A 480 -13.68 -7.39 -8.14
N LYS A 481 -13.48 -6.09 -8.32
CA LYS A 481 -13.58 -5.42 -9.64
C LYS A 481 -12.58 -6.05 -10.61
N LYS A 482 -11.33 -6.23 -10.19
CA LYS A 482 -10.29 -6.85 -11.06
C LYS A 482 -10.70 -8.29 -11.37
N ALA A 483 -11.19 -9.05 -10.39
CA ALA A 483 -11.64 -10.44 -10.56
C ALA A 483 -12.72 -10.49 -11.66
N ALA A 484 -13.65 -9.52 -11.65
CA ALA A 484 -14.75 -9.44 -12.65
C ALA A 484 -14.17 -9.33 -14.06
N ASP A 485 -13.09 -8.59 -14.27
CA ASP A 485 -12.44 -8.43 -15.60
C ASP A 485 -11.85 -9.76 -16.07
N TYR A 486 -11.47 -10.66 -15.15
CA TYR A 486 -10.92 -12.01 -15.46
C TYR A 486 -12.03 -13.07 -15.47
N LYS A 487 -13.30 -12.69 -15.29
CA LYS A 487 -14.45 -13.62 -15.14
C LYS A 487 -14.16 -14.58 -13.98
N ILE A 488 -13.76 -14.03 -12.83
CA ILE A 488 -13.45 -14.80 -11.60
C ILE A 488 -14.45 -14.41 -10.51
N MET A 489 -14.99 -15.41 -9.81
CA MET A 489 -15.87 -15.24 -8.63
C MET A 489 -15.01 -15.23 -7.35
N VAL A 490 -15.37 -14.39 -6.39
CA VAL A 490 -14.56 -14.11 -5.17
C VAL A 490 -15.36 -14.48 -3.93
N ASN A 491 -14.71 -15.20 -3.01
CA ASN A 491 -15.19 -15.50 -1.64
C ASN A 491 -14.11 -15.04 -0.66
N ALA A 492 -14.30 -13.90 0.01
CA ALA A 492 -13.26 -13.24 0.83
C ALA A 492 -13.52 -13.43 2.32
N HIS A 493 -12.74 -14.30 2.97
CA HIS A 493 -12.72 -14.46 4.45
C HIS A 493 -12.00 -13.26 5.07
N GLU A 494 -12.44 -12.87 6.28
CA GLU A 494 -11.91 -11.78 7.14
C GLU A 494 -12.10 -10.39 6.52
N ALA A 495 -12.76 -10.27 5.38
CA ALA A 495 -13.09 -8.97 4.76
C ALA A 495 -14.17 -8.26 5.58
N THR A 496 -14.34 -6.96 5.36
CA THR A 496 -15.49 -6.19 5.88
C THR A 496 -16.79 -6.93 5.55
N ARG A 497 -17.70 -7.01 6.52
CA ARG A 497 -19.00 -7.71 6.36
C ARG A 497 -19.83 -7.00 5.28
N PRO A 498 -20.61 -7.77 4.49
CA PRO A 498 -21.29 -7.22 3.31
C PRO A 498 -22.46 -6.27 3.60
N THR A 499 -22.69 -5.39 2.63
CA THR A 499 -23.65 -4.26 2.69
C THR A 499 -24.42 -4.17 1.37
N GLY A 500 -24.55 -5.28 0.64
CA GLY A 500 -25.39 -5.41 -0.56
C GLY A 500 -24.67 -5.07 -1.85
N ILE A 501 -23.35 -4.96 -1.82
CA ILE A 501 -22.55 -4.57 -3.03
C ILE A 501 -22.61 -5.70 -4.07
N CYS A 502 -22.96 -6.93 -3.67
CA CYS A 502 -23.19 -8.06 -4.61
C CYS A 502 -24.19 -7.67 -5.71
N ARG A 503 -25.17 -6.80 -5.44
CA ARG A 503 -26.08 -6.34 -6.51
C ARG A 503 -25.26 -5.70 -7.64
N THR A 504 -24.34 -4.81 -7.27
CA THR A 504 -23.49 -4.03 -8.21
C THR A 504 -22.43 -4.97 -8.82
N TYR A 505 -21.80 -5.81 -8.01
CA TYR A 505 -20.71 -6.74 -8.42
C TYR A 505 -21.09 -8.15 -8.03
N PRO A 506 -22.00 -8.82 -8.79
CA PRO A 506 -22.47 -10.16 -8.43
C PRO A 506 -21.42 -11.28 -8.49
N ASN A 507 -20.17 -10.99 -8.85
CA ASN A 507 -19.08 -12.00 -8.77
C ASN A 507 -18.60 -12.14 -7.32
N LEU A 508 -19.02 -11.24 -6.41
CA LEU A 508 -18.80 -11.42 -4.95
C LEU A 508 -19.85 -12.39 -4.42
N ILE A 509 -19.56 -13.69 -4.52
CA ILE A 509 -20.51 -14.78 -4.21
C ILE A 509 -20.38 -15.17 -2.73
N GLY A 510 -19.39 -14.62 -2.01
CA GLY A 510 -19.27 -14.94 -0.58
C GLY A 510 -18.32 -14.06 0.20
N ASN A 511 -18.59 -14.00 1.50
CA ASN A 511 -17.63 -13.63 2.56
C ASN A 511 -17.83 -14.61 3.71
N GLU A 512 -16.86 -14.72 4.62
CA GLU A 512 -17.11 -15.27 5.97
C GLU A 512 -17.58 -14.08 6.82
N SER A 513 -16.64 -13.29 7.35
CA SER A 513 -16.91 -11.95 7.94
C SER A 513 -17.94 -12.09 9.08
N ALA A 514 -17.81 -13.18 9.82
CA ALA A 514 -18.61 -13.59 10.99
C ALA A 514 -18.03 -14.91 11.50
N ARG A 515 -18.50 -15.40 12.63
CA ARG A 515 -18.02 -16.67 13.23
C ARG A 515 -18.64 -17.84 12.45
N GLY A 516 -17.81 -18.63 11.77
CA GLY A 516 -18.26 -19.74 10.89
C GLY A 516 -18.13 -21.09 11.57
N THR A 517 -18.34 -22.17 10.80
CA THR A 517 -18.23 -23.57 11.26
C THR A 517 -16.80 -23.85 11.76
N GLU A 518 -15.79 -23.16 11.25
CA GLU A 518 -14.39 -23.37 11.70
C GLU A 518 -14.30 -23.27 13.23
N TYR A 519 -15.08 -22.38 13.88
CA TYR A 519 -14.99 -22.18 15.35
C TYR A 519 -15.63 -23.36 16.10
N GLU A 520 -16.39 -24.21 15.41
CA GLU A 520 -16.90 -25.48 15.99
C GLU A 520 -15.72 -26.42 16.28
N SER A 521 -14.57 -26.18 15.65
CA SER A 521 -13.28 -26.91 15.87
C SER A 521 -12.42 -26.21 16.92
N PHE A 522 -12.70 -24.95 17.23
CA PHE A 522 -11.90 -24.10 18.14
C PHE A 522 -12.61 -23.92 19.49
N GLY A 523 -13.52 -24.82 19.85
CA GLY A 523 -14.21 -24.83 21.16
C GLY A 523 -15.71 -24.86 21.03
N GLY A 524 -16.25 -24.46 19.86
CA GLY A 524 -17.69 -24.51 19.55
C GLY A 524 -18.29 -23.13 19.33
N ASN A 525 -19.39 -23.07 18.58
CA ASN A 525 -20.27 -21.88 18.46
C ASN A 525 -21.44 -22.09 19.42
N LYS A 526 -22.08 -21.00 19.88
CA LYS A 526 -23.28 -21.10 20.73
C LYS A 526 -24.34 -21.88 19.96
N VAL A 527 -25.14 -22.67 20.68
CA VAL A 527 -26.17 -23.56 20.07
C VAL A 527 -27.11 -22.70 19.20
N TYR A 528 -27.38 -21.46 19.61
CA TYR A 528 -28.37 -20.57 18.95
C TYR A 528 -27.75 -19.77 17.79
N HIS A 529 -26.47 -19.97 17.47
CA HIS A 529 -25.70 -19.13 16.51
C HIS A 529 -26.45 -18.99 15.19
N THR A 530 -26.88 -20.09 14.58
CA THR A 530 -27.50 -20.11 13.22
C THR A 530 -28.95 -19.61 13.28
N THR A 531 -29.52 -19.38 14.46
CA THR A 531 -30.86 -18.72 14.63
C THR A 531 -30.70 -17.20 14.75
N ILE A 532 -29.46 -16.69 14.74
CA ILE A 532 -29.18 -15.22 14.81
C ILE A 532 -28.55 -14.73 13.50
N LEU A 533 -27.62 -15.48 12.89
CA LEU A 533 -26.86 -15.01 11.70
C LEU A 533 -27.80 -14.49 10.61
N PRO A 534 -28.93 -15.16 10.27
CA PRO A 534 -29.81 -14.65 9.21
C PRO A 534 -30.44 -13.27 9.51
N PHE A 535 -30.58 -12.91 10.78
CA PHE A 535 -31.11 -11.60 11.25
C PHE A 535 -30.02 -10.52 11.31
N THR A 536 -28.74 -10.91 11.28
CA THR A 536 -27.59 -9.98 11.48
C THR A 536 -26.65 -10.05 10.26
N ARG A 537 -25.72 -11.01 10.27
CA ARG A 537 -24.66 -11.15 9.25
C ARG A 537 -25.26 -11.26 7.83
N LEU A 538 -26.35 -12.00 7.62
CA LEU A 538 -26.81 -12.29 6.23
C LEU A 538 -27.49 -11.06 5.61
N VAL A 539 -27.85 -10.07 6.43
CA VAL A 539 -28.38 -8.77 5.92
C VAL A 539 -27.22 -8.05 5.23
N GLY A 540 -27.23 -8.02 3.89
CA GLY A 540 -26.16 -7.39 3.07
C GLY A 540 -25.45 -8.38 2.17
N GLY A 541 -25.56 -9.69 2.42
CA GLY A 541 -25.01 -10.68 1.49
C GLY A 541 -24.79 -12.04 2.13
N PRO A 542 -24.58 -13.08 1.30
CA PRO A 542 -24.47 -14.45 1.79
C PRO A 542 -23.18 -14.70 2.57
N MET A 543 -23.16 -15.78 3.34
CA MET A 543 -22.00 -16.20 4.14
C MET A 543 -21.55 -17.59 3.68
N ASP A 544 -20.24 -17.77 3.55
CA ASP A 544 -19.58 -19.08 3.36
C ASP A 544 -19.42 -19.70 4.76
N TYR A 545 -20.49 -20.28 5.29
CA TYR A 545 -20.58 -20.78 6.69
C TYR A 545 -19.91 -22.15 6.81
N THR A 546 -19.72 -22.84 5.68
CA THR A 546 -19.15 -24.22 5.53
C THR A 546 -19.87 -25.20 6.45
N PRO A 547 -21.20 -25.40 6.26
CA PRO A 547 -21.94 -26.39 7.04
C PRO A 547 -21.62 -27.83 6.60
N GLY A 548 -22.28 -28.81 7.22
CA GLY A 548 -22.30 -30.22 6.79
C GLY A 548 -21.34 -31.09 7.56
N ILE A 549 -21.06 -30.79 8.83
CA ILE A 549 -20.21 -31.67 9.69
C ILE A 549 -21.11 -32.78 10.24
N PHE A 550 -20.81 -34.04 9.92
CA PHE A 550 -21.55 -35.24 10.37
C PHE A 550 -20.85 -35.86 11.58
N GLU A 551 -19.52 -35.93 11.58
CA GLU A 551 -18.75 -36.37 12.76
C GLU A 551 -18.46 -35.14 13.63
N THR A 552 -19.34 -34.87 14.59
CA THR A 552 -19.37 -33.60 15.37
C THR A 552 -18.31 -33.60 16.47
N HIS A 553 -17.69 -34.75 16.77
CA HIS A 553 -16.55 -34.85 17.72
C HIS A 553 -15.25 -34.66 16.94
N CYS A 554 -14.57 -33.53 17.14
CA CYS A 554 -13.32 -33.18 16.41
C CYS A 554 -12.19 -34.14 16.81
N ASN A 555 -12.31 -34.85 17.95
CA ASN A 555 -11.26 -35.79 18.42
C ASN A 555 -11.19 -37.01 17.49
N GLN A 556 -12.19 -37.24 16.62
CA GLN A 556 -12.16 -38.32 15.61
C GLN A 556 -11.26 -37.93 14.43
N MET A 557 -11.04 -36.62 14.20
CA MET A 557 -10.08 -36.10 13.19
C MET A 557 -8.69 -36.00 13.82
N ASN A 558 -8.64 -35.44 15.03
CA ASN A 558 -7.39 -35.12 15.76
C ASN A 558 -7.59 -35.43 17.24
N PRO A 559 -6.99 -36.51 17.79
CA PRO A 559 -7.23 -36.91 19.17
C PRO A 559 -6.94 -35.82 20.22
N ALA A 560 -6.08 -34.85 19.89
CA ALA A 560 -5.69 -33.74 20.79
C ALA A 560 -6.75 -32.63 20.79
N ASN A 561 -7.73 -32.69 19.88
CA ASN A 561 -8.79 -31.65 19.72
C ASN A 561 -10.09 -32.18 20.33
N ASN A 562 -10.54 -31.61 21.45
CA ASN A 562 -11.74 -32.08 22.18
C ASN A 562 -12.92 -31.11 21.93
N SER A 563 -12.86 -30.34 20.86
CA SER A 563 -13.99 -29.46 20.42
C SER A 563 -15.13 -30.33 19.88
N GLN A 564 -16.37 -29.92 20.13
CA GLN A 564 -17.60 -30.60 19.66
C GLN A 564 -18.49 -29.59 18.95
N VAL A 565 -18.92 -29.91 17.73
CA VAL A 565 -19.85 -29.07 16.93
C VAL A 565 -21.19 -29.05 17.68
N ARG A 566 -21.73 -27.86 17.94
CA ARG A 566 -22.98 -27.68 18.73
C ARG A 566 -24.18 -27.83 17.79
N SER A 567 -24.40 -29.05 17.29
CA SER A 567 -25.41 -29.37 16.25
C SER A 567 -25.75 -30.86 16.26
N THR A 568 -26.97 -31.21 15.85
CA THR A 568 -27.33 -32.56 15.37
C THR A 568 -27.02 -32.64 13.87
N ILE A 569 -26.99 -33.84 13.30
CA ILE A 569 -26.80 -34.04 11.84
C ILE A 569 -27.97 -33.39 11.10
N ALA A 570 -29.21 -33.58 11.56
CA ALA A 570 -30.42 -33.02 10.90
C ALA A 570 -30.30 -31.49 10.79
N ARG A 571 -29.77 -30.82 11.82
CA ARG A 571 -29.63 -29.34 11.79
C ARG A 571 -28.54 -28.93 10.78
N GLN A 572 -27.47 -29.71 10.63
CA GLN A 572 -26.42 -29.44 9.60
C GLN A 572 -27.07 -29.46 8.22
N LEU A 573 -28.00 -30.39 7.96
CA LEU A 573 -28.73 -30.47 6.67
C LEU A 573 -29.58 -29.20 6.50
N ALA A 574 -30.22 -28.74 7.57
CA ALA A 574 -31.13 -27.56 7.55
C ALA A 574 -30.37 -26.32 7.09
N LEU A 575 -29.09 -26.18 7.42
CA LEU A 575 -28.33 -24.94 7.15
C LEU A 575 -28.20 -24.68 5.65
N TYR A 576 -28.33 -25.70 4.80
CA TYR A 576 -28.29 -25.52 3.32
C TYR A 576 -29.51 -24.71 2.85
N VAL A 577 -30.54 -24.59 3.70
CA VAL A 577 -31.73 -23.75 3.40
C VAL A 577 -31.76 -22.52 4.32
N THR A 578 -31.37 -22.64 5.59
CA THR A 578 -31.55 -21.55 6.59
C THR A 578 -30.33 -20.61 6.62
N MET A 579 -29.19 -21.01 6.05
CA MET A 579 -28.01 -20.12 5.86
C MET A 579 -27.85 -19.89 4.36
N TYR A 580 -28.60 -18.94 3.81
CA TYR A 580 -28.67 -18.68 2.35
C TYR A 580 -27.27 -18.36 1.82
N SER A 581 -26.89 -19.01 0.72
CA SER A 581 -25.65 -18.70 -0.06
C SER A 581 -25.69 -19.36 -1.42
N PRO A 582 -25.21 -18.67 -2.49
CA PRO A 582 -24.99 -19.33 -3.78
C PRO A 582 -23.72 -20.19 -3.75
N LEU A 583 -22.99 -20.12 -2.63
CA LEU A 583 -21.72 -20.83 -2.39
C LEU A 583 -21.91 -21.69 -1.13
N GLN A 584 -22.00 -23.01 -1.31
CA GLN A 584 -22.31 -23.96 -0.20
C GLN A 584 -21.22 -25.05 -0.16
N MET A 585 -20.52 -25.15 0.95
CA MET A 585 -19.55 -26.24 1.21
C MET A 585 -20.26 -27.38 1.93
N ALA A 586 -19.92 -28.62 1.57
CA ALA A 586 -20.01 -29.82 2.44
C ALA A 586 -18.63 -30.00 3.06
N ALA A 587 -18.46 -29.57 4.31
CA ALA A 587 -17.15 -29.27 4.93
C ALA A 587 -16.47 -30.52 5.49
N ASP A 588 -17.21 -31.62 5.71
CA ASP A 588 -16.63 -32.84 6.35
C ASP A 588 -15.76 -33.57 5.32
N ILE A 589 -15.00 -34.56 5.76
CA ILE A 589 -14.13 -35.39 4.88
C ILE A 589 -15.01 -36.48 4.24
N PRO A 590 -14.70 -36.87 2.97
CA PRO A 590 -15.49 -37.88 2.25
C PRO A 590 -15.78 -39.17 3.05
N GLU A 591 -14.78 -39.65 3.79
CA GLU A 591 -14.85 -40.88 4.64
C GLU A 591 -16.04 -40.77 5.61
N ASN A 592 -16.27 -39.59 6.20
CA ASN A 592 -17.36 -39.36 7.19
C ASN A 592 -18.70 -39.33 6.47
N TYR A 593 -18.77 -38.75 5.27
CA TYR A 593 -20.02 -38.72 4.46
C TYR A 593 -20.40 -40.14 4.05
N GLU A 594 -19.41 -41.00 3.76
CA GLU A 594 -19.63 -42.40 3.33
C GLU A 594 -20.29 -43.22 4.45
N ARG A 595 -20.12 -42.81 5.71
CA ARG A 595 -20.74 -43.49 6.88
C ARG A 595 -22.23 -43.14 6.97
N PHE A 596 -22.67 -42.01 6.41
CA PHE A 596 -24.05 -41.48 6.55
C PHE A 596 -24.60 -41.01 5.19
N MET A 597 -24.46 -41.85 4.16
CA MET A 597 -24.80 -41.46 2.76
C MET A 597 -26.30 -41.23 2.63
N ASP A 598 -27.12 -41.87 3.47
CA ASP A 598 -28.59 -41.67 3.47
C ASP A 598 -28.89 -40.20 3.82
N ALA A 599 -28.27 -39.66 4.87
CA ALA A 599 -28.41 -38.24 5.28
C ALA A 599 -27.75 -37.32 4.24
N PHE A 600 -26.63 -37.76 3.66
CA PHE A 600 -25.85 -36.96 2.68
C PHE A 600 -26.68 -36.66 1.43
N GLN A 601 -27.69 -37.49 1.15
CA GLN A 601 -28.58 -37.33 -0.02
C GLN A 601 -29.18 -35.92 -0.06
N PHE A 602 -29.51 -35.34 1.11
CA PHE A 602 -30.11 -33.98 1.15
C PHE A 602 -29.10 -32.95 0.62
N ILE A 603 -27.83 -33.06 1.02
CA ILE A 603 -26.75 -32.13 0.56
C ILE A 603 -26.58 -32.31 -0.95
N LYS A 604 -26.68 -33.53 -1.47
CA LYS A 604 -26.57 -33.82 -2.92
C LYS A 604 -27.74 -33.17 -3.67
N ASP A 605 -28.95 -33.24 -3.11
CA ASP A 605 -30.20 -32.84 -3.80
C ASP A 605 -30.38 -31.31 -3.75
N VAL A 606 -30.01 -30.66 -2.65
CA VAL A 606 -30.43 -29.26 -2.34
C VAL A 606 -29.89 -28.30 -3.42
N ALA A 607 -30.73 -27.35 -3.84
CA ALA A 607 -30.40 -26.31 -4.84
C ALA A 607 -29.61 -25.21 -4.15
N LEU A 608 -29.05 -24.29 -4.94
CA LEU A 608 -28.20 -23.16 -4.46
C LEU A 608 -28.83 -21.81 -4.82
N ASP A 609 -29.88 -21.83 -5.63
CA ASP A 609 -30.44 -20.62 -6.27
C ASP A 609 -31.96 -20.80 -6.38
N TRP A 610 -32.72 -19.72 -6.20
CA TRP A 610 -34.14 -19.81 -5.79
C TRP A 610 -34.98 -18.82 -6.59
N ASP A 611 -36.18 -19.26 -7.01
CA ASP A 611 -37.18 -18.40 -7.68
C ASP A 611 -38.09 -17.75 -6.64
N LYS A 612 -38.19 -18.33 -5.44
CA LYS A 612 -39.05 -17.81 -4.35
C LYS A 612 -38.57 -18.35 -3.00
N THR A 613 -38.66 -17.51 -1.96
CA THR A 613 -38.42 -17.89 -0.55
C THR A 613 -39.63 -17.47 0.28
N ILE A 614 -40.09 -18.38 1.16
CA ILE A 614 -41.12 -18.10 2.19
C ILE A 614 -40.50 -18.35 3.56
N TYR A 615 -40.50 -17.33 4.42
CA TYR A 615 -40.05 -17.44 5.83
C TYR A 615 -41.24 -17.92 6.65
N LEU A 616 -41.27 -19.21 6.97
CA LEU A 616 -42.45 -19.88 7.58
C LEU A 616 -42.51 -19.55 9.08
N GLU A 617 -41.36 -19.63 9.76
CA GLU A 617 -41.22 -19.35 11.21
C GLU A 617 -39.89 -18.65 11.44
N ALA A 618 -39.87 -17.64 12.31
CA ALA A 618 -38.61 -16.94 12.67
C ALA A 618 -38.76 -16.25 14.02
N GLU A 619 -37.88 -16.58 14.96
CA GLU A 619 -37.64 -15.84 16.21
C GLU A 619 -36.13 -15.83 16.44
N PRO A 620 -35.46 -14.66 16.48
CA PRO A 620 -34.01 -14.62 16.69
C PRO A 620 -33.64 -15.31 18.01
N GLY A 621 -32.62 -16.17 17.98
CA GLY A 621 -32.11 -16.90 19.16
C GLY A 621 -32.87 -18.18 19.46
N GLU A 622 -33.96 -18.47 18.74
CA GLU A 622 -34.88 -19.60 19.09
C GLU A 622 -35.08 -20.56 17.91
N TYR A 623 -35.53 -20.07 16.75
CA TYR A 623 -35.86 -20.94 15.59
C TYR A 623 -35.94 -20.12 14.30
N ILE A 624 -35.56 -20.75 13.19
CA ILE A 624 -35.77 -20.23 11.81
C ILE A 624 -36.18 -21.40 10.93
N THR A 625 -37.32 -21.27 10.25
CA THR A 625 -37.85 -22.25 9.27
C THR A 625 -38.11 -21.53 7.95
N ILE A 626 -37.50 -22.01 6.87
CA ILE A 626 -37.55 -21.35 5.54
C ILE A 626 -37.85 -22.41 4.49
N ALA A 627 -38.75 -22.07 3.55
CA ALA A 627 -39.08 -22.85 2.35
C ALA A 627 -38.57 -22.08 1.13
N ARG A 628 -37.89 -22.76 0.21
CA ARG A 628 -37.36 -22.12 -1.01
C ARG A 628 -37.69 -22.98 -2.23
N LYS A 629 -38.04 -22.33 -3.33
CA LYS A 629 -38.39 -22.97 -4.62
C LYS A 629 -37.14 -22.95 -5.52
N ALA A 630 -36.61 -24.12 -5.86
CA ALA A 630 -35.36 -24.26 -6.67
C ALA A 630 -35.58 -23.58 -8.02
N LYS A 631 -34.66 -22.69 -8.40
CA LYS A 631 -34.79 -21.83 -9.60
C LYS A 631 -35.05 -22.71 -10.83
N GLY A 632 -36.07 -22.36 -11.62
CA GLY A 632 -36.41 -23.03 -12.89
C GLY A 632 -37.18 -24.32 -12.68
N THR A 633 -37.60 -24.63 -11.45
CA THR A 633 -38.29 -25.90 -11.09
C THR A 633 -39.55 -25.62 -10.27
N ASP A 634 -40.35 -26.66 -10.02
CA ASP A 634 -41.47 -26.65 -9.05
C ASP A 634 -41.08 -27.44 -7.80
N ASP A 635 -39.78 -27.64 -7.59
CA ASP A 635 -39.24 -28.35 -6.41
C ASP A 635 -38.99 -27.33 -5.29
N TRP A 636 -39.28 -27.73 -4.05
CA TRP A 636 -39.10 -26.88 -2.84
C TRP A 636 -38.16 -27.60 -1.87
N TYR A 637 -37.40 -26.82 -1.11
CA TYR A 637 -36.50 -27.30 -0.04
C TYR A 637 -36.83 -26.50 1.21
N ILE A 638 -36.93 -27.19 2.35
CA ILE A 638 -37.24 -26.58 3.66
C ILE A 638 -36.10 -26.92 4.63
N GLY A 639 -35.72 -25.95 5.45
CA GLY A 639 -34.83 -26.18 6.60
C GLY A 639 -35.38 -25.51 7.84
N CYS A 640 -35.18 -26.15 9.00
CA CYS A 640 -35.45 -25.57 10.32
C CYS A 640 -34.20 -25.72 11.18
N THR A 641 -33.71 -24.63 11.76
CA THR A 641 -32.61 -24.61 12.76
C THR A 641 -33.17 -24.08 14.07
N ALA A 642 -32.86 -24.75 15.19
CA ALA A 642 -33.43 -24.46 16.52
C ALA A 642 -32.31 -24.21 17.54
N GLY A 643 -32.63 -23.46 18.60
CA GLY A 643 -31.71 -23.09 19.68
C GLY A 643 -31.66 -24.12 20.80
N GLU A 644 -31.38 -23.64 22.02
CA GLU A 644 -31.00 -24.47 23.20
C GLU A 644 -32.16 -25.38 23.62
N ASN A 645 -33.41 -24.98 23.36
CA ASN A 645 -34.63 -25.69 23.84
C ASN A 645 -35.34 -26.41 22.68
N GLY A 646 -34.73 -26.46 21.50
CA GLY A 646 -35.36 -27.08 20.32
C GLY A 646 -36.55 -26.27 19.84
N HIS A 647 -37.47 -26.90 19.12
CA HIS A 647 -38.63 -26.21 18.50
C HIS A 647 -39.70 -27.24 18.13
N ASP A 648 -40.96 -26.78 18.07
CA ASP A 648 -42.11 -27.55 17.53
C ASP A 648 -42.69 -26.74 16.36
N SER A 649 -42.69 -27.34 15.16
CA SER A 649 -43.27 -26.76 13.91
C SER A 649 -44.59 -27.44 13.62
N GLN A 650 -45.61 -26.67 13.24
CA GLN A 650 -46.84 -27.18 12.59
C GLN A 650 -46.85 -26.64 11.15
N LEU A 651 -46.30 -27.41 10.20
CA LEU A 651 -46.11 -26.98 8.79
C LEU A 651 -47.39 -27.22 7.99
N THR A 652 -47.74 -26.25 7.15
CA THR A 652 -48.77 -26.34 6.10
C THR A 652 -48.08 -26.00 4.77
N PHE A 653 -48.63 -26.47 3.65
CA PHE A 653 -47.93 -26.50 2.34
C PHE A 653 -48.77 -25.81 1.26
N ASP A 654 -49.47 -24.72 1.61
CA ASP A 654 -50.36 -23.98 0.67
C ASP A 654 -49.53 -23.25 -0.39
N PHE A 655 -48.20 -23.18 -0.22
CA PHE A 655 -47.26 -22.56 -1.21
C PHE A 655 -47.00 -23.53 -2.38
N LEU A 656 -47.31 -24.82 -2.21
CA LEU A 656 -47.23 -25.83 -3.30
C LEU A 656 -48.36 -25.57 -4.30
N GLU A 657 -48.22 -26.08 -5.52
CA GLU A 657 -49.14 -25.83 -6.65
C GLU A 657 -50.37 -26.71 -6.50
N PRO A 658 -51.60 -26.15 -6.63
CA PRO A 658 -52.82 -26.95 -6.56
C PRO A 658 -52.80 -28.12 -7.56
N GLY A 659 -53.14 -29.32 -7.08
CA GLY A 659 -53.31 -30.53 -7.91
C GLY A 659 -52.03 -31.33 -8.05
N LYS A 660 -50.85 -30.70 -7.91
CA LYS A 660 -49.54 -31.37 -8.11
C LYS A 660 -49.21 -32.23 -6.88
N GLN A 661 -48.61 -33.40 -7.12
CA GLN A 661 -48.12 -34.32 -6.06
C GLN A 661 -46.60 -34.25 -6.05
N TYR A 662 -46.01 -34.41 -4.87
CA TYR A 662 -44.55 -34.26 -4.65
C TYR A 662 -44.06 -35.46 -3.84
N VAL A 663 -42.85 -35.92 -4.15
CA VAL A 663 -42.10 -36.86 -3.27
C VAL A 663 -41.40 -36.01 -2.21
N ALA A 664 -41.88 -36.08 -0.97
CA ALA A 664 -41.28 -35.38 0.19
C ALA A 664 -40.34 -36.35 0.90
N THR A 665 -39.13 -35.90 1.21
CA THR A 665 -38.18 -36.63 2.10
C THR A 665 -37.90 -35.72 3.31
N VAL A 666 -38.32 -36.17 4.49
CA VAL A 666 -38.11 -35.44 5.78
C VAL A 666 -36.88 -36.05 6.46
N TYR A 667 -35.83 -35.24 6.63
CA TYR A 667 -34.61 -35.57 7.41
C TYR A 667 -34.77 -34.89 8.77
N ALA A 668 -35.03 -35.66 9.83
CA ALA A 668 -35.45 -35.14 11.15
C ALA A 668 -34.56 -35.71 12.27
N ASP A 669 -34.53 -35.03 13.41
CA ASP A 669 -33.90 -35.53 14.65
C ASP A 669 -34.69 -36.75 15.13
N ALA A 670 -34.01 -37.83 15.52
CA ALA A 670 -34.63 -38.97 16.23
C ALA A 670 -35.20 -38.46 17.55
N LYS A 671 -36.12 -39.21 18.17
CA LYS A 671 -36.83 -38.78 19.41
C LYS A 671 -35.81 -38.54 20.54
N ASP A 672 -34.70 -39.27 20.55
CA ASP A 672 -33.66 -39.20 21.62
C ASP A 672 -32.44 -38.38 21.16
N ALA A 673 -32.55 -37.64 20.06
CA ALA A 673 -31.44 -36.81 19.52
C ALA A 673 -31.16 -35.63 20.46
N ASP A 674 -29.92 -35.15 20.47
CA ASP A 674 -29.47 -33.99 21.28
C ASP A 674 -28.10 -33.57 20.76
N TRP A 675 -27.85 -32.27 20.58
CA TRP A 675 -26.56 -31.79 20.01
C TRP A 675 -25.37 -32.36 20.82
N LYS A 676 -25.49 -32.45 22.14
CA LYS A 676 -24.38 -32.81 23.05
C LYS A 676 -24.31 -34.33 23.24
N ASP A 677 -25.42 -34.97 23.60
CA ASP A 677 -25.46 -36.37 24.09
C ASP A 677 -25.74 -37.37 22.96
N ASN A 678 -26.30 -36.94 21.82
CA ASN A 678 -26.75 -37.88 20.76
C ASN A 678 -26.96 -37.14 19.44
N PRO A 679 -25.91 -36.53 18.86
CA PRO A 679 -26.06 -35.69 17.67
C PRO A 679 -26.29 -36.43 16.35
N GLN A 680 -25.95 -37.72 16.26
CA GLN A 680 -25.96 -38.48 14.98
C GLN A 680 -27.25 -39.30 14.86
N ALA A 681 -28.23 -39.05 15.74
CA ALA A 681 -29.53 -39.75 15.77
C ALA A 681 -30.52 -38.98 14.89
N TYR A 682 -30.80 -39.52 13.69
CA TYR A 682 -31.75 -38.91 12.72
C TYR A 682 -32.66 -40.00 12.15
N THR A 683 -33.78 -39.57 11.59
CA THR A 683 -34.72 -40.41 10.80
C THR A 683 -34.87 -39.79 9.41
N ILE A 684 -35.16 -40.62 8.41
CA ILE A 684 -35.46 -40.17 7.01
C ILE A 684 -36.75 -40.87 6.58
N LYS A 685 -37.76 -40.09 6.21
CA LYS A 685 -39.11 -40.60 5.82
C LYS A 685 -39.52 -40.00 4.48
N LYS A 686 -39.80 -40.85 3.50
CA LYS A 686 -40.31 -40.48 2.16
C LYS A 686 -41.82 -40.71 2.12
N GLY A 687 -42.54 -39.78 1.50
CA GLY A 687 -44.01 -39.89 1.31
C GLY A 687 -44.48 -38.95 0.22
N ILE A 688 -45.75 -39.08 -0.15
CA ILE A 688 -46.40 -38.17 -1.15
C ILE A 688 -46.96 -36.97 -0.38
N LEU A 689 -46.64 -35.76 -0.85
CA LEU A 689 -47.06 -34.47 -0.24
C LEU A 689 -47.84 -33.67 -1.28
N ASN A 690 -48.76 -32.81 -0.84
CA ASN A 690 -49.48 -31.85 -1.71
C ASN A 690 -49.80 -30.59 -0.90
N ASN A 691 -50.47 -29.62 -1.52
CA ASN A 691 -50.75 -28.30 -0.90
C ASN A 691 -51.75 -28.44 0.26
N LYS A 692 -52.41 -29.60 0.41
CA LYS A 692 -53.35 -29.89 1.54
C LYS A 692 -52.64 -30.64 2.67
N SER A 693 -51.36 -31.03 2.50
CA SER A 693 -50.59 -31.79 3.51
C SER A 693 -50.33 -30.91 4.73
N LYS A 694 -50.22 -31.54 5.92
CA LYS A 694 -49.77 -30.91 7.18
C LYS A 694 -48.75 -31.85 7.83
N LEU A 695 -47.66 -31.30 8.38
CA LEU A 695 -46.62 -32.06 9.13
C LEU A 695 -46.30 -31.32 10.42
N ASN A 696 -46.34 -32.05 11.54
CA ASN A 696 -45.87 -31.57 12.86
C ASN A 696 -44.50 -32.22 13.11
N LEU A 697 -43.47 -31.41 13.35
CA LEU A 697 -42.07 -31.88 13.52
C LEU A 697 -41.47 -31.26 14.78
N HIS A 698 -40.70 -32.05 15.51
CA HIS A 698 -39.94 -31.63 16.73
C HIS A 698 -38.45 -31.51 16.36
N ALA A 699 -37.86 -30.36 16.65
CA ALA A 699 -36.39 -30.14 16.57
C ALA A 699 -35.80 -30.40 17.96
N ALA A 700 -34.76 -31.24 18.02
CA ALA A 700 -33.99 -31.51 19.25
C ALA A 700 -33.29 -30.23 19.70
N ASN A 701 -32.73 -30.24 20.92
CA ASN A 701 -31.88 -29.14 21.43
C ASN A 701 -30.65 -29.05 20.53
N GLY A 702 -30.42 -27.88 19.91
CA GLY A 702 -29.40 -27.68 18.87
C GLY A 702 -29.68 -28.54 17.65
N GLY A 703 -30.96 -28.84 17.41
CA GLY A 703 -31.41 -29.70 16.31
C GLY A 703 -32.17 -28.90 15.26
N GLY A 704 -32.92 -29.61 14.43
CA GLY A 704 -33.63 -29.05 13.27
C GLY A 704 -34.10 -30.16 12.35
N TYR A 705 -34.44 -29.81 11.11
CA TYR A 705 -34.87 -30.80 10.10
C TYR A 705 -34.69 -30.19 8.71
N ALA A 706 -34.66 -31.04 7.69
CA ALA A 706 -34.56 -30.66 6.28
C ALA A 706 -35.61 -31.47 5.50
N ILE A 707 -36.24 -30.86 4.51
CA ILE A 707 -37.25 -31.54 3.65
C ILE A 707 -36.95 -31.21 2.19
N SER A 708 -36.79 -32.23 1.36
CA SER A 708 -36.82 -32.10 -0.12
C SER A 708 -38.24 -32.42 -0.59
N ILE A 709 -38.79 -31.56 -1.47
CA ILE A 709 -40.18 -31.69 -1.99
C ILE A 709 -40.08 -31.60 -3.51
N LYS A 710 -39.99 -32.77 -4.17
CA LYS A 710 -39.72 -32.87 -5.63
C LYS A 710 -41.01 -33.28 -6.34
N GLU A 711 -41.43 -32.45 -7.31
CA GLU A 711 -42.64 -32.64 -8.14
C GLU A 711 -42.59 -34.03 -8.79
N VAL A 712 -43.67 -34.79 -8.71
CA VAL A 712 -43.87 -36.05 -9.51
C VAL A 712 -44.30 -35.64 -10.92
N GLN B 8 41.46 -4.48 21.90
CA GLN B 8 41.80 -5.94 21.89
C GLN B 8 41.86 -6.43 20.43
N GLN B 9 40.89 -6.09 19.58
CA GLN B 9 40.97 -6.39 18.11
C GLN B 9 41.44 -5.14 17.38
N LYS B 10 42.42 -5.30 16.46
CA LYS B 10 43.04 -4.19 15.70
C LYS B 10 42.96 -4.50 14.20
N LEU B 11 42.68 -3.49 13.39
CA LEU B 11 42.60 -3.57 11.90
C LEU B 11 43.25 -2.30 11.35
N THR B 12 44.12 -2.45 10.34
CA THR B 12 44.81 -1.32 9.68
C THR B 12 44.45 -1.33 8.18
N SER B 13 44.42 -0.15 7.57
CA SER B 13 44.21 0.02 6.11
C SER B 13 45.34 -0.67 5.35
N PRO B 14 45.14 -1.05 4.07
CA PRO B 14 46.21 -1.60 3.25
C PRO B 14 47.52 -0.79 3.29
N ASP B 15 47.43 0.54 3.32
CA ASP B 15 48.61 1.45 3.25
C ASP B 15 49.16 1.75 4.66
N GLY B 16 48.43 1.37 5.72
CA GLY B 16 48.86 1.46 7.13
C GLY B 16 48.46 2.77 7.81
N ASN B 17 47.83 3.71 7.09
CA ASN B 17 47.56 5.08 7.60
C ASN B 17 46.33 5.10 8.52
N LEU B 18 45.37 4.18 8.33
CA LEU B 18 44.14 4.11 9.18
C LEU B 18 44.23 2.90 10.10
N VAL B 19 43.86 3.09 11.37
CA VAL B 19 43.80 2.02 12.40
C VAL B 19 42.42 2.04 13.07
N LEU B 20 41.71 0.92 13.00
CA LEU B 20 40.48 0.65 13.78
C LEU B 20 40.86 -0.25 14.97
N THR B 21 40.34 0.05 16.15
CA THR B 21 40.37 -0.89 17.31
C THR B 21 38.92 -1.18 17.68
N PHE B 22 38.65 -2.44 18.03
CA PHE B 22 37.34 -2.92 18.49
C PHE B 22 37.53 -3.66 19.81
N GLN B 23 36.65 -3.38 20.78
CA GLN B 23 36.52 -4.20 22.00
C GLN B 23 35.10 -4.08 22.53
N VAL B 24 34.67 -5.11 23.25
CA VAL B 24 33.45 -5.09 24.09
C VAL B 24 33.84 -4.38 25.38
N ASN B 25 33.11 -3.31 25.77
CA ASN B 25 33.43 -2.52 26.98
C ASN B 25 32.92 -3.28 28.21
N LYS B 26 33.05 -2.70 29.41
CA LYS B 26 32.75 -3.37 30.70
C LYS B 26 31.25 -3.67 30.82
N GLU B 27 30.38 -2.93 30.12
CA GLU B 27 28.91 -3.15 30.11
C GLU B 27 28.54 -4.21 29.08
N GLY B 28 29.50 -4.65 28.27
CA GLY B 28 29.26 -5.60 27.16
C GLY B 28 28.76 -4.90 25.90
N ALA B 29 28.95 -3.59 25.80
CA ALA B 29 28.59 -2.78 24.61
C ALA B 29 29.72 -2.88 23.59
N PRO B 30 29.45 -3.28 22.34
CA PRO B 30 30.46 -3.29 21.29
C PRO B 30 30.95 -1.85 21.06
N THR B 31 32.27 -1.64 21.03
CA THR B 31 32.91 -0.31 20.94
C THR B 31 33.98 -0.33 19.84
N TYR B 32 34.07 0.74 19.05
CA TYR B 32 35.13 0.91 18.02
C TYR B 32 35.67 2.34 18.10
N ASP B 33 36.88 2.53 17.57
CA ASP B 33 37.49 3.87 17.35
C ASP B 33 38.27 3.81 16.04
N LEU B 34 38.68 4.98 15.53
CA LEU B 34 39.36 5.10 14.23
C LEU B 34 40.37 6.25 14.31
N THR B 35 41.60 5.98 13.90
CA THR B 35 42.68 7.01 13.78
C THR B 35 43.14 7.06 12.32
N TYR B 36 43.61 8.23 11.89
CA TYR B 36 44.15 8.49 10.54
C TYR B 36 45.47 9.25 10.68
N LYS B 37 46.57 8.63 10.24
CA LYS B 37 47.94 9.21 10.35
C LYS B 37 48.17 9.71 11.78
N GLY B 38 47.75 8.94 12.78
CA GLY B 38 47.98 9.23 14.21
C GLY B 38 46.95 10.17 14.82
N LYS B 39 46.00 10.69 14.03
CA LYS B 39 44.97 11.65 14.51
C LYS B 39 43.67 10.90 14.78
N VAL B 40 43.02 11.18 15.92
CA VAL B 40 41.68 10.59 16.25
C VAL B 40 40.67 11.12 15.23
N VAL B 41 39.97 10.21 14.55
CA VAL B 41 38.84 10.49 13.61
C VAL B 41 37.53 10.17 14.34
N ILE B 42 37.44 8.97 14.91
CA ILE B 42 36.28 8.51 15.74
C ILE B 42 36.82 8.14 17.13
N LYS B 43 36.40 8.86 18.16
CA LYS B 43 36.63 8.50 19.58
C LYS B 43 35.86 7.22 19.88
N PRO B 44 36.17 6.51 20.99
CA PRO B 44 35.43 5.31 21.38
C PRO B 44 33.92 5.51 21.26
N SER B 45 33.28 4.69 20.43
CA SER B 45 31.87 4.80 19.99
C SER B 45 31.17 3.45 20.12
N THR B 46 30.00 3.41 20.75
CA THR B 46 29.25 2.14 20.99
C THR B 46 28.37 1.83 19.78
N LEU B 47 28.07 0.55 19.60
CA LEU B 47 27.19 0.01 18.52
C LEU B 47 26.10 -0.84 19.18
N GLY B 48 25.01 -1.07 18.47
CA GLY B 48 23.91 -1.92 18.95
C GLY B 48 22.56 -1.34 18.59
N LEU B 49 21.51 -2.07 18.93
CA LEU B 49 20.11 -1.73 18.61
C LEU B 49 19.23 -2.01 19.83
N GLU B 50 18.14 -1.26 19.99
CA GLU B 50 17.03 -1.64 20.89
C GLU B 50 15.89 -2.17 20.01
N LEU B 51 15.33 -3.32 20.38
CA LEU B 51 14.23 -3.99 19.65
C LEU B 51 12.91 -3.67 20.34
N LYS B 52 11.82 -3.70 19.59
CA LYS B 52 10.45 -3.53 20.14
C LYS B 52 10.15 -4.72 21.06
N LYS B 53 9.53 -4.47 22.20
CA LYS B 53 9.06 -5.50 23.16
C LYS B 53 8.05 -6.42 22.44
N GLU B 54 8.09 -7.73 22.71
CA GLU B 54 7.28 -8.78 22.04
C GLU B 54 5.80 -8.40 22.09
N ASP B 73 11.66 -8.16 28.97
CA ASP B 73 12.52 -6.98 29.28
C ASP B 73 13.85 -7.11 28.52
N SER B 74 14.64 -8.15 28.81
CA SER B 74 16.03 -8.33 28.30
C SER B 74 16.03 -8.54 26.78
N LYS B 75 14.98 -9.11 26.20
CA LYS B 75 14.91 -9.43 24.75
C LYS B 75 14.97 -8.14 23.91
N SER B 76 14.51 -7.01 24.44
CA SER B 76 14.54 -5.70 23.75
C SER B 76 15.99 -5.19 23.63
N ASN B 77 16.89 -5.69 24.48
CA ASN B 77 18.30 -5.24 24.56
C ASN B 77 19.15 -5.98 23.52
N LEU B 78 19.56 -5.30 22.46
CA LEU B 78 20.60 -5.79 21.51
C LEU B 78 21.72 -4.76 21.42
N TYR B 79 22.08 -4.14 22.54
CA TYR B 79 23.08 -3.04 22.61
C TYR B 79 24.17 -3.30 23.67
N ASN B 80 23.97 -4.20 24.64
CA ASN B 80 25.05 -4.55 25.61
C ASN B 80 24.83 -5.96 26.17
N GLY B 81 25.70 -6.37 27.09
CA GLY B 81 25.76 -7.75 27.61
C GLY B 81 26.32 -8.71 26.58
N PHE B 82 27.07 -8.22 25.60
CA PHE B 82 27.73 -9.05 24.56
C PHE B 82 29.08 -9.57 25.08
N LYS B 83 29.48 -10.74 24.58
CA LYS B 83 30.82 -11.33 24.77
C LYS B 83 31.43 -11.52 23.37
N LEU B 84 32.70 -11.18 23.20
CA LEU B 84 33.43 -11.46 21.93
C LEU B 84 33.65 -12.98 21.84
N LYS B 85 32.91 -13.63 20.96
CA LYS B 85 32.89 -15.11 20.83
C LYS B 85 34.04 -15.54 19.90
N ASP B 86 34.24 -14.81 18.81
CA ASP B 86 35.29 -15.11 17.80
C ASP B 86 35.52 -13.87 16.94
N ALA B 87 36.62 -13.86 16.21
CA ALA B 87 36.99 -12.77 15.30
C ALA B 87 37.92 -13.33 14.23
N GLN B 88 37.94 -12.71 13.05
CA GLN B 88 38.98 -12.96 12.03
C GLN B 88 39.26 -11.67 11.26
N THR B 89 40.47 -11.57 10.72
CA THR B 89 40.87 -10.49 9.79
C THR B 89 41.24 -11.17 8.46
N THR B 90 40.76 -10.60 7.36
CA THR B 90 41.01 -11.06 5.98
C THR B 90 41.35 -9.83 5.14
N THR B 91 41.88 -10.03 3.94
CA THR B 91 42.18 -8.95 2.97
C THR B 91 41.43 -9.27 1.68
N PHE B 92 41.10 -8.23 0.92
CA PHE B 92 40.35 -8.33 -0.36
C PHE B 92 40.91 -7.28 -1.32
N ASP B 93 41.11 -7.66 -2.58
CA ASP B 93 41.64 -6.75 -3.62
C ASP B 93 41.15 -7.24 -4.98
N GLU B 94 40.10 -6.60 -5.51
CA GLU B 94 39.57 -6.88 -6.87
C GLU B 94 39.18 -5.55 -7.51
N THR B 95 39.18 -5.53 -8.84
CA THR B 95 38.83 -4.36 -9.68
C THR B 95 37.64 -4.76 -10.54
N TRP B 96 36.65 -3.86 -10.65
CA TRP B 96 35.40 -4.09 -11.41
C TRP B 96 35.10 -2.86 -12.28
N GLN B 97 34.23 -3.02 -13.27
CA GLN B 97 33.91 -1.96 -14.26
C GLN B 97 32.46 -1.53 -14.10
N PRO B 98 32.21 -0.25 -13.74
CA PRO B 98 30.86 0.28 -13.75
C PRO B 98 30.29 0.22 -15.19
N VAL B 99 28.96 0.12 -15.31
CA VAL B 99 28.26 0.24 -16.62
C VAL B 99 28.42 1.69 -17.10
N TRP B 100 28.27 2.63 -16.17
CA TRP B 100 28.47 4.10 -16.36
C TRP B 100 29.11 4.64 -15.09
N GLY B 101 29.90 5.70 -15.19
CA GLY B 101 30.61 6.20 -14.01
C GLY B 101 31.62 7.28 -14.31
N GLU B 102 32.38 7.64 -13.27
CA GLU B 102 33.42 8.69 -13.29
C GLU B 102 34.73 8.10 -13.82
N GLU B 103 34.83 6.77 -13.91
CA GLU B 103 36.05 6.09 -14.47
C GLU B 103 35.68 4.70 -14.98
N LYS B 104 36.58 4.11 -15.78
CA LYS B 104 36.38 2.79 -16.44
C LYS B 104 36.43 1.68 -15.39
N GLU B 105 37.33 1.80 -14.41
CA GLU B 105 37.66 0.74 -13.43
C GLU B 105 37.68 1.30 -12.02
N ILE B 106 37.14 0.55 -11.08
CA ILE B 106 37.16 0.89 -9.63
C ILE B 106 37.86 -0.25 -8.90
N ARG B 107 38.88 0.07 -8.11
CA ARG B 107 39.57 -0.91 -7.24
C ARG B 107 38.81 -1.01 -5.92
N ASN B 108 38.51 -2.24 -5.52
CA ASN B 108 37.88 -2.59 -4.22
C ASN B 108 38.94 -3.30 -3.38
N GLN B 109 39.68 -2.54 -2.57
CA GLN B 109 40.80 -3.06 -1.73
C GLN B 109 40.58 -2.64 -0.28
N TYR B 110 40.46 -3.63 0.61
CA TYR B 110 40.23 -3.41 2.05
C TYR B 110 40.80 -4.58 2.86
N ASN B 111 41.06 -4.31 4.13
CA ASN B 111 41.22 -5.33 5.19
C ASN B 111 39.90 -5.38 5.97
N GLU B 112 39.46 -6.59 6.33
CA GLU B 112 38.15 -6.80 6.99
C GLU B 112 38.35 -7.41 8.37
N LEU B 113 37.67 -6.87 9.37
CA LEU B 113 37.50 -7.49 10.70
C LEU B 113 36.04 -7.91 10.84
N ALA B 114 35.80 -9.20 11.06
CA ALA B 114 34.48 -9.76 11.41
C ALA B 114 34.53 -10.22 12.87
N VAL B 115 33.61 -9.73 13.70
CA VAL B 115 33.49 -10.14 15.14
C VAL B 115 32.13 -10.81 15.34
N ILE B 116 32.14 -11.98 15.97
CA ILE B 116 30.91 -12.71 16.41
C ILE B 116 30.67 -12.35 17.88
N LEU B 117 29.53 -11.72 18.16
CA LEU B 117 29.18 -11.20 19.51
C LEU B 117 27.98 -12.00 20.03
N PHE B 118 28.19 -12.73 21.14
CA PHE B 118 27.18 -13.59 21.78
C PHE B 118 26.62 -12.87 23.00
N GLN B 119 25.28 -12.92 23.15
CA GLN B 119 24.54 -12.32 24.27
C GLN B 119 23.98 -13.45 25.13
N PRO B 120 24.71 -13.90 26.18
CA PRO B 120 24.24 -15.02 27.01
C PRO B 120 22.82 -14.87 27.57
N MET B 121 22.43 -13.67 27.98
CA MET B 121 21.13 -13.45 28.67
C MET B 121 19.96 -13.70 27.70
N ASN B 122 20.19 -13.54 26.39
CA ASN B 122 19.14 -13.75 25.35
C ASN B 122 19.49 -14.93 24.45
N ASP B 123 20.61 -15.62 24.70
CA ASP B 123 21.02 -16.85 23.97
C ASP B 123 20.99 -16.58 22.46
N ARG B 124 21.60 -15.49 22.01
CA ARG B 124 21.62 -15.12 20.58
C ARG B 124 22.92 -14.39 20.24
N SER B 125 23.33 -14.47 18.97
CA SER B 125 24.56 -13.85 18.42
C SER B 125 24.21 -12.87 17.32
N ILE B 126 25.04 -11.83 17.17
CA ILE B 126 25.11 -10.97 15.95
C ILE B 126 26.56 -10.97 15.46
N VAL B 127 26.76 -10.54 14.23
CA VAL B 127 28.10 -10.31 13.63
C VAL B 127 28.20 -8.82 13.33
N VAL B 128 29.33 -8.20 13.66
CA VAL B 128 29.66 -6.84 13.16
C VAL B 128 30.86 -6.99 12.22
N ARG B 129 30.70 -6.50 10.99
CA ARG B 129 31.73 -6.60 9.93
C ARG B 129 32.26 -5.20 9.64
N PHE B 130 33.58 -5.02 9.77
CA PHE B 130 34.33 -3.77 9.49
C PHE B 130 35.20 -3.95 8.25
N ARG B 131 35.08 -3.04 7.28
CA ARG B 131 35.95 -3.00 6.09
C ARG B 131 36.72 -1.67 6.11
N LEU B 132 38.06 -1.78 6.19
CA LEU B 132 38.96 -0.61 6.31
C LEU B 132 39.74 -0.44 5.01
N PHE B 133 39.49 0.67 4.33
CA PHE B 133 40.11 1.11 3.06
C PHE B 133 41.13 2.21 3.38
N ASN B 134 41.92 2.62 2.39
CA ASN B 134 42.93 3.69 2.53
C ASN B 134 42.23 5.03 2.74
N ASP B 135 40.93 5.13 2.43
CA ASP B 135 40.16 6.41 2.50
C ASP B 135 38.99 6.30 3.49
N GLY B 136 38.89 5.24 4.29
CA GLY B 136 37.89 5.21 5.38
C GLY B 136 37.38 3.84 5.74
N LEU B 137 36.30 3.83 6.52
CA LEU B 137 35.74 2.64 7.21
C LEU B 137 34.28 2.46 6.81
N GLY B 138 33.87 1.21 6.58
CA GLY B 138 32.47 0.78 6.52
C GLY B 138 32.20 -0.27 7.57
N PHE B 139 31.07 -0.21 8.28
CA PHE B 139 30.67 -1.31 9.19
C PHE B 139 29.18 -1.59 9.02
N ARG B 140 28.77 -2.83 9.33
CA ARG B 140 27.34 -3.21 9.32
C ARG B 140 27.09 -4.29 10.37
N TYR B 141 25.83 -4.39 10.79
CA TYR B 141 25.31 -5.48 11.65
C TYR B 141 24.81 -6.61 10.74
N GLU B 142 25.06 -7.85 11.16
CA GLU B 142 24.53 -9.06 10.48
C GLU B 142 23.79 -9.89 11.53
N PHE B 143 22.58 -10.32 11.20
CA PHE B 143 21.66 -11.07 12.09
C PHE B 143 21.46 -12.46 11.51
N PRO B 144 22.27 -13.46 11.92
CA PRO B 144 22.16 -14.81 11.39
C PRO B 144 20.86 -15.47 11.87
N GLN B 145 20.33 -16.40 11.05
CA GLN B 145 19.18 -17.25 11.42
C GLN B 145 19.60 -18.13 12.60
N GLN B 146 18.81 -18.15 13.67
CA GLN B 146 19.11 -18.90 14.91
C GLN B 146 17.81 -19.12 15.68
N LYS B 147 17.82 -20.07 16.63
CA LYS B 147 16.61 -20.45 17.41
C LYS B 147 15.98 -19.20 18.02
N SER B 148 16.78 -18.29 18.59
CA SER B 148 16.28 -17.15 19.40
C SER B 148 16.35 -15.82 18.64
N LEU B 149 16.53 -15.82 17.31
CA LEU B 149 16.39 -14.57 16.51
C LEU B 149 15.90 -14.90 15.10
N ASN B 150 14.63 -14.61 14.85
CA ASN B 150 13.95 -14.86 13.55
C ASN B 150 13.28 -13.56 13.12
N TYR B 151 12.02 -13.36 13.50
CA TYR B 151 11.30 -12.08 13.28
C TYR B 151 11.57 -11.16 14.46
N PHE B 152 11.96 -9.92 14.18
CA PHE B 152 12.11 -8.87 15.21
C PHE B 152 11.85 -7.50 14.58
N VAL B 153 11.51 -6.53 15.42
CA VAL B 153 11.24 -5.13 15.02
C VAL B 153 12.26 -4.24 15.72
N ILE B 154 12.93 -3.38 14.96
CA ILE B 154 13.89 -2.39 15.51
C ILE B 154 13.10 -1.21 16.08
N LYS B 155 13.35 -0.89 17.36
CA LYS B 155 12.83 0.33 18.02
C LYS B 155 13.75 1.50 17.66
N GLU B 156 15.06 1.34 17.90
CA GLU B 156 16.09 2.33 17.49
C GLU B 156 17.39 1.59 17.17
N GLU B 157 18.14 2.09 16.19
CA GLU B 157 19.57 1.76 16.02
C GLU B 157 20.41 2.75 16.83
N HIS B 158 21.44 2.26 17.52
CA HIS B 158 22.32 3.08 18.39
C HIS B 158 23.76 2.98 17.89
N SER B 159 23.99 3.28 16.62
CA SER B 159 25.34 3.38 16.01
C SER B 159 25.91 4.77 16.33
N GLN B 160 26.99 4.83 17.12
CA GLN B 160 27.64 6.10 17.53
C GLN B 160 28.79 6.46 16.57
N PHE B 161 28.97 7.76 16.36
CA PHE B 161 30.15 8.38 15.70
C PHE B 161 30.62 9.52 16.60
N ALA B 162 31.50 9.21 17.56
CA ALA B 162 32.03 10.18 18.57
C ALA B 162 33.11 11.02 17.90
N MET B 163 32.90 12.34 17.83
CA MET B 163 33.81 13.30 17.16
C MET B 163 34.92 13.72 18.13
N ALA B 164 36.10 14.03 17.59
CA ALA B 164 37.30 14.42 18.34
C ALA B 164 37.22 15.90 18.73
N GLY B 165 36.35 16.68 18.09
CA GLY B 165 36.23 18.13 18.38
C GLY B 165 34.96 18.74 17.82
N ASN B 166 34.82 20.05 18.04
CA ASN B 166 33.69 20.88 17.55
C ASN B 166 33.99 21.27 16.10
N HIS B 167 33.81 20.33 15.17
CA HIS B 167 34.16 20.48 13.74
C HIS B 167 33.22 21.49 13.05
N ILE B 168 33.66 22.00 11.90
CA ILE B 168 32.77 22.67 10.90
C ILE B 168 31.98 21.56 10.20
N ALA B 169 30.66 21.72 10.10
CA ALA B 169 29.75 20.79 9.39
C ALA B 169 29.07 21.53 8.24
N TYR B 170 28.82 20.81 7.15
CA TYR B 170 28.04 21.25 5.96
C TYR B 170 26.80 20.37 5.93
N TRP B 171 25.65 20.91 6.38
CA TRP B 171 24.51 20.07 6.84
C TRP B 171 23.17 20.63 6.35
N ILE B 172 22.18 19.74 6.23
CA ILE B 172 20.75 20.09 6.06
C ILE B 172 19.97 19.45 7.21
N PRO B 173 18.83 20.06 7.63
CA PRO B 173 17.98 19.50 8.68
C PRO B 173 17.60 18.03 8.47
N GLY B 174 17.75 17.24 9.53
CA GLY B 174 17.23 15.86 9.62
C GLY B 174 15.73 15.88 9.37
N ASP B 175 15.27 15.11 8.40
CA ASP B 175 13.85 15.19 7.92
C ASP B 175 13.45 13.85 7.31
N TYR B 176 12.26 13.36 7.65
CA TYR B 176 11.73 12.06 7.17
C TYR B 176 11.14 12.18 5.76
N ASP B 177 10.97 13.39 5.20
CA ASP B 177 10.08 13.60 4.02
C ASP B 177 10.72 14.45 2.92
N THR B 178 11.68 15.32 3.21
CA THR B 178 12.35 16.14 2.16
C THR B 178 13.86 16.25 2.42
N GLN B 179 14.63 16.43 1.34
CA GLN B 179 16.05 16.86 1.39
C GLN B 179 16.22 18.19 0.64
N GLU B 180 15.12 18.88 0.28
CA GLU B 180 15.16 20.06 -0.64
C GLU B 180 15.51 21.33 0.15
N TYR B 181 16.54 21.24 1.00
CA TYR B 181 17.02 22.34 1.87
C TYR B 181 18.34 22.89 1.34
N ASP B 182 18.53 24.20 1.46
CA ASP B 182 19.86 24.85 1.30
C ASP B 182 20.75 24.37 2.46
N TYR B 183 22.05 24.24 2.19
CA TYR B 183 23.07 23.83 3.19
C TYR B 183 23.38 24.99 4.13
N THR B 184 23.71 24.65 5.37
CA THR B 184 24.27 25.56 6.40
C THR B 184 25.71 25.14 6.68
N ILE B 185 26.62 26.10 6.81
CA ILE B 185 28.03 25.87 7.26
C ILE B 185 28.15 26.45 8.67
N SER B 186 28.40 25.61 9.66
CA SER B 186 28.47 26.03 11.08
C SER B 186 29.29 25.01 11.88
N ARG B 187 29.70 25.40 13.07
CA ARG B 187 30.26 24.49 14.09
C ARG B 187 29.16 23.53 14.51
N LEU B 188 29.53 22.33 14.99
CA LEU B 188 28.59 21.33 15.56
C LEU B 188 27.80 22.01 16.70
N SER B 189 28.48 22.83 17.51
CA SER B 189 27.90 23.56 18.67
C SER B 189 26.83 24.57 18.22
N GLU B 190 26.82 24.97 16.94
CA GLU B 190 25.94 26.03 16.39
C GLU B 190 24.70 25.44 15.70
N ILE B 191 24.66 24.12 15.48
CA ILE B 191 23.56 23.45 14.72
C ILE B 191 22.22 23.71 15.43
N ARG B 192 22.16 23.51 16.74
CA ARG B 192 20.93 23.68 17.56
C ARG B 192 20.35 25.08 17.32
N GLY B 193 21.20 26.11 17.42
CA GLY B 193 20.78 27.52 17.29
C GLY B 193 20.34 27.89 15.89
N LEU B 194 20.76 27.14 14.86
CA LEU B 194 20.51 27.46 13.42
C LEU B 194 19.40 26.58 12.82
N MET B 195 18.97 25.52 13.53
CA MET B 195 18.03 24.51 12.97
C MET B 195 16.73 25.19 12.50
N GLN B 196 16.12 26.04 13.33
CA GLN B 196 14.80 26.67 13.02
C GLN B 196 14.91 27.44 11.70
N GLN B 197 15.97 28.24 11.56
CA GLN B 197 16.26 29.10 10.37
C GLN B 197 16.53 28.21 9.15
N ALA B 198 17.13 27.03 9.34
CA ALA B 198 17.54 26.10 8.26
C ALA B 198 16.32 25.37 7.68
N ILE B 199 15.27 25.17 8.47
CA ILE B 199 14.03 24.46 8.02
C ILE B 199 13.13 25.48 7.31
N THR B 200 13.19 25.50 5.98
CA THR B 200 12.37 26.38 5.11
C THR B 200 11.12 25.62 4.66
N PRO B 201 10.06 26.31 4.18
CA PRO B 201 8.81 25.65 3.79
C PRO B 201 8.95 24.67 2.62
N ASN B 202 8.31 23.49 2.72
CA ASN B 202 8.31 22.44 1.68
C ASN B 202 6.94 21.77 1.64
N SER B 203 6.59 21.16 0.51
CA SER B 203 5.29 20.45 0.27
C SER B 203 5.10 19.30 1.27
N SER B 204 6.17 18.63 1.67
CA SER B 204 6.15 17.49 2.64
C SER B 204 7.44 17.50 3.44
N GLN B 205 7.36 17.73 4.75
CA GLN B 205 8.56 17.83 5.63
C GLN B 205 8.20 17.37 7.04
N THR B 206 9.05 16.54 7.64
CA THR B 206 8.95 16.13 9.07
C THR B 206 10.34 16.17 9.70
N PRO B 207 10.80 17.37 10.13
CA PRO B 207 11.99 17.48 10.97
C PRO B 207 11.78 16.72 12.29
N PHE B 208 12.82 16.06 12.81
CA PHE B 208 12.68 15.13 13.96
C PHE B 208 13.45 15.60 15.21
N SER B 209 14.40 16.52 15.09
CA SER B 209 15.26 16.91 16.24
C SER B 209 15.83 18.30 16.05
N PRO B 210 15.99 19.07 17.16
CA PRO B 210 16.71 20.33 17.13
C PRO B 210 18.19 20.17 16.72
N THR B 211 18.75 18.95 16.80
CA THR B 211 20.15 18.64 16.42
C THR B 211 20.20 17.47 15.43
N GLY B 212 19.13 17.23 14.69
CA GLY B 212 19.06 16.20 13.64
C GLY B 212 19.57 16.72 12.31
N VAL B 213 20.41 15.93 11.63
CA VAL B 213 20.95 16.27 10.28
C VAL B 213 20.84 15.04 9.39
N GLN B 214 20.82 15.26 8.07
CA GLN B 214 20.77 14.15 7.08
C GLN B 214 22.19 13.72 6.74
N THR B 215 22.31 12.54 6.12
CA THR B 215 23.55 12.04 5.51
C THR B 215 23.38 12.10 3.99
N ALA B 216 24.47 12.19 3.24
CA ALA B 216 25.84 12.22 3.75
C ALA B 216 26.13 13.56 4.43
N LEU B 217 26.76 13.52 5.61
CA LEU B 217 27.17 14.72 6.38
C LEU B 217 28.67 14.96 6.11
N MET B 218 29.03 16.20 5.75
CA MET B 218 30.43 16.59 5.46
C MET B 218 30.95 17.44 6.62
N MET B 219 32.20 17.22 7.04
CA MET B 219 32.82 17.97 8.16
C MET B 219 34.29 18.31 7.82
N LYS B 220 34.76 19.42 8.35
CA LYS B 220 36.16 19.90 8.25
C LYS B 220 36.67 20.11 9.68
N THR B 221 37.81 19.49 10.04
CA THR B 221 38.37 19.54 11.42
C THR B 221 39.46 20.62 11.50
N ASP B 222 39.69 21.15 12.70
CA ASP B 222 40.72 22.18 12.98
C ASP B 222 42.12 21.62 12.71
N ASP B 223 42.30 20.29 12.79
CA ASP B 223 43.63 19.64 12.63
C ASP B 223 43.79 19.08 11.20
N GLY B 224 43.04 19.63 10.23
CA GLY B 224 43.32 19.48 8.78
C GLY B 224 42.67 18.26 8.15
N LEU B 225 41.65 17.67 8.79
CA LEU B 225 40.96 16.47 8.24
C LEU B 225 39.60 16.86 7.64
N TYR B 226 39.16 16.07 6.66
CA TYR B 226 37.81 16.09 6.05
C TYR B 226 37.16 14.74 6.38
N ILE B 227 35.96 14.78 6.96
CA ILE B 227 35.22 13.57 7.42
C ILE B 227 33.82 13.58 6.82
N ASN B 228 33.42 12.47 6.20
CA ASN B 228 32.07 12.26 5.61
C ASN B 228 31.42 11.07 6.33
N LEU B 229 30.24 11.28 6.92
CA LEU B 229 29.42 10.21 7.56
C LEU B 229 28.22 9.91 6.66
N HIS B 230 28.01 8.65 6.32
CA HIS B 230 26.94 8.23 5.37
C HIS B 230 26.61 6.74 5.57
N GLU B 231 25.78 6.18 4.69
CA GLU B 231 25.45 4.73 4.68
C GLU B 231 25.54 4.24 3.23
N ALA B 232 25.60 2.92 3.05
CA ALA B 232 25.71 2.25 1.75
C ALA B 232 24.77 1.04 1.73
N ALA B 233 24.11 0.81 0.59
CA ALA B 233 23.26 -0.38 0.34
C ALA B 233 22.04 -0.35 1.26
N LEU B 234 21.30 0.77 1.25
CA LEU B 234 20.04 0.93 2.03
C LEU B 234 18.93 0.08 1.37
N ILE B 235 18.82 -1.17 1.81
CA ILE B 235 17.88 -2.20 1.25
C ILE B 235 17.17 -2.89 2.42
N ASP B 236 15.84 -3.01 2.33
CA ASP B 236 15.00 -3.76 3.31
C ASP B 236 15.27 -3.22 4.72
N TYR B 237 15.29 -1.89 4.85
CA TYR B 237 15.69 -1.19 6.09
C TYR B 237 15.24 0.27 5.99
N SER B 238 15.12 0.94 7.13
CA SER B 238 14.71 2.36 7.21
C SER B 238 15.92 3.27 6.99
N CYS B 239 15.71 4.41 6.35
CA CYS B 239 16.75 5.43 6.06
C CYS B 239 17.37 5.93 7.37
N MET B 240 18.70 6.02 7.41
CA MET B 240 19.46 6.54 8.57
C MET B 240 19.66 8.06 8.44
N HIS B 241 19.29 8.79 9.49
CA HIS B 241 19.68 10.21 9.73
C HIS B 241 20.67 10.19 10.90
N LEU B 242 21.20 11.36 11.27
CA LEU B 242 22.11 11.48 12.44
C LEU B 242 21.51 12.48 13.42
N ASN B 243 21.62 12.17 14.71
CA ASN B 243 21.19 13.05 15.80
C ASN B 243 22.42 13.39 16.63
N LEU B 244 22.72 14.68 16.77
CA LEU B 244 23.92 15.17 17.49
C LEU B 244 23.63 15.34 18.97
N ASP B 245 24.38 14.64 19.81
CA ASP B 245 24.63 15.01 21.23
C ASP B 245 25.65 16.15 21.20
N ASP B 246 25.20 17.40 21.37
CA ASP B 246 26.06 18.60 21.21
C ASP B 246 26.71 18.99 22.54
N LYS B 247 26.61 18.14 23.56
CA LYS B 247 27.38 18.29 24.83
C LYS B 247 28.65 17.43 24.74
N ASN B 248 28.56 16.20 24.20
CA ASN B 248 29.70 15.24 24.09
C ASN B 248 30.23 15.18 22.66
N MET B 249 29.55 15.83 21.70
CA MET B 249 29.88 15.81 20.25
C MET B 249 29.89 14.37 19.73
N ILE B 250 28.79 13.64 19.96
CA ILE B 250 28.57 12.27 19.43
C ILE B 250 27.34 12.30 18.52
N PHE B 251 27.52 11.94 17.25
CA PHE B 251 26.40 11.66 16.31
C PHE B 251 25.91 10.23 16.56
N GLU B 252 24.59 10.03 16.50
CA GLU B 252 23.99 8.68 16.64
C GLU B 252 22.99 8.44 15.50
N SER B 253 23.02 7.25 14.93
CA SER B 253 21.99 6.75 13.97
C SER B 253 20.59 7.06 14.50
N TRP B 254 19.78 7.68 13.67
CA TRP B 254 18.34 7.95 13.94
C TRP B 254 17.56 7.48 12.71
N LEU B 255 16.93 6.30 12.78
CA LEU B 255 16.22 5.70 11.62
C LEU B 255 14.84 6.36 11.47
N THR B 256 14.23 6.20 10.29
CA THR B 256 12.92 6.81 9.94
C THR B 256 11.80 5.92 10.45
N PRO B 257 10.86 6.46 11.26
CA PRO B 257 9.76 5.65 11.81
C PRO B 257 8.66 5.34 10.79
N ASP B 258 7.96 4.23 10.98
CA ASP B 258 6.76 3.85 10.18
C ASP B 258 5.53 4.49 10.84
N ALA B 259 4.33 4.18 10.33
CA ALA B 259 3.05 4.79 10.77
C ALA B 259 2.78 4.50 12.26
N LYS B 260 3.37 3.44 12.82
CA LYS B 260 3.20 3.04 14.24
C LYS B 260 4.39 3.49 15.09
N GLY B 261 5.40 4.14 14.48
CA GLY B 261 6.59 4.66 15.19
C GLY B 261 7.73 3.65 15.25
N ASP B 262 7.58 2.48 14.62
CA ASP B 262 8.61 1.41 14.62
C ASP B 262 9.65 1.71 13.52
N LYS B 263 10.84 1.12 13.61
CA LYS B 263 11.98 1.52 12.73
C LYS B 263 12.60 0.30 12.04
N GLY B 264 11.78 -0.69 11.66
CA GLY B 264 12.17 -1.74 10.72
C GLY B 264 11.66 -3.11 11.13
N TYR B 265 10.96 -3.80 10.22
CA TYR B 265 10.52 -5.20 10.38
C TYR B 265 11.57 -6.10 9.74
N MET B 266 12.20 -6.94 10.56
CA MET B 266 13.38 -7.75 10.15
C MET B 266 13.05 -9.24 10.25
N GLN B 267 13.65 -10.04 9.38
CA GLN B 267 13.60 -11.53 9.40
C GLN B 267 15.00 -12.05 9.11
N THR B 268 15.57 -12.85 10.02
CA THR B 268 16.91 -13.46 9.84
C THR B 268 16.80 -14.54 8.76
N PRO B 269 17.85 -14.77 7.94
CA PRO B 269 19.09 -13.99 7.99
C PRO B 269 18.92 -12.63 7.30
N CYS B 270 19.47 -11.57 7.90
CA CYS B 270 19.38 -10.20 7.33
C CYS B 270 20.56 -9.35 7.81
N ASN B 271 20.82 -8.26 7.10
CA ASN B 271 21.94 -7.31 7.38
C ASN B 271 21.36 -5.91 7.48
N SER B 272 21.95 -5.06 8.32
CA SER B 272 21.78 -3.60 8.25
C SER B 272 22.50 -3.11 7.00
N PRO B 273 22.23 -1.89 6.52
CA PRO B 273 23.08 -1.24 5.53
C PRO B 273 24.44 -0.96 6.20
N TRP B 274 25.45 -0.65 5.38
CA TRP B 274 26.78 -0.23 5.87
C TRP B 274 26.66 1.21 6.40
N ARG B 275 27.46 1.53 7.43
CA ARG B 275 27.68 2.91 7.90
C ARG B 275 29.13 3.26 7.51
N THR B 276 29.34 4.43 6.91
CA THR B 276 30.65 4.78 6.30
C THR B 276 31.21 6.05 6.96
N ILE B 277 32.50 6.01 7.23
CA ILE B 277 33.34 7.19 7.63
C ILE B 277 34.44 7.33 6.58
N ILE B 278 34.30 8.32 5.68
CA ILE B 278 35.32 8.63 4.64
C ILE B 278 36.18 9.77 5.19
N VAL B 279 37.50 9.59 5.20
CA VAL B 279 38.42 10.55 5.87
C VAL B 279 39.71 10.72 5.04
N SER B 280 40.15 11.96 4.92
CA SER B 280 41.45 12.32 4.29
C SER B 280 41.91 13.69 4.80
N ASP B 281 43.20 13.99 4.65
CA ASP B 281 43.78 15.34 4.89
C ASP B 281 43.69 16.15 3.59
N ASP B 282 43.14 15.56 2.53
CA ASP B 282 42.95 16.20 1.19
C ASP B 282 41.47 16.08 0.82
N ALA B 283 40.77 17.21 0.69
CA ALA B 283 39.31 17.26 0.39
C ALA B 283 39.03 16.53 -0.92
N ARG B 284 39.98 16.56 -1.87
CA ARG B 284 39.81 15.96 -3.22
C ARG B 284 39.64 14.44 -3.11
N ASN B 285 40.19 13.82 -2.05
CA ASN B 285 40.15 12.36 -1.84
C ASN B 285 38.79 11.91 -1.29
N ILE B 286 38.04 12.82 -0.67
CA ILE B 286 36.61 12.54 -0.29
C ILE B 286 35.82 12.34 -1.59
N LEU B 287 35.99 13.24 -2.57
CA LEU B 287 35.29 13.16 -3.88
C LEU B 287 35.74 11.90 -4.64
N ALA B 288 37.02 11.53 -4.52
CA ALA B 288 37.63 10.39 -5.24
C ALA B 288 37.23 9.04 -4.63
N SER B 289 36.71 9.02 -3.40
CA SER B 289 36.37 7.76 -2.70
C SER B 289 35.25 7.02 -3.43
N ARG B 290 35.39 5.70 -3.53
CA ARG B 290 34.37 4.79 -4.10
C ARG B 290 33.93 3.76 -3.05
N ILE B 291 34.10 4.08 -1.77
CA ILE B 291 33.73 3.16 -0.66
C ILE B 291 32.23 2.83 -0.78
N THR B 292 31.40 3.84 -1.04
CA THR B 292 29.93 3.64 -1.10
C THR B 292 29.61 2.58 -2.17
N LEU B 293 30.06 2.78 -3.41
CA LEU B 293 29.83 1.81 -4.51
C LEU B 293 30.43 0.45 -4.16
N ASN B 294 31.65 0.44 -3.60
CA ASN B 294 32.40 -0.80 -3.27
C ASN B 294 31.64 -1.65 -2.25
N LEU B 295 30.77 -1.04 -1.42
CA LEU B 295 30.04 -1.78 -0.36
C LEU B 295 28.66 -2.24 -0.85
N ASN B 296 28.33 -2.01 -2.13
CA ASN B 296 27.09 -2.54 -2.75
C ASN B 296 27.38 -3.85 -3.45
N GLU B 297 26.38 -4.73 -3.55
CA GLU B 297 26.48 -6.03 -4.26
C GLU B 297 26.74 -5.77 -5.74
N PRO B 298 27.49 -6.67 -6.42
CA PRO B 298 27.72 -6.53 -7.85
C PRO B 298 26.44 -6.48 -8.69
N CYS B 299 26.58 -5.90 -9.88
CA CYS B 299 25.51 -5.74 -10.89
C CYS B 299 24.66 -7.02 -11.02
N LYS B 300 23.34 -6.88 -10.93
CA LYS B 300 22.37 -8.00 -11.03
C LYS B 300 21.60 -7.94 -12.35
N ILE B 301 21.94 -7.01 -13.25
CA ILE B 301 21.32 -6.90 -14.61
C ILE B 301 22.33 -7.42 -15.64
N ALA B 302 22.18 -8.68 -16.05
CA ALA B 302 23.16 -9.43 -16.88
C ALA B 302 23.39 -8.74 -18.23
N ASP B 303 22.35 -8.19 -18.85
CA ASP B 303 22.46 -7.62 -20.22
C ASP B 303 22.57 -6.09 -20.15
N ALA B 304 23.03 -5.54 -19.02
CA ALA B 304 22.97 -4.10 -18.68
C ALA B 304 23.52 -3.25 -19.82
N ALA B 305 24.72 -3.61 -20.32
CA ALA B 305 25.47 -2.84 -21.34
C ALA B 305 24.68 -2.74 -22.65
N SER B 306 23.79 -3.68 -22.93
CA SER B 306 23.04 -3.77 -24.22
C SER B 306 21.89 -2.75 -24.27
N TRP B 307 21.42 -2.21 -23.14
CA TRP B 307 20.25 -1.29 -23.16
C TRP B 307 20.41 -0.08 -22.24
N ILE B 308 21.22 -0.15 -21.17
CA ILE B 308 21.42 1.03 -20.28
C ILE B 308 22.44 1.97 -20.93
N LYS B 309 22.03 3.22 -21.19
CA LYS B 309 22.85 4.25 -21.90
C LYS B 309 22.65 5.59 -21.19
N PRO B 310 23.73 6.39 -21.03
CA PRO B 310 23.57 7.78 -20.57
C PRO B 310 22.62 8.57 -21.48
N VAL B 311 21.96 9.58 -20.90
CA VAL B 311 20.92 10.40 -21.57
C VAL B 311 21.23 11.89 -21.35
N LYS B 312 21.42 12.63 -22.45
CA LYS B 312 21.38 14.11 -22.46
C LYS B 312 20.01 14.52 -23.02
N TYR B 313 19.29 15.37 -22.31
CA TYR B 313 17.88 15.66 -22.65
C TYR B 313 17.54 17.13 -22.43
N ILE B 314 16.51 17.57 -23.14
CA ILE B 314 15.78 18.85 -22.89
C ILE B 314 14.37 18.45 -22.50
N GLY B 315 13.54 19.41 -22.11
CA GLY B 315 12.19 19.08 -21.63
C GLY B 315 11.23 20.24 -21.74
N VAL B 316 9.97 19.90 -22.02
CA VAL B 316 8.80 20.76 -21.69
C VAL B 316 8.65 20.66 -20.18
N TRP B 317 9.18 21.65 -19.45
CA TRP B 317 9.47 21.54 -18.00
C TRP B 317 9.59 22.93 -17.35
N TRP B 318 10.62 23.69 -17.71
CA TRP B 318 10.92 25.03 -17.13
C TRP B 318 9.72 25.97 -17.30
N ASP B 319 8.96 25.83 -18.40
CA ASP B 319 7.68 26.56 -18.61
C ASP B 319 6.82 26.48 -17.34
N MET B 320 6.66 25.27 -16.80
CA MET B 320 5.71 25.01 -15.70
C MET B 320 6.37 25.35 -14.36
N ILE B 321 7.65 25.05 -14.21
CA ILE B 321 8.42 25.38 -12.96
C ILE B 321 8.40 26.89 -12.73
N THR B 322 8.55 27.71 -13.77
CA THR B 322 8.63 29.20 -13.68
C THR B 322 7.23 29.81 -13.61
N GLY B 323 6.18 29.08 -14.04
CA GLY B 323 4.80 29.58 -14.07
C GLY B 323 4.42 30.20 -15.41
N LYS B 324 5.30 30.12 -16.42
CA LYS B 324 4.99 30.61 -17.80
C LYS B 324 3.84 29.77 -18.37
N GLY B 325 3.93 28.45 -18.23
CA GLY B 325 2.93 27.48 -18.73
C GLY B 325 2.35 26.65 -17.60
N SER B 326 1.38 25.79 -17.92
CA SER B 326 0.70 24.91 -16.94
C SER B 326 0.96 23.44 -17.29
N TRP B 327 0.98 22.59 -16.27
CA TRP B 327 0.80 21.12 -16.40
C TRP B 327 -0.66 20.83 -16.80
N ALA B 328 -1.60 21.63 -16.27
CA ALA B 328 -3.06 21.48 -16.46
C ALA B 328 -3.44 21.82 -17.91
N TYR B 329 -4.42 21.07 -18.45
CA TYR B 329 -5.03 21.27 -19.79
C TYR B 329 -5.99 22.46 -19.76
N THR B 330 -6.79 22.57 -18.68
CA THR B 330 -7.90 23.54 -18.55
C THR B 330 -7.82 24.30 -17.23
N ASP B 331 -8.33 25.54 -17.19
CA ASP B 331 -8.46 26.36 -15.95
C ASP B 331 -9.89 26.28 -15.41
N GLU B 332 -10.76 25.47 -16.02
CA GLU B 332 -12.24 25.49 -15.79
C GLU B 332 -12.65 24.57 -14.64
N LEU B 333 -11.79 23.66 -14.17
CA LEU B 333 -12.16 22.61 -13.18
C LEU B 333 -11.51 22.89 -11.82
N THR B 334 -12.31 22.87 -10.74
CA THR B 334 -11.82 22.84 -9.34
C THR B 334 -11.05 21.52 -9.12
N SER B 335 -11.79 20.42 -9.19
CA SER B 335 -11.30 19.04 -8.92
C SER B 335 -11.70 18.14 -10.08
N VAL B 336 -11.05 16.99 -10.21
CA VAL B 336 -11.35 16.00 -11.29
C VAL B 336 -11.64 14.64 -10.66
N LYS B 337 -12.54 13.89 -11.29
CA LYS B 337 -12.79 12.46 -11.03
C LYS B 337 -12.33 11.73 -12.29
N LEU B 338 -11.19 11.02 -12.22
CA LEU B 338 -10.64 10.32 -13.41
C LEU B 338 -11.63 9.23 -13.83
N GLY B 339 -11.89 9.10 -15.13
CA GLY B 339 -12.87 8.16 -15.71
C GLY B 339 -14.26 8.76 -15.78
N VAL B 340 -14.48 9.94 -15.18
CA VAL B 340 -15.80 10.65 -15.17
C VAL B 340 -15.63 12.02 -15.82
N THR B 341 -14.72 12.85 -15.29
CA THR B 341 -14.33 14.14 -15.91
C THR B 341 -14.02 13.90 -17.39
N ASP B 342 -14.70 14.64 -18.28
CA ASP B 342 -14.56 14.53 -19.75
C ASP B 342 -13.79 15.76 -20.26
N TYR B 343 -12.49 15.61 -20.49
CA TYR B 343 -11.59 16.73 -20.86
C TYR B 343 -11.89 17.23 -22.28
N SER B 344 -12.45 16.39 -23.15
CA SER B 344 -12.90 16.78 -24.52
C SER B 344 -14.03 17.81 -24.46
N LYS B 345 -14.65 18.01 -23.29
CA LYS B 345 -15.73 19.02 -23.07
C LYS B 345 -15.21 20.22 -22.29
N THR B 346 -13.90 20.28 -21.99
CA THR B 346 -13.30 21.41 -21.24
C THR B 346 -12.57 22.34 -22.21
N LYS B 347 -12.49 23.63 -21.85
CA LYS B 347 -11.80 24.69 -22.62
C LYS B 347 -10.30 24.61 -22.38
N PRO B 348 -9.47 24.47 -23.43
CA PRO B 348 -8.01 24.61 -23.28
C PRO B 348 -7.67 25.99 -22.68
N ASN B 349 -6.75 26.06 -21.71
CA ASN B 349 -6.42 27.32 -20.98
C ASN B 349 -5.44 28.19 -21.80
N GLY B 350 -4.90 27.67 -22.90
CA GLY B 350 -3.95 28.39 -23.78
C GLY B 350 -2.56 28.52 -23.16
N LYS B 351 -2.30 27.83 -22.05
CA LYS B 351 -1.00 27.86 -21.31
C LYS B 351 -0.40 26.45 -21.22
N HIS B 352 -1.07 25.44 -21.78
CA HIS B 352 -0.71 24.01 -21.61
C HIS B 352 0.48 23.65 -22.51
N SER B 353 1.68 23.58 -21.96
CA SER B 353 2.93 23.41 -22.73
C SER B 353 3.00 22.03 -23.39
N ALA B 354 2.43 20.99 -22.79
CA ALA B 354 2.48 19.59 -23.27
C ALA B 354 1.44 19.37 -24.38
N ASN B 355 1.54 20.12 -25.48
CA ASN B 355 0.67 19.98 -26.68
C ASN B 355 1.55 19.54 -27.85
N THR B 356 0.97 18.74 -28.75
CA THR B 356 1.70 18.02 -29.83
C THR B 356 2.62 18.98 -30.60
N ALA B 357 2.10 20.13 -31.07
CA ALA B 357 2.86 21.08 -31.91
C ALA B 357 4.08 21.58 -31.14
N ASN B 358 3.92 21.93 -29.86
CA ASN B 358 4.99 22.49 -29.02
C ASN B 358 6.05 21.41 -28.77
N VAL B 359 5.61 20.18 -28.45
CA VAL B 359 6.52 19.03 -28.21
C VAL B 359 7.35 18.76 -29.47
N LYS B 360 6.74 18.81 -30.66
CA LYS B 360 7.45 18.58 -31.95
C LYS B 360 8.57 19.61 -32.13
N ARG B 361 8.36 20.86 -31.71
CA ARG B 361 9.38 21.94 -31.80
C ARG B 361 10.56 21.62 -30.89
N TYR B 362 10.32 21.06 -29.70
CA TYR B 362 11.39 20.60 -28.77
C TYR B 362 12.14 19.44 -29.41
N ILE B 363 11.42 18.48 -30.01
CA ILE B 363 12.03 17.32 -30.72
C ILE B 363 12.96 17.85 -31.82
N ASP B 364 12.52 18.85 -32.58
CA ASP B 364 13.31 19.46 -33.69
C ASP B 364 14.62 20.01 -33.13
N PHE B 365 14.55 20.75 -32.01
CA PHE B 365 15.73 21.38 -31.36
C PHE B 365 16.67 20.30 -30.84
N ALA B 366 16.13 19.28 -30.17
CA ALA B 366 16.91 18.14 -29.63
C ALA B 366 17.64 17.44 -30.78
N ALA B 367 16.95 17.16 -31.88
CA ALA B 367 17.47 16.41 -33.05
C ALA B 367 18.58 17.23 -33.74
N ALA B 368 18.37 18.54 -33.92
CA ALA B 368 19.32 19.44 -34.61
C ALA B 368 20.63 19.53 -33.80
N ASN B 369 20.54 19.39 -32.47
CA ASN B 369 21.66 19.70 -31.54
C ASN B 369 22.20 18.42 -30.87
N GLY B 370 21.77 17.23 -31.28
CA GLY B 370 22.36 15.94 -30.88
C GLY B 370 21.98 15.52 -29.46
N PHE B 371 20.84 15.96 -28.94
CA PHE B 371 20.30 15.44 -27.64
C PHE B 371 19.70 14.05 -27.87
N ASP B 372 19.62 13.25 -26.80
CA ASP B 372 19.13 11.86 -26.82
C ASP B 372 17.61 11.82 -26.64
N ALA B 373 17.06 12.71 -25.80
CA ALA B 373 15.66 12.59 -25.32
C ALA B 373 15.01 13.94 -25.09
N VAL B 374 13.68 13.93 -25.07
CA VAL B 374 12.81 15.07 -24.65
C VAL B 374 11.87 14.57 -23.55
N LEU B 375 11.93 15.19 -22.39
CA LEU B 375 10.94 15.02 -21.29
C LEU B 375 9.71 15.88 -21.60
N VAL B 376 8.52 15.34 -21.36
CA VAL B 376 7.27 16.15 -21.38
C VAL B 376 6.51 15.90 -20.07
N GLU B 377 6.25 16.96 -19.31
CA GLU B 377 5.38 16.90 -18.12
C GLU B 377 4.03 17.56 -18.45
N GLY B 378 2.96 17.07 -17.84
CA GLY B 378 1.59 17.54 -18.08
C GLY B 378 0.97 16.88 -19.30
N TRP B 379 1.46 15.71 -19.70
CA TRP B 379 0.93 14.97 -20.90
C TRP B 379 -0.40 14.27 -20.55
N ASN B 380 -0.61 13.94 -19.27
CA ASN B 380 -1.65 12.96 -18.84
C ASN B 380 -2.76 13.63 -18.01
N GLU B 381 -3.96 13.08 -18.06
CA GLU B 381 -5.13 13.58 -17.28
C GLU B 381 -4.78 13.63 -15.78
N GLY B 382 -5.17 14.71 -15.10
CA GLY B 382 -5.19 14.79 -13.63
C GLY B 382 -4.49 16.01 -13.05
N TRP B 383 -3.76 16.80 -13.84
CA TRP B 383 -2.90 17.91 -13.34
C TRP B 383 -3.71 19.10 -12.82
N GLU B 384 -5.01 19.19 -13.13
CA GLU B 384 -5.89 20.26 -12.62
C GLU B 384 -6.03 20.15 -11.10
N ASP B 385 -5.67 18.99 -10.54
CA ASP B 385 -6.08 18.58 -9.18
C ASP B 385 -5.06 17.53 -8.69
N TRP B 386 -3.79 17.94 -8.51
CA TRP B 386 -2.64 17.05 -8.21
C TRP B 386 -1.92 17.43 -6.91
N PHE B 387 -1.96 18.69 -6.48
CA PHE B 387 -0.98 19.22 -5.47
C PHE B 387 -1.58 19.34 -4.07
N GLY B 388 -1.06 18.55 -3.14
CA GLY B 388 -1.20 18.75 -1.68
C GLY B 388 -2.59 18.44 -1.14
N ASN B 389 -3.36 17.58 -1.80
CA ASN B 389 -4.75 17.23 -1.39
C ASN B 389 -4.80 15.83 -0.75
N SER B 390 -3.69 15.09 -0.72
CA SER B 390 -3.66 13.68 -0.27
C SER B 390 -4.71 12.88 -1.05
N LYS B 391 -4.75 13.08 -2.37
CA LYS B 391 -5.71 12.43 -3.30
C LYS B 391 -5.19 11.05 -3.68
N ASP B 392 -6.01 10.02 -3.52
CA ASP B 392 -5.63 8.61 -3.81
C ASP B 392 -5.59 8.42 -5.33
N TYR B 393 -6.72 8.50 -6.03
CA TYR B 393 -6.79 8.21 -7.49
C TYR B 393 -6.46 9.49 -8.28
N VAL B 394 -5.20 9.90 -8.21
CA VAL B 394 -4.74 11.26 -8.64
C VAL B 394 -4.31 11.23 -10.12
N PHE B 395 -3.77 10.10 -10.59
CA PHE B 395 -3.28 9.91 -11.99
C PHE B 395 -3.50 8.46 -12.39
N ASP B 396 -3.55 8.17 -13.68
CA ASP B 396 -3.63 6.78 -14.20
C ASP B 396 -2.38 6.40 -15.03
N PHE B 397 -1.49 7.36 -15.33
CA PHE B 397 -0.18 7.13 -15.99
C PHE B 397 -0.36 6.56 -17.40
N LEU B 398 -1.56 6.70 -17.99
CA LEU B 398 -1.96 5.98 -19.23
C LEU B 398 -2.74 6.90 -20.19
N THR B 399 -3.59 7.80 -19.70
CA THR B 399 -4.56 8.57 -20.53
C THR B 399 -4.03 9.98 -20.81
N ALA B 400 -3.66 10.25 -22.06
CA ALA B 400 -3.14 11.55 -22.52
C ALA B 400 -4.27 12.59 -22.55
N TYR B 401 -3.92 13.86 -22.35
CA TYR B 401 -4.84 15.01 -22.58
C TYR B 401 -5.23 15.03 -24.05
N PRO B 402 -6.35 15.72 -24.41
CA PRO B 402 -6.80 15.80 -25.80
C PRO B 402 -5.78 16.41 -26.77
N ASP B 403 -4.87 17.26 -26.29
CA ASP B 403 -3.90 18.03 -27.13
C ASP B 403 -2.52 17.34 -27.16
N PHE B 404 -2.38 16.13 -26.61
CA PHE B 404 -1.10 15.36 -26.62
C PHE B 404 -1.34 14.01 -27.32
N ASP B 405 -0.86 13.91 -28.55
CA ASP B 405 -1.03 12.71 -29.42
C ASP B 405 0.18 11.79 -29.19
N VAL B 406 0.05 10.81 -28.30
CA VAL B 406 1.16 9.91 -27.88
C VAL B 406 1.76 9.22 -29.11
N GLN B 407 0.89 8.75 -30.02
CA GLN B 407 1.27 7.90 -31.17
C GLN B 407 2.02 8.76 -32.20
N GLU B 408 1.52 9.97 -32.46
CA GLU B 408 2.13 10.92 -33.44
C GLU B 408 3.48 11.40 -32.91
N ILE B 409 3.57 11.70 -31.62
CA ILE B 409 4.84 12.17 -30.97
C ILE B 409 5.87 11.04 -31.02
N HIS B 410 5.46 9.79 -30.79
CA HIS B 410 6.33 8.59 -30.91
C HIS B 410 6.88 8.51 -32.34
N ARG B 411 5.99 8.49 -33.34
CA ARG B 411 6.37 8.40 -34.78
C ARG B 411 7.34 9.54 -35.12
N TYR B 412 7.02 10.76 -34.70
CA TYR B 412 7.83 11.97 -35.04
C TYR B 412 9.20 11.88 -34.37
N ALA B 413 9.24 11.60 -33.06
CA ALA B 413 10.49 11.45 -32.27
C ALA B 413 11.38 10.39 -32.92
N ALA B 414 10.83 9.23 -33.26
CA ALA B 414 11.55 8.08 -33.86
C ALA B 414 12.18 8.52 -35.18
N SER B 415 11.45 9.28 -36.00
CA SER B 415 11.92 9.78 -37.33
C SER B 415 13.09 10.77 -37.15
N LYS B 416 13.21 11.39 -35.98
CA LYS B 416 14.28 12.38 -35.66
C LYS B 416 15.37 11.76 -34.76
N GLY B 417 15.35 10.44 -34.54
CA GLY B 417 16.34 9.72 -33.71
C GLY B 417 16.30 10.14 -32.26
N ILE B 418 15.13 10.59 -31.78
CA ILE B 418 14.90 11.09 -30.40
C ILE B 418 14.04 10.07 -29.65
N LYS B 419 14.35 9.83 -28.39
CA LYS B 419 13.48 9.08 -27.45
C LYS B 419 12.72 10.08 -26.59
N MET B 420 11.44 9.82 -26.35
CA MET B 420 10.65 10.60 -25.36
C MET B 420 10.91 9.98 -23.98
N MET B 421 11.13 10.84 -22.98
CA MET B 421 11.24 10.46 -21.56
C MET B 421 9.83 10.57 -20.96
N MET B 422 9.34 9.46 -20.41
CA MET B 422 8.00 9.38 -19.75
C MET B 422 8.05 10.15 -18.44
N HIS B 423 6.94 10.78 -18.04
CA HIS B 423 6.80 11.44 -16.72
C HIS B 423 5.72 10.73 -15.91
N HIS B 424 6.07 10.23 -14.72
CA HIS B 424 5.15 9.61 -13.72
C HIS B 424 5.24 10.38 -12.40
N GLU B 425 4.73 11.61 -12.34
CA GLU B 425 4.43 12.24 -11.02
C GLU B 425 3.33 11.39 -10.37
N THR B 426 3.58 10.92 -9.15
CA THR B 426 2.62 10.09 -8.37
C THR B 426 1.79 10.95 -7.43
N SER B 427 2.21 12.20 -7.16
CA SER B 427 1.65 13.06 -6.08
C SER B 427 1.66 12.29 -4.75
N ALA B 428 2.68 11.43 -4.58
CA ALA B 428 2.97 10.64 -3.36
C ALA B 428 1.82 9.68 -3.04
N SER B 429 0.98 9.37 -4.04
CA SER B 429 -0.10 8.37 -3.92
C SER B 429 0.44 7.03 -4.42
N VAL B 430 1.01 6.25 -3.50
CA VAL B 430 1.98 5.15 -3.83
C VAL B 430 1.24 3.85 -4.12
N ARG B 431 0.18 3.50 -3.36
CA ARG B 431 -0.64 2.31 -3.74
C ARG B 431 -1.17 2.54 -5.16
N ASN B 432 -1.67 3.75 -5.44
CA ASN B 432 -2.24 4.09 -6.77
C ASN B 432 -1.17 3.85 -7.85
N TYR B 433 0.07 4.30 -7.63
CA TYR B 433 1.16 4.11 -8.62
C TYR B 433 1.41 2.61 -8.80
N GLU B 434 1.57 1.87 -7.71
CA GLU B 434 1.85 0.41 -7.76
C GLU B 434 0.75 -0.32 -8.55
N ARG B 435 -0.52 0.02 -8.30
CA ARG B 435 -1.65 -0.65 -9.00
C ARG B 435 -1.51 -0.46 -10.51
N HIS B 436 -0.98 0.69 -10.96
CA HIS B 436 -0.88 1.08 -12.38
C HIS B 436 0.48 0.67 -12.99
N LEU B 437 1.43 0.19 -12.18
CA LEU B 437 2.87 0.22 -12.57
C LEU B 437 3.16 -0.71 -13.75
N ASP B 438 2.70 -1.98 -13.72
CA ASP B 438 2.92 -2.91 -14.87
C ASP B 438 2.26 -2.33 -16.13
N LYS B 439 1.03 -1.82 -16.01
CA LYS B 439 0.31 -1.25 -17.18
C LYS B 439 1.06 -0.02 -17.70
N ALA B 440 1.59 0.81 -16.80
CA ALA B 440 2.29 2.08 -17.13
C ALA B 440 3.62 1.78 -17.84
N TYR B 441 4.37 0.78 -17.36
CA TYR B 441 5.63 0.32 -17.99
C TYR B 441 5.32 -0.34 -19.34
N GLN B 442 4.24 -1.10 -19.45
CA GLN B 442 3.84 -1.74 -20.73
C GLN B 442 3.49 -0.65 -21.75
N PHE B 443 2.75 0.38 -21.30
CA PHE B 443 2.37 1.55 -22.13
C PHE B 443 3.63 2.25 -22.65
N MET B 444 4.64 2.40 -21.79
CA MET B 444 5.94 3.00 -22.17
C MET B 444 6.57 2.17 -23.29
N VAL B 445 6.72 0.86 -23.10
CA VAL B 445 7.37 -0.05 -24.09
C VAL B 445 6.59 0.00 -25.40
N ASP B 446 5.25 -0.04 -25.33
CA ASP B 446 4.35 -0.06 -26.52
C ASP B 446 4.50 1.24 -27.32
N ASN B 447 4.83 2.36 -26.66
CA ASN B 447 4.84 3.71 -27.29
C ASN B 447 6.26 4.28 -27.35
N GLY B 448 7.28 3.44 -27.16
CA GLY B 448 8.69 3.77 -27.47
C GLY B 448 9.38 4.60 -26.40
N TYR B 449 8.89 4.59 -25.16
CA TYR B 449 9.57 5.25 -24.01
C TYR B 449 10.46 4.23 -23.30
N ASN B 450 11.75 4.53 -23.11
CA ASN B 450 12.70 3.59 -22.45
C ASN B 450 13.25 4.21 -21.16
N SER B 451 12.84 5.43 -20.81
CA SER B 451 13.23 6.08 -19.53
C SER B 451 12.02 6.80 -18.94
N VAL B 452 11.96 6.85 -17.61
CA VAL B 452 10.86 7.51 -16.86
C VAL B 452 11.47 8.39 -15.77
N LYS B 453 11.00 9.63 -15.70
CA LYS B 453 11.15 10.53 -14.55
C LYS B 453 9.93 10.33 -13.66
N SER B 454 10.11 9.77 -12.46
CA SER B 454 9.02 9.60 -11.47
C SER B 454 9.13 10.72 -10.42
N GLY B 455 8.10 10.89 -9.61
CA GLY B 455 8.03 11.92 -8.57
C GLY B 455 7.08 11.51 -7.46
N TYR B 456 7.29 12.05 -6.25
CA TYR B 456 6.53 11.71 -5.03
C TYR B 456 6.25 13.00 -4.24
N VAL B 457 5.60 13.97 -4.89
CA VAL B 457 5.31 15.29 -4.27
C VAL B 457 4.05 15.19 -3.39
N GLY B 458 4.20 15.49 -2.10
CA GLY B 458 3.11 15.49 -1.10
C GLY B 458 3.40 14.47 -0.02
N ASN B 459 2.59 14.46 1.03
CA ASN B 459 2.69 13.46 2.13
C ASN B 459 2.33 12.09 1.57
N ILE B 460 3.06 11.04 1.98
CA ILE B 460 2.89 9.67 1.43
C ILE B 460 1.47 9.17 1.73
N ILE B 461 0.90 8.47 0.75
CA ILE B 461 -0.28 7.57 0.88
C ILE B 461 0.25 6.19 0.52
N PRO B 462 0.24 5.16 1.41
CA PRO B 462 -0.54 5.15 2.66
C PRO B 462 -0.14 6.17 3.73
N ARG B 463 -1.16 6.75 4.36
CA ARG B 463 -1.05 7.94 5.25
C ARG B 463 -0.51 7.49 6.61
N GLY B 464 0.51 8.20 7.10
CA GLY B 464 1.26 7.84 8.32
C GLY B 464 2.68 7.45 7.99
N GLU B 465 2.93 7.00 6.75
CA GLU B 465 4.31 6.66 6.29
C GLU B 465 5.06 7.93 5.86
N HIS B 466 6.38 7.87 5.95
CA HIS B 466 7.30 8.96 5.52
C HIS B 466 8.01 8.54 4.22
N HIS B 467 8.58 9.51 3.50
CA HIS B 467 9.26 9.25 2.21
C HIS B 467 10.41 8.25 2.40
N TYR B 468 11.09 8.24 3.56
CA TYR B 468 12.38 7.51 3.71
C TYR B 468 12.28 6.31 4.65
N GLY B 469 11.07 5.90 5.04
CA GLY B 469 10.88 4.70 5.87
C GLY B 469 11.14 3.42 5.09
N GLN B 470 11.24 2.29 5.81
CA GLN B 470 11.43 0.95 5.23
C GLN B 470 10.36 0.67 4.17
N TRP B 471 9.11 1.08 4.43
CA TRP B 471 7.97 0.81 3.54
C TRP B 471 8.22 1.43 2.16
N MET B 472 8.54 2.72 2.12
CA MET B 472 8.79 3.46 0.86
C MET B 472 10.12 3.03 0.22
N ASN B 473 11.14 2.70 1.02
CA ASN B 473 12.43 2.23 0.46
C ASN B 473 12.15 0.96 -0.37
N ASN B 474 11.29 0.08 0.14
CA ASN B 474 10.82 -1.12 -0.59
C ASN B 474 10.17 -0.66 -1.91
N HIS B 475 9.20 0.26 -1.85
CA HIS B 475 8.50 0.78 -3.05
C HIS B 475 9.50 1.26 -4.11
N TYR B 476 10.45 2.15 -3.75
CA TYR B 476 11.33 2.78 -4.77
C TYR B 476 12.13 1.69 -5.48
N LEU B 477 12.62 0.69 -4.74
CA LEU B 477 13.47 -0.38 -5.31
C LEU B 477 12.60 -1.36 -6.10
N TYR B 478 11.37 -1.62 -5.64
CA TYR B 478 10.37 -2.42 -6.40
C TYR B 478 10.17 -1.80 -7.79
N ALA B 479 10.00 -0.48 -7.85
CA ALA B 479 9.79 0.27 -9.11
C ALA B 479 11.02 0.13 -10.02
N VAL B 480 12.22 0.14 -9.45
CA VAL B 480 13.50 0.02 -10.21
C VAL B 480 13.65 -1.43 -10.73
N LYS B 481 13.42 -2.41 -9.86
CA LYS B 481 13.55 -3.85 -10.21
C LYS B 481 12.55 -4.19 -11.32
N LYS B 482 11.30 -3.74 -11.19
CA LYS B 482 10.27 -4.00 -12.23
C LYS B 482 10.69 -3.31 -13.53
N ALA B 483 11.13 -2.04 -13.47
CA ALA B 483 11.60 -1.29 -14.65
C ALA B 483 12.70 -2.08 -15.38
N ALA B 484 13.62 -2.68 -14.63
CA ALA B 484 14.73 -3.47 -15.20
C ALA B 484 14.18 -4.61 -16.06
N ASP B 485 13.09 -5.27 -15.63
CA ASP B 485 12.45 -6.38 -16.39
C ASP B 485 11.86 -5.86 -17.71
N TYR B 486 11.46 -4.59 -17.78
CA TYR B 486 10.92 -3.93 -19.00
C TYR B 486 12.02 -3.22 -19.81
N LYS B 487 13.28 -3.30 -19.37
CA LYS B 487 14.44 -2.58 -19.98
C LYS B 487 14.16 -1.08 -19.95
N ILE B 488 13.74 -0.57 -18.78
CA ILE B 488 13.43 0.86 -18.55
C ILE B 488 14.42 1.43 -17.54
N MET B 489 14.94 2.62 -17.82
CA MET B 489 15.79 3.41 -16.90
C MET B 489 14.91 4.36 -16.07
N VAL B 490 15.24 4.52 -14.80
CA VAL B 490 14.43 5.27 -13.80
C VAL B 490 15.23 6.48 -13.27
N ASN B 491 14.55 7.63 -13.21
CA ASN B 491 15.00 8.88 -12.56
C ASN B 491 13.92 9.29 -11.56
N ALA B 492 14.10 9.02 -10.27
CA ALA B 492 13.05 9.19 -9.24
C ALA B 492 13.30 10.45 -8.40
N HIS B 493 12.49 11.49 -8.61
CA HIS B 493 12.46 12.71 -7.75
C HIS B 493 11.74 12.38 -6.44
N GLU B 494 12.17 13.04 -5.36
CA GLU B 494 11.63 12.97 -3.97
C GLU B 494 11.84 11.59 -3.32
N ALA B 495 12.53 10.66 -3.96
CA ALA B 495 12.85 9.34 -3.38
C ALA B 495 13.96 9.50 -2.33
N THR B 496 14.15 8.45 -1.53
CA THR B 496 15.30 8.35 -0.58
C THR B 496 16.60 8.61 -1.34
N ARG B 497 17.48 9.42 -0.76
CA ARG B 497 18.78 9.79 -1.37
C ARG B 497 19.63 8.53 -1.54
N PRO B 498 20.39 8.45 -2.64
CA PRO B 498 21.09 7.22 -3.01
C PRO B 498 22.26 6.83 -2.10
N THR B 499 22.54 5.53 -2.09
CA THR B 499 23.50 4.84 -1.20
C THR B 499 24.31 3.80 -1.99
N GLY B 500 24.44 3.99 -3.31
CA GLY B 500 25.29 3.17 -4.20
C GLY B 500 24.59 1.97 -4.81
N ILE B 501 23.27 1.90 -4.71
CA ILE B 501 22.48 0.72 -5.21
C ILE B 501 22.55 0.68 -6.75
N CYS B 502 22.88 1.81 -7.40
CA CYS B 502 23.12 1.86 -8.87
C CYS B 502 24.15 0.80 -9.29
N ARG B 503 25.10 0.43 -8.42
CA ARG B 503 26.05 -0.66 -8.78
C ARG B 503 25.26 -1.93 -9.06
N THR B 504 24.32 -2.25 -8.17
CA THR B 504 23.50 -3.49 -8.22
C THR B 504 22.45 -3.37 -9.32
N TYR B 505 21.78 -2.23 -9.42
CA TYR B 505 20.71 -1.94 -10.43
C TYR B 505 21.07 -0.68 -11.20
N PRO B 506 21.96 -0.79 -12.20
CA PRO B 506 22.43 0.38 -12.95
C PRO B 506 21.37 1.03 -13.86
N ASN B 507 20.13 0.55 -13.86
CA ASN B 507 19.03 1.24 -14.57
C ASN B 507 18.52 2.42 -13.72
N LEU B 508 18.95 2.53 -12.46
CA LEU B 508 18.69 3.75 -11.63
C LEU B 508 19.72 4.81 -12.01
N ILE B 509 19.42 5.57 -13.05
CA ILE B 509 20.35 6.55 -13.67
C ILE B 509 20.20 7.91 -12.98
N GLY B 510 19.21 8.07 -12.11
CA GLY B 510 19.00 9.39 -11.47
C GLY B 510 18.12 9.36 -10.25
N ASN B 511 18.39 10.29 -9.34
CA ASN B 511 17.42 10.83 -8.36
C ASN B 511 17.59 12.34 -8.33
N GLU B 512 16.63 13.07 -7.78
CA GLU B 512 16.85 14.46 -7.31
C GLU B 512 17.31 14.33 -5.85
N SER B 513 16.38 14.21 -4.92
CA SER B 513 16.64 13.77 -3.53
C SER B 513 17.62 14.74 -2.86
N ALA B 514 17.47 16.01 -3.21
CA ALA B 514 18.25 17.17 -2.75
C ALA B 514 17.65 18.42 -3.40
N ARG B 515 18.11 19.59 -3.02
CA ARG B 515 17.63 20.88 -3.57
C ARG B 515 18.25 21.08 -4.97
N GLY B 516 17.42 21.10 -6.00
CA GLY B 516 17.87 21.16 -7.41
C GLY B 516 17.71 22.54 -8.02
N THR B 517 17.97 22.66 -9.32
CA THR B 517 17.83 23.93 -10.10
C THR B 517 16.40 24.47 -9.98
N GLU B 518 15.39 23.61 -9.82
CA GLU B 518 13.97 24.08 -9.70
C GLU B 518 13.87 25.16 -8.63
N TYR B 519 14.61 25.07 -7.52
CA TYR B 519 14.52 26.04 -6.40
C TYR B 519 15.13 27.38 -6.79
N GLU B 520 15.92 27.45 -7.87
CA GLU B 520 16.40 28.73 -8.43
C GLU B 520 15.21 29.53 -8.99
N SER B 521 14.07 28.87 -9.23
CA SER B 521 12.79 29.50 -9.67
C SER B 521 11.92 29.85 -8.45
N PHE B 522 12.19 29.24 -7.29
CA PHE B 522 11.39 29.38 -6.04
C PHE B 522 12.13 30.27 -5.02
N GLY B 523 12.98 31.20 -5.48
CA GLY B 523 13.66 32.18 -4.62
C GLY B 523 15.18 32.11 -4.72
N GLY B 524 15.73 30.97 -5.16
CA GLY B 524 17.17 30.79 -5.38
C GLY B 524 17.78 29.72 -4.48
N ASN B 525 18.89 29.14 -4.93
CA ASN B 525 19.78 28.28 -4.11
C ASN B 525 20.94 29.15 -3.62
N LYS B 526 21.54 28.82 -2.49
CA LYS B 526 22.74 29.54 -1.99
C LYS B 526 23.80 29.48 -3.09
N VAL B 527 24.57 30.56 -3.22
CA VAL B 527 25.61 30.68 -4.28
C VAL B 527 26.56 29.48 -4.20
N TYR B 528 26.87 29.01 -2.99
CA TYR B 528 27.87 27.93 -2.73
C TYR B 528 27.27 26.53 -2.90
N HIS B 529 25.99 26.40 -3.28
CA HIS B 529 25.25 25.11 -3.25
C HIS B 529 26.02 24.02 -4.01
N THR B 530 26.45 24.29 -5.24
CA THR B 530 27.08 23.27 -6.13
C THR B 530 28.54 23.02 -5.73
N THR B 531 29.10 23.78 -4.78
CA THR B 531 30.43 23.49 -4.17
C THR B 531 30.27 22.58 -2.95
N ILE B 532 29.04 22.23 -2.54
CA ILE B 532 28.77 21.33 -1.38
C ILE B 532 28.15 20.00 -1.86
N LEU B 533 27.21 20.02 -2.80
CA LEU B 533 26.47 18.81 -3.24
C LEU B 533 27.43 17.66 -3.57
N PRO B 534 28.56 17.86 -4.28
CA PRO B 534 29.46 16.75 -4.61
C PRO B 534 30.10 16.05 -3.38
N PHE B 535 30.26 16.77 -2.27
CA PHE B 535 30.77 16.27 -0.97
C PHE B 535 29.68 15.59 -0.14
N THR B 536 28.41 15.77 -0.50
CA THR B 536 27.26 15.31 0.33
C THR B 536 26.34 14.44 -0.54
N ARG B 537 25.42 15.08 -1.25
CA ARG B 537 24.37 14.39 -2.04
C ARG B 537 24.99 13.39 -3.02
N LEU B 538 26.08 13.74 -3.72
CA LEU B 538 26.57 12.89 -4.84
C LEU B 538 27.26 11.62 -4.30
N VAL B 539 27.59 11.56 -3.01
CA VAL B 539 28.12 10.32 -2.39
C VAL B 539 26.97 9.31 -2.31
N GLY B 540 26.99 8.27 -3.16
CA GLY B 540 25.93 7.24 -3.24
C GLY B 540 25.24 7.20 -4.59
N GLY B 541 25.35 8.26 -5.39
CA GLY B 541 24.86 8.21 -6.78
C GLY B 541 24.62 9.59 -7.38
N PRO B 542 24.40 9.64 -8.71
CA PRO B 542 24.26 10.91 -9.42
C PRO B 542 22.95 11.64 -9.10
N MET B 543 22.94 12.94 -9.40
CA MET B 543 21.75 13.80 -9.20
C MET B 543 21.30 14.35 -10.55
N ASP B 544 19.99 14.31 -10.79
CA ASP B 544 19.32 15.04 -11.89
C ASP B 544 19.15 16.49 -11.41
N TYR B 545 20.20 17.30 -11.53
CA TYR B 545 20.27 18.69 -10.98
C TYR B 545 19.58 19.67 -11.94
N THR B 546 19.39 19.26 -13.20
CA THR B 546 18.82 20.03 -14.35
C THR B 546 19.51 21.38 -14.49
N PRO B 547 20.84 21.39 -14.78
CA PRO B 547 21.56 22.64 -15.01
C PRO B 547 21.27 23.24 -16.40
N GLY B 548 21.95 24.33 -16.74
CA GLY B 548 21.96 24.93 -18.09
C GLY B 548 20.96 26.06 -18.25
N ILE B 549 20.68 26.82 -17.19
CA ILE B 549 19.82 28.04 -17.28
C ILE B 549 20.70 29.20 -17.75
N PHE B 550 20.40 29.76 -18.92
CA PHE B 550 21.13 30.91 -19.52
C PHE B 550 20.41 32.22 -19.19
N GLU B 551 19.08 32.21 -19.23
CA GLU B 551 18.23 33.36 -18.85
C GLU B 551 17.94 33.23 -17.36
N THR B 552 18.81 33.78 -16.52
CA THR B 552 18.85 33.54 -15.05
C THR B 552 17.77 34.38 -14.33
N HIS B 553 17.19 35.37 -15.01
CA HIS B 553 16.03 36.15 -14.47
C HIS B 553 14.75 35.42 -14.86
N CYS B 554 14.07 34.81 -13.88
CA CYS B 554 12.82 34.03 -14.09
C CYS B 554 11.68 34.96 -14.55
N ASN B 555 11.79 36.27 -14.33
CA ASN B 555 10.73 37.25 -14.74
C ASN B 555 10.67 37.37 -16.27
N GLN B 556 11.67 36.86 -17.00
CA GLN B 556 11.68 36.80 -18.49
C GLN B 556 10.83 35.62 -18.98
N MET B 557 10.62 34.60 -18.15
CA MET B 557 9.69 33.47 -18.41
C MET B 557 8.28 33.86 -17.94
N ASN B 558 8.20 34.45 -16.76
CA ASN B 558 6.93 34.76 -16.05
C ASN B 558 7.10 36.08 -15.31
N PRO B 559 6.46 37.18 -15.77
CA PRO B 559 6.61 38.49 -15.14
C PRO B 559 6.33 38.54 -13.63
N ALA B 560 5.50 37.61 -13.13
CA ALA B 560 5.08 37.53 -11.72
C ALA B 560 6.17 36.84 -10.87
N ASN B 561 7.18 36.24 -11.51
CA ASN B 561 8.27 35.47 -10.84
C ASN B 561 9.55 36.32 -10.81
N ASN B 562 9.97 36.78 -9.64
CA ASN B 562 11.14 37.68 -9.47
C ASN B 562 12.33 36.88 -8.89
N SER B 563 12.28 35.55 -8.98
CA SER B 563 13.41 34.66 -8.58
C SER B 563 14.54 34.81 -9.59
N GLN B 564 15.79 34.76 -9.11
CA GLN B 564 17.02 34.85 -9.94
C GLN B 564 17.92 33.65 -9.61
N VAL B 565 18.37 32.94 -10.65
CA VAL B 565 19.35 31.81 -10.54
C VAL B 565 20.67 32.40 -10.02
N ARG B 566 21.22 31.82 -8.94
CA ARG B 566 22.44 32.34 -8.30
C ARG B 566 23.66 31.74 -9.01
N SER B 567 23.87 32.16 -10.25
CA SER B 567 24.88 31.60 -11.19
C SER B 567 25.20 32.60 -12.30
N THR B 568 26.42 32.54 -12.82
CA THR B 568 26.80 33.06 -14.16
C THR B 568 26.53 31.96 -15.19
N ILE B 569 26.50 32.32 -16.47
CA ILE B 569 26.33 31.35 -17.60
C ILE B 569 27.52 30.37 -17.58
N ALA B 570 28.75 30.87 -17.42
CA ALA B 570 29.96 30.03 -17.43
C ALA B 570 29.83 28.95 -16.34
N ARG B 571 29.31 29.29 -15.16
CA ARG B 571 29.19 28.30 -14.05
C ARG B 571 28.13 27.26 -14.41
N GLN B 572 27.06 27.63 -15.12
CA GLN B 572 26.04 26.65 -15.59
C GLN B 572 26.72 25.63 -16.51
N LEU B 573 27.63 26.05 -17.39
CA LEU B 573 28.38 25.13 -18.28
C LEU B 573 29.24 24.20 -17.42
N ALA B 574 29.87 24.74 -16.37
CA ALA B 574 30.80 24.00 -15.47
C ALA B 574 30.08 22.80 -14.84
N LEU B 575 28.78 22.91 -14.55
CA LEU B 575 28.02 21.90 -13.78
C LEU B 575 27.94 20.59 -14.56
N TYR B 576 28.08 20.61 -15.89
CA TYR B 576 28.06 19.38 -16.73
C TYR B 576 29.29 18.52 -16.40
N VAL B 577 30.32 19.10 -15.79
CA VAL B 577 31.51 18.34 -15.30
C VAL B 577 31.51 18.23 -13.78
N THR B 578 31.10 19.27 -13.04
CA THR B 578 31.25 19.32 -11.56
C THR B 578 30.04 18.69 -10.85
N MET B 579 28.90 18.52 -11.53
CA MET B 579 27.75 17.74 -10.99
C MET B 579 27.65 16.45 -11.83
N TYR B 580 28.40 15.42 -11.44
CA TYR B 580 28.49 14.15 -12.19
C TYR B 580 27.09 13.53 -12.30
N SER B 581 26.71 13.12 -13.51
CA SER B 581 25.49 12.31 -13.76
C SER B 581 25.53 11.71 -15.16
N PRO B 582 25.08 10.45 -15.34
CA PRO B 582 24.88 9.88 -16.67
C PRO B 582 23.61 10.45 -17.33
N LEU B 583 22.84 11.22 -16.55
CA LEU B 583 21.57 11.85 -16.96
C LEU B 583 21.74 13.37 -16.80
N GLN B 584 21.81 14.12 -17.90
CA GLN B 584 22.10 15.57 -17.88
C GLN B 584 21.02 16.31 -18.68
N MET B 585 20.27 17.19 -18.03
CA MET B 585 19.31 18.08 -18.70
C MET B 585 20.01 19.38 -19.09
N ALA B 586 19.66 19.93 -20.25
CA ALA B 586 19.77 21.36 -20.59
C ALA B 586 18.38 21.96 -20.34
N ALA B 587 18.19 22.61 -19.19
CA ALA B 587 16.87 22.85 -18.56
C ALA B 587 16.16 24.07 -19.17
N ASP B 588 16.87 24.94 -19.87
CA ASP B 588 16.28 26.21 -20.39
C ASP B 588 15.42 25.89 -21.62
N ILE B 589 14.66 26.87 -22.08
CA ILE B 589 13.80 26.73 -23.30
C ILE B 589 14.69 26.95 -24.53
N PRO B 590 14.40 26.25 -25.65
CA PRO B 590 15.20 26.37 -26.86
C PRO B 590 15.45 27.81 -27.35
N GLU B 591 14.44 28.69 -27.27
CA GLU B 591 14.59 30.08 -27.76
C GLU B 591 15.65 30.83 -26.92
N ASN B 592 15.85 30.44 -25.65
CA ASN B 592 16.88 31.09 -24.78
C ASN B 592 18.28 30.58 -25.18
N TYR B 593 18.41 29.30 -25.49
CA TYR B 593 19.68 28.72 -26.02
C TYR B 593 20.02 29.36 -27.37
N GLU B 594 19.01 29.64 -28.20
CA GLU B 594 19.22 30.19 -29.57
C GLU B 594 19.88 31.57 -29.49
N ARG B 595 19.76 32.26 -28.36
CA ARG B 595 20.34 33.62 -28.16
C ARG B 595 21.81 33.51 -27.73
N PHE B 596 22.27 32.36 -27.24
CA PHE B 596 23.65 32.16 -26.75
C PHE B 596 24.25 30.84 -27.27
N MET B 597 24.16 30.60 -28.58
CA MET B 597 24.50 29.27 -29.17
C MET B 597 26.02 29.03 -29.08
N ASP B 598 26.82 30.10 -29.02
CA ASP B 598 28.30 29.98 -28.86
C ASP B 598 28.58 29.30 -27.51
N ALA B 599 27.92 29.72 -26.43
CA ALA B 599 28.02 29.12 -25.08
C ALA B 599 27.38 27.73 -25.08
N PHE B 600 26.25 27.56 -25.77
CA PHE B 600 25.49 26.29 -25.84
C PHE B 600 26.35 25.16 -26.40
N GLN B 601 27.37 25.50 -27.20
CA GLN B 601 28.26 24.51 -27.85
C GLN B 601 28.90 23.60 -26.79
N PHE B 602 29.24 24.12 -25.60
CA PHE B 602 29.83 23.28 -24.53
C PHE B 602 28.83 22.20 -24.12
N ILE B 603 27.55 22.56 -23.97
CA ILE B 603 26.50 21.60 -23.54
C ILE B 603 26.36 20.53 -24.63
N LYS B 604 26.48 20.92 -25.90
CA LYS B 604 26.38 19.99 -27.05
C LYS B 604 27.56 19.01 -27.04
N ASP B 605 28.76 19.50 -26.73
CA ASP B 605 30.03 18.74 -26.87
C ASP B 605 30.23 17.80 -25.67
N VAL B 606 29.86 18.24 -24.47
CA VAL B 606 30.28 17.58 -23.20
C VAL B 606 29.77 16.13 -23.20
N ALA B 607 30.61 15.19 -22.76
CA ALA B 607 30.28 13.76 -22.62
C ALA B 607 29.46 13.56 -21.35
N LEU B 608 28.90 12.36 -21.18
CA LEU B 608 28.04 11.95 -20.04
C LEU B 608 28.69 10.82 -19.24
N ASP B 609 29.79 10.27 -19.75
CA ASP B 609 30.36 9.00 -19.27
C ASP B 609 31.88 9.04 -19.48
N TRP B 610 32.64 8.48 -18.55
CA TRP B 610 34.06 8.86 -18.35
C TRP B 610 34.94 7.62 -18.11
N ASP B 611 36.14 7.63 -18.70
CA ASP B 611 37.17 6.59 -18.48
C ASP B 611 38.05 6.96 -17.28
N LYS B 612 38.13 8.25 -16.94
CA LYS B 612 38.99 8.74 -15.84
C LYS B 612 38.45 10.09 -15.34
N THR B 613 38.53 10.31 -14.02
CA THR B 613 38.26 11.62 -13.37
C THR B 613 39.47 12.00 -12.52
N ILE B 614 39.88 13.27 -12.61
CA ILE B 614 40.90 13.89 -11.73
C ILE B 614 40.26 15.10 -11.03
N TYR B 615 40.24 15.07 -9.70
CA TYR B 615 39.79 16.20 -8.85
C TYR B 615 40.99 17.13 -8.66
N LEU B 616 40.97 18.26 -9.36
CA LEU B 616 42.14 19.18 -9.47
C LEU B 616 42.17 20.10 -8.25
N GLU B 617 41.02 20.66 -7.89
CA GLU B 617 40.85 21.58 -6.72
C GLU B 617 39.50 21.29 -6.07
N ALA B 618 39.45 21.25 -4.75
CA ALA B 618 38.18 21.05 -4.01
C ALA B 618 38.31 21.58 -2.58
N GLU B 619 37.40 22.49 -2.23
CA GLU B 619 37.16 22.93 -0.82
C GLU B 619 35.65 23.07 -0.66
N PRO B 620 35.00 22.28 0.23
CA PRO B 620 33.54 22.36 0.38
C PRO B 620 33.11 23.80 0.73
N GLY B 621 32.11 24.32 0.00
CA GLY B 621 31.54 25.65 0.23
C GLY B 621 32.28 26.76 -0.50
N GLU B 622 33.40 26.47 -1.17
CA GLU B 622 34.27 27.52 -1.78
C GLU B 622 34.46 27.28 -3.28
N TYR B 623 34.91 26.08 -3.68
CA TYR B 623 35.27 25.77 -5.09
C TYR B 623 35.47 24.28 -5.31
N ILE B 624 35.13 23.83 -6.52
CA ILE B 624 35.38 22.45 -7.03
C ILE B 624 35.80 22.57 -8.50
N THR B 625 36.94 21.96 -8.85
CA THR B 625 37.48 21.92 -10.23
C THR B 625 37.81 20.47 -10.56
N ILE B 626 37.23 19.95 -11.64
CA ILE B 626 37.31 18.52 -12.02
C ILE B 626 37.64 18.44 -13.50
N ALA B 627 38.54 17.52 -13.85
CA ALA B 627 38.88 17.12 -15.24
C ALA B 627 38.37 15.71 -15.45
N ARG B 628 37.70 15.44 -16.58
CA ARG B 628 37.21 14.08 -16.89
C ARG B 628 37.55 13.72 -18.34
N LYS B 629 37.95 12.47 -18.55
CA LYS B 629 38.31 11.92 -19.88
C LYS B 629 37.08 11.22 -20.46
N ALA B 630 36.55 11.72 -21.57
CA ALA B 630 35.33 11.20 -22.23
C ALA B 630 35.57 9.73 -22.62
N LYS B 631 34.66 8.84 -22.21
CA LYS B 631 34.82 7.37 -22.37
C LYS B 631 35.10 7.03 -23.84
N GLY B 632 36.12 6.19 -24.08
CA GLY B 632 36.52 5.69 -25.41
C GLY B 632 37.31 6.71 -26.22
N THR B 633 37.70 7.85 -25.63
CA THR B 633 38.37 8.97 -26.37
C THR B 633 39.59 9.47 -25.60
N ASP B 634 40.37 10.34 -26.25
CA ASP B 634 41.51 11.08 -25.65
C ASP B 634 41.06 12.50 -25.30
N ASP B 635 39.76 12.78 -25.35
CA ASP B 635 39.21 14.14 -25.09
C ASP B 635 38.94 14.30 -23.59
N TRP B 636 39.20 15.50 -23.07
CA TRP B 636 39.00 15.86 -21.65
C TRP B 636 38.03 17.04 -21.57
N TYR B 637 37.27 17.09 -20.47
CA TYR B 637 36.32 18.17 -20.16
C TYR B 637 36.61 18.62 -18.73
N ILE B 638 36.71 19.94 -18.53
CA ILE B 638 37.01 20.54 -17.21
C ILE B 638 35.85 21.46 -16.82
N GLY B 639 35.50 21.45 -15.55
CA GLY B 639 34.55 22.40 -14.96
C GLY B 639 35.08 22.91 -13.64
N CYS B 640 34.85 24.20 -13.37
CA CYS B 640 35.07 24.84 -12.05
C CYS B 640 33.78 25.55 -11.65
N THR B 641 33.30 25.27 -10.43
CA THR B 641 32.18 26.00 -9.77
C THR B 641 32.70 26.66 -8.51
N ALA B 642 32.36 27.93 -8.30
CA ALA B 642 32.89 28.78 -7.20
C ALA B 642 31.74 29.35 -6.37
N GLY B 643 32.03 29.64 -5.10
CA GLY B 643 31.09 30.23 -4.12
C GLY B 643 31.03 31.76 -4.22
N GLU B 644 30.73 32.40 -3.09
CA GLU B 644 30.35 33.83 -2.98
C GLU B 644 31.52 34.76 -3.35
N ASN B 645 32.76 34.31 -3.19
CA ASN B 645 33.97 35.15 -3.36
C ASN B 645 34.71 34.79 -4.64
N GLY B 646 34.14 33.94 -5.49
CA GLY B 646 34.79 33.45 -6.72
C GLY B 646 35.99 32.57 -6.39
N HIS B 647 36.94 32.46 -7.32
CA HIS B 647 38.10 31.55 -7.20
C HIS B 647 39.14 31.90 -8.25
N ASP B 648 40.42 31.65 -7.94
CA ASP B 648 41.55 31.75 -8.89
C ASP B 648 42.18 30.36 -9.06
N SER B 649 42.25 29.87 -10.29
CA SER B 649 42.85 28.56 -10.66
C SER B 649 44.16 28.81 -11.41
N GLN B 650 45.23 28.09 -11.04
CA GLN B 650 46.46 27.91 -11.86
C GLN B 650 46.43 26.48 -12.40
N LEU B 651 45.87 26.27 -13.59
CA LEU B 651 45.70 24.93 -14.19
C LEU B 651 47.02 24.47 -14.83
N THR B 652 47.39 23.21 -14.57
CA THR B 652 48.41 22.45 -15.31
C THR B 652 47.72 21.23 -15.94
N PHE B 653 48.36 20.60 -16.91
CA PHE B 653 47.73 19.61 -17.82
C PHE B 653 48.58 18.34 -17.93
N ASP B 654 49.18 17.91 -16.81
CA ASP B 654 50.05 16.72 -16.71
C ASP B 654 49.29 15.44 -17.08
N PHE B 655 47.95 15.48 -16.96
CA PHE B 655 47.04 14.32 -17.19
C PHE B 655 46.84 14.09 -18.69
N LEU B 656 47.15 15.07 -19.54
CA LEU B 656 47.10 14.91 -21.03
C LEU B 656 48.26 13.99 -21.46
N GLU B 657 48.13 13.40 -22.64
CA GLU B 657 49.09 12.40 -23.16
C GLU B 657 50.32 13.10 -23.73
N PRO B 658 51.55 12.70 -23.32
CA PRO B 658 52.77 13.25 -23.91
C PRO B 658 52.75 13.17 -25.44
N GLY B 659 53.13 14.26 -26.12
CA GLY B 659 53.27 14.34 -27.59
C GLY B 659 52.01 14.80 -28.29
N LYS B 660 50.82 14.56 -27.71
CA LYS B 660 49.52 14.85 -28.37
C LYS B 660 49.21 16.34 -28.24
N GLN B 661 48.59 16.90 -29.30
CA GLN B 661 48.11 18.30 -29.33
C GLN B 661 46.58 18.27 -29.29
N TYR B 662 45.98 19.29 -28.67
CA TYR B 662 44.52 19.36 -28.41
C TYR B 662 44.02 20.75 -28.79
N VAL B 663 42.77 20.83 -29.25
CA VAL B 663 42.05 22.13 -29.39
C VAL B 663 41.31 22.35 -28.06
N ALA B 664 41.75 23.34 -27.29
CA ALA B 664 41.11 23.75 -26.02
C ALA B 664 40.15 24.91 -26.33
N THR B 665 38.90 24.81 -25.87
CA THR B 665 37.93 25.92 -25.88
C THR B 665 37.58 26.25 -24.43
N VAL B 666 37.97 27.45 -23.99
CA VAL B 666 37.72 27.94 -22.60
C VAL B 666 36.46 28.81 -22.62
N TYR B 667 35.43 28.38 -21.89
CA TYR B 667 34.19 29.16 -21.62
C TYR B 667 34.35 29.74 -20.21
N ALA B 668 34.56 31.05 -20.10
CA ALA B 668 34.95 31.71 -18.83
C ALA B 668 34.04 32.91 -18.54
N ASP B 669 34.01 33.33 -17.28
CA ASP B 669 33.40 34.60 -16.84
C ASP B 669 34.19 35.77 -17.44
N ALA B 670 33.49 36.77 -17.97
CA ALA B 670 34.08 38.07 -18.37
C ALA B 670 34.62 38.77 -17.12
N LYS B 671 35.53 39.73 -17.30
CA LYS B 671 36.17 40.47 -16.18
C LYS B 671 35.12 41.04 -15.23
N ASP B 672 34.00 41.54 -15.77
CA ASP B 672 32.96 42.28 -15.01
C ASP B 672 31.75 41.37 -14.72
N ALA B 673 31.89 40.06 -14.87
CA ALA B 673 30.80 39.08 -14.62
C ALA B 673 30.54 38.99 -13.11
N ASP B 674 29.31 38.62 -12.74
CA ASP B 674 28.82 38.49 -11.35
C ASP B 674 27.45 37.81 -11.40
N TRP B 675 27.17 36.86 -10.50
CA TRP B 675 25.91 36.08 -10.54
C TRP B 675 24.70 37.03 -10.47
N LYS B 676 24.80 38.06 -9.64
CA LYS B 676 23.67 39.00 -9.33
C LYS B 676 23.60 40.10 -10.39
N ASP B 677 24.73 40.80 -10.63
CA ASP B 677 24.76 42.10 -11.36
C ASP B 677 25.05 41.92 -12.86
N ASN B 678 25.69 40.81 -13.27
CA ASN B 678 26.11 40.62 -14.68
C ASN B 678 26.35 39.14 -14.97
N PRO B 679 25.31 38.28 -14.86
CA PRO B 679 25.49 36.84 -14.98
C PRO B 679 25.74 36.31 -16.41
N GLN B 680 25.37 37.08 -17.44
CA GLN B 680 25.39 36.62 -18.85
C GLN B 680 26.67 37.08 -19.56
N ALA B 681 27.65 37.63 -18.83
CA ALA B 681 28.94 38.11 -19.38
C ALA B 681 29.94 36.95 -19.36
N TYR B 682 30.23 36.36 -20.52
CA TYR B 682 31.19 35.24 -20.69
C TYR B 682 32.12 35.54 -21.86
N THR B 683 33.26 34.85 -21.90
CA THR B 683 34.22 34.85 -23.03
C THR B 683 34.43 33.42 -23.49
N ILE B 684 34.74 33.24 -24.78
CA ILE B 684 35.10 31.92 -25.40
C ILE B 684 36.42 32.11 -26.14
N LYS B 685 37.44 31.33 -25.77
CA LYS B 685 38.80 31.40 -26.37
C LYS B 685 39.25 29.98 -26.76
N LYS B 686 39.58 29.81 -28.04
CA LYS B 686 40.07 28.55 -28.64
C LYS B 686 41.59 28.67 -28.85
N GLY B 687 42.32 27.60 -28.56
CA GLY B 687 43.78 27.56 -28.75
C GLY B 687 44.30 26.14 -28.73
N ILE B 688 45.57 25.96 -29.10
CA ILE B 688 46.26 24.64 -29.06
C ILE B 688 46.79 24.43 -27.62
N LEU B 689 46.50 23.27 -27.05
CA LEU B 689 46.90 22.90 -25.66
C LEU B 689 47.69 21.58 -25.72
N ASN B 690 48.61 21.38 -24.78
CA ASN B 690 49.34 20.10 -24.60
C ASN B 690 49.64 19.94 -23.11
N ASN B 691 50.34 18.86 -22.74
CA ASN B 691 50.56 18.48 -21.32
C ASN B 691 51.50 19.47 -20.62
N LYS B 692 52.18 20.37 -21.36
CA LYS B 692 53.07 21.41 -20.77
C LYS B 692 52.37 22.78 -20.76
N SER B 693 51.10 22.85 -21.16
CA SER B 693 50.32 24.12 -21.15
C SER B 693 50.04 24.56 -19.70
N LYS B 694 49.86 25.87 -19.50
CA LYS B 694 49.46 26.49 -18.21
C LYS B 694 48.33 27.49 -18.50
N LEU B 695 47.26 27.46 -17.70
CA LEU B 695 46.13 28.42 -17.80
C LEU B 695 45.81 28.95 -16.41
N ASN B 696 45.84 30.27 -16.25
CA ASN B 696 45.36 30.97 -15.03
C ASN B 696 43.96 31.52 -15.31
N LEU B 697 42.97 31.10 -14.53
CA LEU B 697 41.55 31.49 -14.75
C LEU B 697 40.95 32.02 -13.44
N HIS B 698 40.15 33.09 -13.56
CA HIS B 698 39.38 33.70 -12.45
C HIS B 698 37.89 33.34 -12.62
N ALA B 699 37.29 32.75 -11.59
CA ALA B 699 35.83 32.54 -11.49
C ALA B 699 35.21 33.75 -10.80
N ALA B 700 34.20 34.36 -11.40
CA ALA B 700 33.39 35.45 -10.79
C ALA B 700 32.71 34.92 -9.53
N ASN B 701 32.11 35.83 -8.76
CA ASN B 701 31.25 35.48 -7.60
C ASN B 701 30.04 34.70 -8.11
N GLY B 702 29.85 33.47 -7.63
CA GLY B 702 28.84 32.52 -8.15
C GLY B 702 29.12 32.18 -9.60
N GLY B 703 30.40 32.21 -9.98
CA GLY B 703 30.86 31.95 -11.35
C GLY B 703 31.67 30.67 -11.44
N GLY B 704 32.39 30.52 -12.54
CA GLY B 704 33.15 29.30 -12.86
C GLY B 704 33.65 29.34 -14.28
N TYR B 705 34.01 28.19 -14.83
CA TYR B 705 34.46 28.07 -16.23
C TYR B 705 34.32 26.62 -16.66
N ALA B 706 34.29 26.41 -17.97
CA ALA B 706 34.20 25.10 -18.63
C ALA B 706 35.24 25.07 -19.75
N ILE B 707 35.93 23.94 -19.91
CA ILE B 707 36.94 23.75 -20.98
C ILE B 707 36.68 22.42 -21.68
N SER B 708 36.54 22.44 -23.01
CA SER B 708 36.62 21.25 -23.88
C SER B 708 38.05 21.15 -24.41
N ILE B 709 38.65 19.96 -24.28
CA ILE B 709 40.05 19.68 -24.71
C ILE B 709 39.99 18.47 -25.64
N LYS B 710 39.94 18.75 -26.95
CA LYS B 710 39.69 17.73 -28.00
C LYS B 710 40.99 17.46 -28.74
N GLU B 711 41.39 16.19 -28.75
CA GLU B 711 42.64 15.74 -29.41
C GLU B 711 42.54 16.11 -30.89
N VAL B 712 43.59 16.69 -31.46
CA VAL B 712 43.56 17.44 -32.75
C VAL B 712 43.18 16.49 -33.91
N LYS B 713 43.78 15.31 -33.99
CA LYS B 713 43.58 14.38 -35.14
C LYS B 713 42.11 13.94 -35.24
N ASN B 714 41.47 13.62 -34.09
CA ASN B 714 40.11 13.03 -34.04
C ASN B 714 39.05 14.08 -33.69
N LYS B 715 39.42 15.36 -33.65
CA LYS B 715 38.55 16.49 -33.18
C LYS B 715 37.25 16.52 -33.98
N SER B 716 36.13 16.76 -33.29
CA SER B 716 34.77 16.94 -33.87
C SER B 716 33.97 17.92 -32.99
#